data_9IZ4
#
_entry.id   9IZ4
#
_cell.length_a   79.115
_cell.length_b   156.494
_cell.length_c   172.971
_cell.angle_alpha   90.000
_cell.angle_beta   90.000
_cell.angle_gamma   90.000
#
_symmetry.space_group_name_H-M   'P 21 21 21'
#
loop_
_entity.id
_entity.type
_entity.pdbx_description
1 polymer 'Putative phosphonopyruvate decarboxylase alpha subunit'
2 polymer 'Putative phosphonopyruvate decarboxylase beta subunit'
3 non-polymer 'MAGNESIUM ION'
4 non-polymer 'THIAMINE DIPHOSPHATE'
5 non-polymer SULFOPYRUVATE
#
loop_
_entity_poly.entity_id
_entity_poly.type
_entity_poly.pdbx_seq_one_letter_code
_entity_poly.pdbx_strand_id
1 'polypeptide(L)'
;MGSSHHHHHHSQDPMNSTAERMLSTLTENNYTHFTGVPCSLLKGFFRLLESKEAIEKQNITFIPSIREDSALGVASGMYL
GGRKCVMLMQNSGLGYCLNVLTSFNFIYDIPILLLISWRGAYGNDAVEHDIIGEKLTDLLDSVDIPYKELDYENSEGTIL
DALFLIEKTNRPVAILIKDEI
;
A,C,E,G,I,K
2 'polypeptide(L)'
;MNKHDAIQLILGQFPSAYLVSTCGHISRDLYNINDRARNFYMVGSMGMAAPVGLGLSTVYPDVPLVVLDGDGSFLMNMGI
ITMIGHQKPKNFIHVVLDNGMHESTGGQRTVPLVNVTDIALQVGYEYAIEINSGQKSFDLPNEGPGLIHIKVEPRSEKIG
KRVHWTPQEIVQRFTNELTLENEVSV
;
B,D,F,H,J,L
#
# COMPACT_ATOMS: atom_id res chain seq x y z
N SER A 17 -37.08 -7.11 4.23
CA SER A 17 -36.55 -7.90 5.33
C SER A 17 -35.29 -7.28 5.90
N THR A 18 -34.19 -7.34 5.13
CA THR A 18 -32.93 -6.80 5.59
C THR A 18 -33.02 -5.30 5.87
N ALA A 19 -33.69 -4.57 4.98
CA ALA A 19 -33.89 -3.14 5.21
C ALA A 19 -34.72 -2.90 6.47
N GLU A 20 -35.76 -3.72 6.68
CA GLU A 20 -36.57 -3.59 7.88
C GLU A 20 -35.75 -3.83 9.14
N ARG A 21 -34.90 -4.86 9.13
CA ARG A 21 -34.10 -5.15 10.32
C ARG A 21 -33.06 -4.07 10.57
N MET A 22 -32.42 -3.56 9.51
CA MET A 22 -31.46 -2.48 9.67
C MET A 22 -32.14 -1.25 10.26
N LEU A 23 -33.30 -0.85 9.70
CA LEU A 23 -33.98 0.34 10.18
C LEU A 23 -34.49 0.15 11.60
N SER A 24 -34.97 -1.05 11.93
CA SER A 24 -35.43 -1.31 13.29
C SER A 24 -34.27 -1.21 14.28
N THR A 25 -33.13 -1.83 13.95
CA THR A 25 -31.99 -1.79 14.85
C THR A 25 -31.46 -0.36 15.00
N LEU A 26 -31.53 0.44 13.94
CA LEU A 26 -31.12 1.83 14.05
C LEU A 26 -32.09 2.64 14.90
N THR A 27 -33.40 2.38 14.76
CA THR A 27 -34.39 3.14 15.50
C THR A 27 -34.35 2.79 16.99
N GLU A 28 -34.12 1.52 17.32
CA GLU A 28 -34.03 1.13 18.72
C GLU A 28 -32.87 1.83 19.42
N ASN A 29 -31.77 2.06 18.70
CA ASN A 29 -30.58 2.68 19.27
C ASN A 29 -30.53 4.18 19.03
N ASN A 30 -31.69 4.82 18.90
CA ASN A 30 -31.82 6.28 18.88
C ASN A 30 -31.20 6.91 17.63
N TYR A 31 -31.27 6.23 16.49
CA TYR A 31 -30.93 6.82 15.20
C TYR A 31 -32.24 7.01 14.44
N THR A 32 -32.80 8.21 14.51
CA THR A 32 -34.13 8.49 13.98
C THR A 32 -34.12 9.47 12.82
N HIS A 33 -33.01 10.14 12.55
CA HIS A 33 -32.95 11.19 11.54
C HIS A 33 -32.15 10.73 10.34
N PHE A 34 -32.63 11.09 9.15
CA PHE A 34 -32.13 10.53 7.89
C PHE A 34 -32.08 11.60 6.81
N THR A 35 -30.97 11.65 6.09
CA THR A 35 -30.85 12.36 4.83
C THR A 35 -30.22 11.42 3.82
N GLY A 36 -30.54 11.59 2.55
CA GLY A 36 -29.99 10.68 1.56
C GLY A 36 -30.39 11.04 0.15
N VAL A 37 -29.63 10.48 -0.79
CA VAL A 37 -29.94 10.53 -2.21
C VAL A 37 -30.06 9.08 -2.69
N PRO A 38 -31.15 8.70 -3.36
CA PRO A 38 -31.46 7.27 -3.52
C PRO A 38 -30.50 6.56 -4.46
N CYS A 39 -30.59 5.23 -4.42
CA CYS A 39 -29.89 4.33 -5.32
C CYS A 39 -30.73 3.08 -5.50
N SER A 40 -30.45 2.34 -6.57
CA SER A 40 -31.27 1.17 -6.89
C SER A 40 -31.17 0.10 -5.81
N LEU A 41 -30.02 -0.03 -5.17
CA LEU A 41 -29.84 -1.09 -4.17
C LEU A 41 -30.49 -0.75 -2.83
N LEU A 42 -30.78 0.52 -2.57
CA LEU A 42 -31.33 0.97 -1.29
C LEU A 42 -32.82 1.29 -1.37
N LYS A 43 -33.56 0.60 -2.25
CA LYS A 43 -34.95 0.98 -2.50
C LYS A 43 -35.84 0.70 -1.29
N GLY A 44 -35.68 -0.46 -0.64
CA GLY A 44 -36.53 -0.79 0.49
C GLY A 44 -36.37 0.17 1.65
N PHE A 45 -35.13 0.62 1.88
CA PHE A 45 -34.88 1.60 2.93
C PHE A 45 -35.67 2.88 2.66
N PHE A 46 -35.63 3.37 1.42
CA PHE A 46 -36.38 4.58 1.08
C PHE A 46 -37.88 4.35 1.10
N ARG A 47 -38.32 3.12 0.79
CA ARG A 47 -39.73 2.79 0.98
C ARG A 47 -40.15 2.98 2.43
N LEU A 48 -39.38 2.41 3.36
CA LEU A 48 -39.70 2.55 4.77
C LEU A 48 -39.55 4.00 5.23
N LEU A 49 -38.66 4.78 4.60
CA LEU A 49 -38.49 6.18 4.98
C LEU A 49 -39.67 7.03 4.55
N GLU A 50 -40.08 6.89 3.28
CA GLU A 50 -41.19 7.67 2.75
C GLU A 50 -42.56 7.12 3.13
N SER A 51 -42.62 5.95 3.77
CA SER A 51 -43.89 5.40 4.22
C SER A 51 -44.46 6.27 5.34
N LYS A 52 -45.67 6.78 5.13
CA LYS A 52 -46.36 7.52 6.19
C LYS A 52 -46.59 6.65 7.42
N GLU A 53 -46.68 5.33 7.22
CA GLU A 53 -46.83 4.42 8.35
C GLU A 53 -45.64 4.49 9.28
N ALA A 54 -44.42 4.38 8.74
CA ALA A 54 -43.23 4.30 9.56
C ALA A 54 -42.84 5.62 10.20
N ILE A 55 -43.18 6.75 9.56
CA ILE A 55 -42.80 8.06 10.10
C ILE A 55 -43.46 8.28 11.46
N GLU A 56 -44.77 8.07 11.54
CA GLU A 56 -45.47 8.22 12.81
C GLU A 56 -45.22 7.03 13.75
N LYS A 57 -45.01 5.83 13.20
CA LYS A 57 -44.82 4.66 14.04
C LYS A 57 -43.42 4.60 14.65
N GLN A 58 -42.40 4.84 13.84
CA GLN A 58 -41.02 4.69 14.27
C GLN A 58 -40.34 6.01 14.60
N ASN A 59 -41.07 7.13 14.54
CA ASN A 59 -40.50 8.46 14.82
C ASN A 59 -39.30 8.73 13.93
N ILE A 60 -39.55 8.74 12.63
CA ILE A 60 -38.51 8.87 11.61
C ILE A 60 -38.59 10.26 11.02
N THR A 61 -37.49 11.02 11.11
CA THR A 61 -37.38 12.35 10.53
C THR A 61 -36.48 12.24 9.30
N PHE A 62 -37.10 12.18 8.12
CA PHE A 62 -36.36 12.05 6.87
C PHE A 62 -36.47 13.35 6.08
N ILE A 63 -35.33 13.84 5.59
CA ILE A 63 -35.27 15.08 4.83
C ILE A 63 -34.83 14.74 3.41
N PRO A 64 -35.67 15.00 2.40
CA PRO A 64 -35.21 14.83 1.02
C PRO A 64 -34.05 15.77 0.72
N SER A 65 -33.13 15.30 -0.13
CA SER A 65 -31.92 16.05 -0.43
C SER A 65 -31.64 16.04 -1.92
N ILE A 66 -31.17 17.18 -2.43
CA ILE A 66 -30.89 17.30 -3.85
C ILE A 66 -29.53 16.68 -4.18
N ARG A 67 -28.57 16.80 -3.28
CA ARG A 67 -27.20 16.36 -3.52
C ARG A 67 -26.66 15.72 -2.25
N GLU A 68 -25.68 14.82 -2.42
CA GLU A 68 -25.10 14.13 -1.26
C GLU A 68 -24.44 15.10 -0.29
N ASP A 69 -23.83 16.17 -0.81
CA ASP A 69 -23.15 17.11 0.08
C ASP A 69 -24.16 17.88 0.92
N SER A 70 -25.27 18.30 0.33
CA SER A 70 -26.31 18.96 1.10
C SER A 70 -26.94 18.01 2.11
N ALA A 71 -27.13 16.75 1.72
CA ALA A 71 -27.63 15.75 2.66
C ALA A 71 -26.71 15.61 3.86
N LEU A 72 -25.40 15.52 3.61
CA LEU A 72 -24.44 15.36 4.69
C LEU A 72 -24.39 16.61 5.56
N GLY A 73 -24.49 17.79 4.96
CA GLY A 73 -24.53 19.01 5.75
C GLY A 73 -25.74 19.10 6.65
N VAL A 74 -26.92 18.76 6.12
CA VAL A 74 -28.13 18.77 6.93
C VAL A 74 -28.05 17.72 8.03
N ALA A 75 -27.44 16.57 7.73
CA ALA A 75 -27.28 15.54 8.76
C ALA A 75 -26.36 16.01 9.87
N SER A 76 -25.26 16.69 9.52
CA SER A 76 -24.37 17.24 10.53
C SER A 76 -25.08 18.31 11.36
N GLY A 77 -25.87 19.16 10.70
CA GLY A 77 -26.64 20.15 11.43
C GLY A 77 -27.62 19.53 12.40
N MET A 78 -28.27 18.44 11.99
CA MET A 78 -29.19 17.75 12.89
C MET A 78 -28.44 17.07 14.03
N TYR A 79 -27.21 16.60 13.78
CA TYR A 79 -26.39 16.10 14.88
C TYR A 79 -26.09 17.21 15.88
N LEU A 80 -25.79 18.40 15.38
CA LEU A 80 -25.55 19.53 16.27
C LEU A 80 -26.76 19.88 17.12
N GLY A 81 -27.96 19.46 16.70
CA GLY A 81 -29.16 19.62 17.46
C GLY A 81 -29.40 18.57 18.53
N GLY A 82 -28.42 17.70 18.77
CA GLY A 82 -28.55 16.68 19.79
C GLY A 82 -29.21 15.40 19.34
N ARG A 83 -29.21 15.10 18.05
CA ARG A 83 -29.81 13.88 17.53
C ARG A 83 -28.77 13.09 16.74
N LYS A 84 -29.02 11.79 16.61
CA LYS A 84 -28.13 10.88 15.89
C LYS A 84 -28.73 10.59 14.52
N CYS A 85 -27.95 10.86 13.47
CA CYS A 85 -28.44 10.75 12.10
C CYS A 85 -27.55 9.82 11.29
N VAL A 86 -28.13 9.19 10.28
CA VAL A 86 -27.37 8.40 9.31
C VAL A 86 -27.70 8.94 7.91
N MET A 87 -26.83 8.63 6.96
CA MET A 87 -26.96 9.13 5.60
C MET A 87 -26.88 7.99 4.61
N LEU A 88 -27.82 7.96 3.67
CA LEU A 88 -27.85 6.99 2.58
C LEU A 88 -27.38 7.64 1.30
N MET A 89 -26.75 6.85 0.44
CA MET A 89 -26.14 7.41 -0.76
C MET A 89 -25.63 6.29 -1.66
N GLN A 90 -25.60 6.58 -2.96
CA GLN A 90 -24.86 5.75 -3.90
C GLN A 90 -23.38 6.06 -3.78
N ASN A 91 -22.56 5.04 -4.02
CA ASN A 91 -21.11 5.22 -3.88
C ASN A 91 -20.58 6.32 -4.79
N SER A 92 -21.20 6.52 -5.95
CA SER A 92 -20.80 7.62 -6.82
C SER A 92 -20.90 8.95 -6.10
N GLY A 93 -21.99 9.16 -5.36
CA GLY A 93 -22.16 10.38 -4.59
C GLY A 93 -21.05 10.64 -3.58
N LEU A 94 -20.25 9.63 -3.27
CA LEU A 94 -19.12 9.83 -2.39
C LEU A 94 -18.12 10.82 -3.00
N GLY A 95 -18.01 10.84 -4.32
CA GLY A 95 -17.18 11.82 -4.99
C GLY A 95 -17.75 13.23 -4.98
N TYR A 96 -18.93 13.42 -4.40
CA TYR A 96 -19.56 14.73 -4.30
C TYR A 96 -19.53 15.32 -2.90
N CYS A 97 -19.61 14.49 -1.86
CA CYS A 97 -19.60 14.96 -0.49
C CYS A 97 -18.30 14.67 0.24
N LEU A 98 -17.32 14.04 -0.43
CA LEU A 98 -16.07 13.67 0.21
C LEU A 98 -15.44 14.86 0.92
N ASN A 99 -15.39 16.01 0.25
CA ASN A 99 -14.81 17.21 0.85
C ASN A 99 -15.40 17.50 2.22
N VAL A 100 -16.74 17.42 2.32
CA VAL A 100 -17.40 17.60 3.61
C VAL A 100 -16.76 16.72 4.66
N LEU A 101 -16.73 15.41 4.40
CA LEU A 101 -16.13 14.46 5.34
C LEU A 101 -14.70 14.83 5.66
N THR A 102 -13.95 15.33 4.67
CA THR A 102 -12.54 15.64 4.89
C THR A 102 -12.33 17.05 5.43
N SER A 103 -13.35 17.90 5.42
CA SER A 103 -13.18 19.26 5.88
C SER A 103 -14.16 19.66 6.99
N PHE A 104 -15.03 18.76 7.41
CA PHE A 104 -16.01 19.10 8.43
C PHE A 104 -16.18 17.98 9.45
N ASN A 105 -16.72 16.84 9.03
CA ASN A 105 -17.08 15.79 9.98
C ASN A 105 -15.87 15.23 10.70
N PHE A 106 -14.78 14.96 9.97
CA PHE A 106 -13.59 14.45 10.61
C PHE A 106 -12.72 15.54 11.23
N ILE A 107 -12.95 16.79 10.89
CA ILE A 107 -12.24 17.90 11.53
C ILE A 107 -12.93 18.33 12.82
N TYR A 108 -14.26 18.46 12.78
CA TYR A 108 -15.04 18.85 13.94
C TYR A 108 -15.44 17.66 14.81
N ASP A 109 -15.17 16.44 14.38
CA ASP A 109 -15.59 15.22 15.09
C ASP A 109 -17.11 15.15 15.21
N ILE A 110 -17.78 15.27 14.07
CA ILE A 110 -19.24 15.18 13.97
C ILE A 110 -19.58 13.85 13.31
N PRO A 111 -20.08 12.86 14.04
CA PRO A 111 -20.29 11.52 13.47
C PRO A 111 -21.64 11.36 12.78
N ILE A 112 -21.59 10.69 11.62
CA ILE A 112 -22.78 10.37 10.84
C ILE A 112 -22.57 8.98 10.25
N LEU A 113 -23.45 8.03 10.60
CA LEU A 113 -23.36 6.70 10.02
C LEU A 113 -23.70 6.76 8.53
N LEU A 114 -22.83 6.18 7.71
CA LEU A 114 -22.97 6.25 6.26
C LEU A 114 -23.41 4.90 5.71
N LEU A 115 -24.56 4.87 5.04
CA LEU A 115 -25.04 3.67 4.37
C LEU A 115 -24.82 3.88 2.87
N ILE A 116 -23.68 3.38 2.39
CA ILE A 116 -23.26 3.59 1.01
C ILE A 116 -23.65 2.38 0.17
N SER A 117 -24.25 2.63 -0.98
CA SER A 117 -24.61 1.58 -1.93
C SER A 117 -23.39 1.31 -2.82
N TRP A 118 -22.80 0.12 -2.67
CA TRP A 118 -21.58 -0.24 -3.38
C TRP A 118 -21.94 -0.74 -4.78
N ARG A 119 -22.12 0.21 -5.69
CA ARG A 119 -22.34 -0.11 -7.09
C ARG A 119 -21.02 -0.49 -7.74
N GLY A 120 -21.08 -1.44 -8.66
CA GLY A 120 -19.88 -1.89 -9.35
C GLY A 120 -18.95 -2.73 -8.51
N ALA A 121 -19.39 -3.23 -7.36
CA ALA A 121 -18.53 -3.99 -6.48
C ALA A 121 -17.98 -5.26 -7.12
N TYR A 122 -18.66 -5.79 -8.13
CA TYR A 122 -18.25 -7.04 -8.77
C TYR A 122 -17.70 -6.83 -10.18
N GLY A 123 -17.64 -5.59 -10.68
CA GLY A 123 -17.10 -5.32 -11.99
C GLY A 123 -18.02 -5.60 -13.15
N ASN A 124 -19.16 -6.23 -12.92
CA ASN A 124 -20.13 -6.52 -13.97
C ASN A 124 -21.26 -5.49 -14.04
N ASP A 125 -21.20 -4.45 -13.23
CA ASP A 125 -22.26 -3.45 -13.19
C ASP A 125 -22.16 -2.56 -14.43
N ALA A 126 -22.97 -1.51 -14.48
CA ALA A 126 -22.93 -0.57 -15.58
C ALA A 126 -21.57 0.12 -15.65
N VAL A 127 -21.28 0.69 -16.82
CA VAL A 127 -19.95 1.25 -17.08
C VAL A 127 -19.66 2.41 -16.14
N GLU A 128 -20.69 3.14 -15.71
CA GLU A 128 -20.47 4.34 -14.89
C GLU A 128 -19.94 4.01 -13.50
N HIS A 129 -20.06 2.76 -13.06
CA HIS A 129 -19.64 2.36 -11.72
C HIS A 129 -18.31 1.62 -11.71
N ASP A 130 -17.61 1.55 -12.85
CA ASP A 130 -16.42 0.71 -12.93
C ASP A 130 -15.32 1.20 -12.00
N ILE A 131 -14.95 2.47 -12.09
CA ILE A 131 -13.85 3.00 -11.29
C ILE A 131 -14.18 2.91 -9.80
N ILE A 132 -15.33 3.46 -9.40
CA ILE A 132 -15.69 3.50 -7.99
C ILE A 132 -15.93 2.09 -7.45
N GLY A 133 -16.36 1.16 -8.30
CA GLY A 133 -16.67 -0.17 -7.83
C GLY A 133 -15.46 -0.91 -7.31
N GLU A 134 -14.37 -0.90 -8.07
CA GLU A 134 -13.16 -1.60 -7.66
C GLU A 134 -12.28 -0.78 -6.73
N LYS A 135 -12.54 0.53 -6.59
CA LYS A 135 -11.67 1.39 -5.82
C LYS A 135 -12.35 2.04 -4.61
N LEU A 136 -13.55 1.58 -4.24
CA LEU A 136 -14.26 2.19 -3.11
C LEU A 136 -13.49 1.99 -1.82
N THR A 137 -13.12 0.74 -1.52
CA THR A 137 -12.38 0.46 -0.29
C THR A 137 -11.02 1.14 -0.29
N ASP A 138 -10.36 1.20 -1.44
CA ASP A 138 -9.08 1.87 -1.52
C ASP A 138 -9.21 3.37 -1.27
N LEU A 139 -10.28 3.98 -1.79
CA LEU A 139 -10.53 5.40 -1.53
C LEU A 139 -10.76 5.63 -0.04
N LEU A 140 -11.65 4.85 0.56
CA LEU A 140 -11.94 5.02 1.98
C LEU A 140 -10.69 4.82 2.83
N ASP A 141 -9.87 3.82 2.48
CA ASP A 141 -8.67 3.55 3.27
C ASP A 141 -7.63 4.65 3.10
N SER A 142 -7.44 5.14 1.87
CA SER A 142 -6.48 6.20 1.63
C SER A 142 -6.88 7.48 2.35
N VAL A 143 -8.18 7.75 2.43
CA VAL A 143 -8.67 8.96 3.08
C VAL A 143 -9.09 8.69 4.53
N ASP A 144 -8.80 7.50 5.05
CA ASP A 144 -8.97 7.16 6.47
C ASP A 144 -10.42 7.23 6.92
N ILE A 145 -11.36 6.90 6.05
CA ILE A 145 -12.76 6.72 6.42
C ILE A 145 -12.94 5.25 6.81
N PRO A 146 -13.31 4.95 8.04
CA PRO A 146 -13.51 3.56 8.43
C PRO A 146 -14.86 3.04 7.96
N TYR A 147 -14.88 1.78 7.51
CA TYR A 147 -16.09 1.19 6.96
C TYR A 147 -16.23 -0.24 7.48
N LYS A 148 -17.43 -0.78 7.29
CA LYS A 148 -17.74 -2.17 7.62
C LYS A 148 -18.58 -2.74 6.50
N GLU A 149 -18.22 -3.93 6.03
CA GLU A 149 -18.98 -4.61 4.99
C GLU A 149 -20.24 -5.23 5.59
N LEU A 150 -21.37 -5.00 4.94
CA LEU A 150 -22.65 -5.47 5.46
C LEU A 150 -22.70 -6.99 5.46
N ASP A 151 -22.85 -7.58 6.64
CA ASP A 151 -23.04 -9.02 6.78
C ASP A 151 -24.54 -9.30 6.65
N TYR A 152 -24.94 -9.84 5.50
CA TYR A 152 -26.36 -10.07 5.24
C TYR A 152 -26.95 -11.17 6.11
N GLU A 153 -26.11 -12.01 6.72
CA GLU A 153 -26.60 -13.04 7.63
C GLU A 153 -26.91 -12.47 9.01
N ASN A 154 -26.17 -11.43 9.42
CA ASN A 154 -26.37 -10.77 10.72
C ASN A 154 -26.11 -9.28 10.51
N SER A 155 -27.08 -8.61 9.88
CA SER A 155 -26.94 -7.18 9.60
C SER A 155 -27.03 -6.36 10.88
N GLU A 156 -27.91 -6.76 11.80
CA GLU A 156 -28.04 -6.05 13.06
C GLU A 156 -26.72 -5.98 13.81
N GLY A 157 -25.96 -7.09 13.81
CA GLY A 157 -24.67 -7.08 14.47
C GLY A 157 -23.66 -6.19 13.77
N THR A 158 -23.72 -6.14 12.43
CA THR A 158 -22.81 -5.28 11.68
C THR A 158 -23.06 -3.81 12.01
N ILE A 159 -24.32 -3.38 11.98
CA ILE A 159 -24.58 -1.99 12.31
C ILE A 159 -24.40 -1.72 13.80
N LEU A 160 -24.53 -2.74 14.65
CA LEU A 160 -24.16 -2.60 16.05
C LEU A 160 -22.68 -2.27 16.18
N ASP A 161 -21.83 -3.01 15.46
CA ASP A 161 -20.40 -2.74 15.48
C ASP A 161 -20.10 -1.35 14.93
N ALA A 162 -20.83 -0.93 13.90
CA ALA A 162 -20.63 0.40 13.34
C ALA A 162 -20.98 1.49 14.35
N LEU A 163 -22.11 1.34 15.04
CA LEU A 163 -22.50 2.31 16.06
C LEU A 163 -21.51 2.31 17.22
N PHE A 164 -21.02 1.14 17.60
CA PHE A 164 -19.97 1.04 18.61
C PHE A 164 -18.73 1.83 18.19
N LEU A 165 -18.33 1.68 16.92
CA LEU A 165 -17.14 2.38 16.43
C LEU A 165 -17.35 3.89 16.44
N ILE A 166 -18.51 4.35 15.98
CA ILE A 166 -18.71 5.81 15.93
C ILE A 166 -18.83 6.38 17.35
N GLU A 167 -19.42 5.64 18.29
CA GLU A 167 -19.45 6.12 19.66
C GLU A 167 -18.08 6.08 20.32
N LYS A 168 -17.19 5.21 19.85
CA LYS A 168 -15.83 5.18 20.37
C LYS A 168 -14.95 6.27 19.77
N THR A 169 -15.22 6.69 18.52
CA THR A 169 -14.37 7.65 17.83
C THR A 169 -14.99 9.03 17.67
N ASN A 170 -16.30 9.17 17.86
CA ASN A 170 -17.01 10.42 17.61
C ASN A 170 -16.80 10.92 16.17
N ARG A 171 -16.64 9.98 15.24
CA ARG A 171 -16.42 10.29 13.84
C ARG A 171 -17.22 9.32 12.98
N PRO A 172 -17.64 9.75 11.79
CA PRO A 172 -18.51 8.90 10.97
C PRO A 172 -17.84 7.58 10.59
N VAL A 173 -18.68 6.57 10.36
CA VAL A 173 -18.27 5.26 9.86
C VAL A 173 -19.27 4.83 8.81
N ALA A 174 -18.79 4.20 7.75
CA ALA A 174 -19.64 3.77 6.64
C ALA A 174 -19.98 2.29 6.77
N ILE A 175 -21.17 1.94 6.27
CA ILE A 175 -21.57 0.55 6.09
C ILE A 175 -21.76 0.34 4.60
N LEU A 176 -21.01 -0.61 4.04
CA LEU A 176 -20.98 -0.81 2.59
C LEU A 176 -21.98 -1.89 2.18
N ILE A 177 -22.84 -1.54 1.22
CA ILE A 177 -23.92 -2.40 0.76
C ILE A 177 -23.75 -2.59 -0.74
N LYS A 178 -23.44 -3.83 -1.16
CA LYS A 178 -23.25 -4.13 -2.57
C LYS A 178 -24.37 -4.97 -3.17
N ASP A 179 -25.27 -5.50 -2.35
CA ASP A 179 -26.40 -6.28 -2.84
C ASP A 179 -27.70 -5.59 -2.46
N GLU A 180 -28.75 -5.92 -3.22
CA GLU A 180 -30.01 -5.19 -3.11
C GLU A 180 -30.67 -5.40 -1.76
N ILE A 181 -31.17 -4.32 -1.18
CA ILE A 181 -31.96 -4.37 0.04
C ILE A 181 -33.22 -3.54 -0.13
N MET B 1 -21.36 50.08 2.14
CA MET B 1 -21.20 49.37 3.40
C MET B 1 -20.02 48.41 3.33
N ASN B 2 -19.33 48.23 4.45
CA ASN B 2 -18.25 47.26 4.58
C ASN B 2 -18.70 46.10 5.45
N LYS B 3 -17.90 45.02 5.44
CA LYS B 3 -18.30 43.81 6.14
C LYS B 3 -18.37 44.02 7.65
N HIS B 4 -17.52 44.90 8.19
CA HIS B 4 -17.56 45.18 9.62
C HIS B 4 -18.92 45.74 10.02
N ASP B 5 -19.41 46.76 9.31
CA ASP B 5 -20.68 47.37 9.66
C ASP B 5 -21.84 46.41 9.42
N ALA B 6 -21.77 45.60 8.36
CA ALA B 6 -22.84 44.64 8.09
C ALA B 6 -22.91 43.57 9.18
N ILE B 7 -21.76 43.06 9.62
CA ILE B 7 -21.76 42.06 10.68
C ILE B 7 -22.23 42.67 11.98
N GLN B 8 -21.83 43.91 12.27
CA GLN B 8 -22.33 44.57 13.48
C GLN B 8 -23.84 44.77 13.41
N LEU B 9 -24.36 45.10 12.22
CA LEU B 9 -25.80 45.24 12.05
C LEU B 9 -26.52 43.92 12.32
N ILE B 10 -26.01 42.83 11.73
CA ILE B 10 -26.65 41.53 11.91
C ILE B 10 -26.58 41.10 13.37
N LEU B 11 -25.48 41.40 14.05
CA LEU B 11 -25.36 41.05 15.47
C LEU B 11 -26.27 41.92 16.33
N GLY B 12 -26.53 43.17 15.91
CA GLY B 12 -27.45 44.00 16.66
C GLY B 12 -28.91 43.62 16.46
N GLN B 13 -29.27 43.16 15.26
CA GLN B 13 -30.67 42.81 14.99
C GLN B 13 -31.08 41.55 15.74
N PHE B 14 -30.19 40.57 15.83
CA PHE B 14 -30.45 39.31 16.52
C PHE B 14 -29.32 39.01 17.49
N PRO B 15 -29.30 39.68 18.65
CA PRO B 15 -28.27 39.40 19.66
C PRO B 15 -28.54 38.17 20.51
N SER B 16 -29.57 37.39 20.19
CA SER B 16 -29.94 36.21 20.95
C SER B 16 -30.17 35.00 20.04
N ALA B 17 -29.49 34.97 18.90
CA ALA B 17 -29.65 33.91 17.92
C ALA B 17 -28.32 33.18 17.71
N TYR B 18 -28.42 31.94 17.25
CA TYR B 18 -27.25 31.15 16.92
C TYR B 18 -26.88 31.37 15.46
N LEU B 19 -25.60 31.58 15.20
CA LEU B 19 -25.12 31.94 13.87
C LEU B 19 -24.17 30.89 13.34
N VAL B 20 -24.30 30.60 12.05
CA VAL B 20 -23.38 29.73 11.32
C VAL B 20 -22.73 30.57 10.23
N SER B 21 -21.41 30.71 10.31
CA SER B 21 -20.66 31.55 9.38
C SER B 21 -19.84 30.68 8.43
N THR B 22 -19.82 31.07 7.15
CA THR B 22 -19.10 30.32 6.15
C THR B 22 -17.59 30.55 6.28
N CYS B 23 -16.81 29.71 5.61
CA CYS B 23 -15.37 29.75 5.73
C CYS B 23 -14.79 30.98 5.04
N GLY B 24 -13.56 31.32 5.40
CA GLY B 24 -12.88 32.44 4.82
C GLY B 24 -12.83 33.65 5.73
N HIS B 25 -12.88 34.84 5.12
CA HIS B 25 -12.76 36.09 5.88
C HIS B 25 -14.03 36.45 6.65
N ILE B 26 -15.18 35.87 6.27
CA ILE B 26 -16.42 36.20 6.97
C ILE B 26 -16.39 35.65 8.40
N SER B 27 -16.00 34.38 8.55
CA SER B 27 -15.89 33.82 9.88
C SER B 27 -14.83 34.54 10.72
N ARG B 28 -13.71 34.89 10.10
CA ARG B 28 -12.66 35.63 10.80
C ARG B 28 -13.17 36.97 11.29
N ASP B 29 -13.85 37.72 10.41
CA ASP B 29 -14.36 39.03 10.78
C ASP B 29 -15.42 38.93 11.87
N LEU B 30 -16.29 37.91 11.78
CA LEU B 30 -17.28 37.73 12.83
C LEU B 30 -16.63 37.39 14.16
N TYR B 31 -15.63 36.52 14.15
CA TYR B 31 -14.94 36.16 15.39
C TYR B 31 -14.21 37.36 15.98
N ASN B 32 -13.66 38.22 15.13
CA ASN B 32 -12.92 39.38 15.64
C ASN B 32 -13.87 40.46 16.15
N ILE B 33 -15.01 40.67 15.49
CA ILE B 33 -15.95 41.69 15.92
C ILE B 33 -16.59 41.31 17.25
N ASN B 34 -17.05 40.07 17.36
CA ASN B 34 -17.67 39.60 18.60
C ASN B 34 -17.62 38.08 18.63
N ASP B 35 -16.89 37.53 19.60
CA ASP B 35 -16.78 36.08 19.75
C ASP B 35 -17.85 35.60 20.72
N ARG B 36 -18.81 34.84 20.21
CA ARG B 36 -19.94 34.36 20.98
C ARG B 36 -19.99 32.84 20.94
N ALA B 37 -20.43 32.26 22.07
CA ALA B 37 -20.64 30.81 22.11
C ALA B 37 -21.76 30.37 21.18
N ARG B 38 -22.67 31.28 20.83
CA ARG B 38 -23.73 31.01 19.87
C ARG B 38 -23.27 31.18 18.44
N ASN B 39 -21.98 31.37 18.21
CA ASN B 39 -21.42 31.52 16.87
C ASN B 39 -20.71 30.22 16.49
N PHE B 40 -21.12 29.64 15.37
CA PHE B 40 -20.51 28.41 14.84
C PHE B 40 -19.69 28.78 13.61
N TYR B 41 -18.37 28.84 13.77
CA TYR B 41 -17.48 29.13 12.65
C TYR B 41 -17.19 27.86 11.89
N MET B 42 -17.54 27.83 10.60
CA MET B 42 -17.17 26.71 9.72
C MET B 42 -15.83 27.07 9.09
N VAL B 43 -14.75 26.47 9.60
CA VAL B 43 -13.41 26.81 9.11
C VAL B 43 -13.21 26.32 7.68
N GLY B 44 -13.85 25.21 7.32
CA GLY B 44 -13.75 24.67 5.98
C GLY B 44 -15.08 24.23 5.44
N SER B 45 -15.06 23.32 4.47
CA SER B 45 -16.27 22.76 3.87
C SER B 45 -17.20 23.86 3.39
N MET B 46 -16.71 24.58 2.38
CA MET B 46 -17.43 25.72 1.84
C MET B 46 -18.75 25.27 1.22
N GLY B 47 -19.77 26.11 1.35
CA GLY B 47 -21.10 25.79 0.85
C GLY B 47 -21.94 24.95 1.79
N MET B 48 -21.46 24.64 2.99
CA MET B 48 -22.19 23.83 3.95
C MET B 48 -22.82 24.63 5.07
N ALA B 49 -22.71 25.96 5.04
CA ALA B 49 -23.31 26.77 6.09
C ALA B 49 -24.83 26.62 6.09
N ALA B 50 -25.45 26.78 4.92
CA ALA B 50 -26.91 26.65 4.79
C ALA B 50 -27.41 25.24 5.08
N PRO B 51 -26.74 24.17 4.63
CA PRO B 51 -27.21 22.82 5.04
C PRO B 51 -27.18 22.59 6.55
N VAL B 52 -26.07 22.94 7.20
CA VAL B 52 -25.98 22.78 8.65
C VAL B 52 -27.05 23.64 9.33
N GLY B 53 -27.29 24.84 8.80
CA GLY B 53 -28.33 25.68 9.35
C GLY B 53 -29.70 25.07 9.21
N LEU B 54 -29.98 24.46 8.05
CA LEU B 54 -31.28 23.82 7.84
C LEU B 54 -31.46 22.65 8.79
N GLY B 55 -30.40 21.86 9.00
CA GLY B 55 -30.50 20.78 9.98
C GLY B 55 -30.76 21.28 11.38
N LEU B 56 -30.05 22.33 11.80
CA LEU B 56 -30.27 22.93 13.11
C LEU B 56 -31.72 23.40 13.26
N SER B 57 -32.20 24.18 12.29
CA SER B 57 -33.57 24.68 12.33
C SER B 57 -34.59 23.56 12.21
N THR B 58 -34.20 22.40 11.68
CA THR B 58 -35.11 21.26 11.68
C THR B 58 -35.22 20.66 13.07
N VAL B 59 -34.09 20.48 13.76
CA VAL B 59 -34.14 19.90 15.10
C VAL B 59 -34.68 20.90 16.11
N TYR B 60 -34.20 22.15 16.06
CA TYR B 60 -34.66 23.23 16.93
C TYR B 60 -35.39 24.27 16.10
N PRO B 61 -36.70 24.10 15.86
CA PRO B 61 -37.41 25.04 14.98
C PRO B 61 -37.76 26.36 15.67
N ASP B 62 -38.00 26.31 16.98
CA ASP B 62 -38.42 27.51 17.69
C ASP B 62 -37.29 28.53 17.84
N VAL B 63 -36.04 28.07 17.84
CA VAL B 63 -34.90 28.95 18.06
C VAL B 63 -34.63 29.75 16.78
N PRO B 64 -34.27 31.02 16.88
CA PRO B 64 -33.88 31.77 15.67
C PRO B 64 -32.45 31.44 15.27
N LEU B 65 -32.24 31.28 13.96
CA LEU B 65 -30.95 30.84 13.45
C LEU B 65 -30.58 31.67 12.23
N VAL B 66 -29.32 32.12 12.19
CA VAL B 66 -28.81 32.97 11.13
C VAL B 66 -27.65 32.27 10.46
N VAL B 67 -27.67 32.22 9.13
CA VAL B 67 -26.57 31.69 8.34
C VAL B 67 -25.83 32.86 7.71
N LEU B 68 -24.54 32.98 8.01
CA LEU B 68 -23.72 34.08 7.51
C LEU B 68 -22.97 33.59 6.27
N ASP B 69 -23.59 33.80 5.11
CA ASP B 69 -23.01 33.42 3.82
C ASP B 69 -22.45 34.64 3.11
N GLY B 70 -21.49 34.38 2.22
CA GLY B 70 -21.07 35.34 1.23
C GLY B 70 -21.69 35.02 -0.12
N ASP B 71 -21.33 35.81 -1.13
CA ASP B 71 -21.84 35.56 -2.47
C ASP B 71 -21.23 34.29 -3.05
N GLY B 72 -19.94 34.07 -2.83
CA GLY B 72 -19.30 32.84 -3.30
C GLY B 72 -19.82 31.60 -2.59
N SER B 73 -19.96 31.67 -1.27
CA SER B 73 -20.48 30.54 -0.50
C SER B 73 -21.92 30.23 -0.89
N PHE B 74 -22.75 31.27 -0.99
CA PHE B 74 -24.14 31.09 -1.42
C PHE B 74 -24.20 30.46 -2.80
N LEU B 75 -23.39 30.95 -3.74
CA LEU B 75 -23.47 30.45 -5.12
C LEU B 75 -22.95 29.02 -5.23
N MET B 76 -21.91 28.68 -4.47
CA MET B 76 -21.28 27.37 -4.64
C MET B 76 -22.26 26.24 -4.42
N ASN B 77 -23.07 26.32 -3.36
CA ASN B 77 -24.10 25.31 -3.10
C ASN B 77 -25.46 25.97 -3.13
N MET B 78 -25.82 26.53 -4.29
CA MET B 78 -27.05 27.32 -4.38
C MET B 78 -28.29 26.43 -4.24
N GLY B 79 -28.25 25.22 -4.80
CA GLY B 79 -29.43 24.38 -4.85
C GLY B 79 -30.09 24.16 -3.49
N ILE B 80 -29.32 24.26 -2.41
CA ILE B 80 -29.86 24.04 -1.07
C ILE B 80 -31.07 24.93 -0.81
N ILE B 81 -31.14 26.09 -1.46
CA ILE B 81 -32.27 27.00 -1.23
C ILE B 81 -33.58 26.28 -1.45
N THR B 82 -33.64 25.43 -2.48
CA THR B 82 -34.85 24.66 -2.75
C THR B 82 -35.29 23.90 -1.51
N MET B 83 -34.37 23.11 -0.94
CA MET B 83 -34.67 22.37 0.28
C MET B 83 -35.21 23.30 1.36
N ILE B 84 -34.57 24.47 1.53
CA ILE B 84 -35.05 25.43 2.51
C ILE B 84 -36.47 25.85 2.17
N GLY B 85 -36.70 26.24 0.91
CA GLY B 85 -38.04 26.57 0.49
C GLY B 85 -39.00 25.40 0.60
N HIS B 86 -38.47 24.18 0.57
CA HIS B 86 -39.31 23.01 0.78
C HIS B 86 -39.58 22.80 2.26
N GLN B 87 -38.59 23.07 3.11
CA GLN B 87 -38.76 22.82 4.54
C GLN B 87 -39.49 23.97 5.23
N LYS B 88 -39.33 25.19 4.71
CA LYS B 88 -39.92 26.42 5.27
C LYS B 88 -39.79 26.48 6.79
N PRO B 89 -38.57 26.46 7.33
CA PRO B 89 -38.42 26.68 8.78
C PRO B 89 -38.73 28.12 9.13
N LYS B 90 -39.58 28.30 10.15
CA LYS B 90 -40.13 29.62 10.43
C LYS B 90 -39.10 30.58 10.99
N ASN B 91 -38.04 30.07 11.62
CA ASN B 91 -37.04 30.92 12.27
C ASN B 91 -35.66 30.72 11.64
N PHE B 92 -35.62 30.60 10.31
CA PHE B 92 -34.38 30.49 9.56
C PHE B 92 -34.10 31.80 8.85
N ILE B 93 -32.92 32.36 9.08
CA ILE B 93 -32.51 33.64 8.50
C ILE B 93 -31.25 33.41 7.69
N HIS B 94 -31.29 33.82 6.42
CA HIS B 94 -30.21 33.57 5.46
C HIS B 94 -29.61 34.91 5.04
N VAL B 95 -28.45 35.24 5.59
CA VAL B 95 -27.73 36.47 5.26
C VAL B 95 -26.69 36.17 4.19
N VAL B 96 -26.57 37.07 3.21
CA VAL B 96 -25.64 36.89 2.09
C VAL B 96 -24.86 38.20 1.96
N LEU B 97 -23.63 38.22 2.46
CA LEU B 97 -22.74 39.36 2.29
C LEU B 97 -22.15 39.30 0.89
N ASP B 98 -22.70 40.09 -0.02
CA ASP B 98 -22.36 40.02 -1.44
C ASP B 98 -21.36 41.14 -1.74
N ASN B 99 -20.10 40.74 -1.89
CA ASN B 99 -19.03 41.66 -2.31
C ASN B 99 -18.64 41.47 -3.76
N GLY B 100 -19.24 40.52 -4.47
CA GLY B 100 -18.95 40.32 -5.88
C GLY B 100 -17.62 39.67 -6.19
N MET B 101 -17.00 39.02 -5.22
CA MET B 101 -15.69 38.42 -5.43
C MET B 101 -15.40 37.42 -4.31
N HIS B 102 -14.47 36.50 -4.60
CA HIS B 102 -13.91 35.60 -3.60
C HIS B 102 -12.86 36.39 -2.83
N GLU B 103 -13.28 37.11 -1.79
CA GLU B 103 -12.38 38.05 -1.13
C GLU B 103 -11.32 37.34 -0.29
N SER B 104 -11.73 36.37 0.53
CA SER B 104 -10.78 35.63 1.35
C SER B 104 -9.73 34.87 0.54
N THR B 105 -9.80 34.91 -0.79
CA THR B 105 -8.90 34.16 -1.66
C THR B 105 -7.94 35.06 -2.43
N GLY B 106 -8.29 36.33 -2.62
CA GLY B 106 -7.44 37.27 -3.32
C GLY B 106 -8.22 38.30 -4.10
N GLY B 107 -9.55 38.17 -4.08
CA GLY B 107 -10.40 39.11 -4.79
C GLY B 107 -10.76 38.71 -6.20
N GLN B 108 -10.85 37.40 -6.48
CA GLN B 108 -11.23 36.94 -7.80
C GLN B 108 -12.73 37.09 -8.00
N ARG B 109 -13.11 37.46 -9.22
CA ARG B 109 -14.52 37.72 -9.51
C ARG B 109 -15.36 36.46 -9.38
N THR B 110 -16.48 36.58 -8.70
CA THR B 110 -17.46 35.51 -8.62
C THR B 110 -18.46 35.64 -9.77
N VAL B 111 -19.25 34.58 -9.97
CA VAL B 111 -20.39 34.67 -10.88
C VAL B 111 -21.32 35.77 -10.38
N PRO B 112 -21.80 36.66 -11.25
CA PRO B 112 -22.64 37.77 -10.76
C PRO B 112 -23.96 37.26 -10.18
N LEU B 113 -24.24 37.66 -8.95
CA LEU B 113 -25.46 37.29 -8.25
C LEU B 113 -26.52 38.34 -8.56
N VAL B 114 -27.57 37.94 -9.28
CA VAL B 114 -28.59 38.85 -9.77
C VAL B 114 -29.94 38.44 -9.22
N ASN B 115 -30.77 39.45 -8.90
CA ASN B 115 -32.17 39.25 -8.52
C ASN B 115 -32.32 38.21 -7.43
N VAL B 116 -31.39 38.22 -6.47
CA VAL B 116 -31.37 37.20 -5.43
C VAL B 116 -32.65 37.23 -4.60
N THR B 117 -33.18 38.42 -4.35
CA THR B 117 -34.38 38.54 -3.54
C THR B 117 -35.56 37.85 -4.21
N ASP B 118 -35.74 38.06 -5.51
CA ASP B 118 -36.88 37.49 -6.22
C ASP B 118 -36.82 35.96 -6.22
N ILE B 119 -35.67 35.39 -6.61
CA ILE B 119 -35.54 33.94 -6.66
C ILE B 119 -35.66 33.35 -5.27
N ALA B 120 -35.16 34.06 -4.25
CA ALA B 120 -35.37 33.60 -2.88
C ALA B 120 -36.86 33.53 -2.56
N LEU B 121 -37.62 34.56 -2.94
CA LEU B 121 -39.05 34.53 -2.74
C LEU B 121 -39.70 33.39 -3.53
N GLN B 122 -39.13 33.02 -4.67
CA GLN B 122 -39.73 31.99 -5.51
C GLN B 122 -39.61 30.61 -4.87
N VAL B 123 -38.41 30.25 -4.41
CA VAL B 123 -38.16 28.89 -3.93
C VAL B 123 -38.95 28.57 -2.67
N GLY B 124 -39.34 29.57 -1.89
CA GLY B 124 -40.13 29.30 -0.71
C GLY B 124 -39.82 30.17 0.49
N TYR B 125 -38.84 31.07 0.35
CA TYR B 125 -38.54 32.00 1.43
C TYR B 125 -39.73 32.93 1.64
N GLU B 126 -40.10 33.12 2.91
CA GLU B 126 -41.27 33.93 3.21
C GLU B 126 -41.03 35.41 2.90
N TYR B 127 -39.81 35.89 3.08
CA TYR B 127 -39.48 37.27 2.74
C TYR B 127 -38.02 37.33 2.33
N ALA B 128 -37.72 38.24 1.40
CA ALA B 128 -36.36 38.43 0.90
C ALA B 128 -36.16 39.93 0.68
N ILE B 129 -35.45 40.56 1.62
CA ILE B 129 -35.20 42.00 1.57
C ILE B 129 -33.80 42.25 1.05
N GLU B 130 -33.64 43.35 0.33
CA GLU B 130 -32.33 43.81 -0.12
C GLU B 130 -31.92 45.03 0.70
N ILE B 131 -30.62 45.25 0.80
CA ILE B 131 -30.06 46.32 1.62
C ILE B 131 -29.06 47.09 0.79
N ASN B 132 -29.31 48.39 0.62
CA ASN B 132 -28.35 49.28 0.00
C ASN B 132 -27.43 49.87 1.08
N SER B 133 -26.33 50.47 0.63
CA SER B 133 -25.35 51.04 1.54
C SER B 133 -25.95 52.21 2.30
N GLY B 134 -25.97 52.13 3.62
CA GLY B 134 -26.42 53.22 4.46
C GLY B 134 -27.77 53.04 5.13
N GLN B 135 -28.38 51.87 5.05
CA GLN B 135 -29.67 51.64 5.69
C GLN B 135 -29.47 51.45 7.19
N LYS B 136 -30.12 52.31 7.99
CA LYS B 136 -29.97 52.24 9.44
C LYS B 136 -30.49 50.91 9.98
N SER B 137 -31.78 50.65 9.77
CA SER B 137 -32.39 49.41 10.24
C SER B 137 -33.69 49.19 9.47
N PHE B 138 -34.27 48.02 9.67
CA PHE B 138 -35.54 47.67 9.05
C PHE B 138 -36.24 46.64 9.93
N ASP B 139 -37.57 46.77 10.03
CA ASP B 139 -38.36 45.81 10.79
C ASP B 139 -38.69 44.61 9.90
N LEU B 140 -38.43 43.41 10.43
CA LEU B 140 -38.62 42.19 9.67
C LEU B 140 -39.71 41.33 10.29
N PRO B 141 -40.47 40.60 9.48
CA PRO B 141 -41.49 39.70 10.03
C PRO B 141 -40.85 38.59 10.87
N ASN B 142 -41.59 38.15 11.88
CA ASN B 142 -41.10 37.12 12.79
C ASN B 142 -41.26 35.71 12.23
N GLU B 143 -41.78 35.56 11.02
CA GLU B 143 -42.01 34.25 10.42
C GLU B 143 -41.20 34.16 9.13
N GLY B 144 -40.32 33.18 9.03
CA GLY B 144 -39.47 33.00 7.88
C GLY B 144 -39.89 31.84 7.01
N PRO B 145 -38.96 31.29 6.21
CA PRO B 145 -37.54 31.66 6.12
C PRO B 145 -37.30 33.01 5.44
N GLY B 146 -36.18 33.65 5.75
CA GLY B 146 -35.87 34.96 5.21
C GLY B 146 -34.50 34.99 4.60
N LEU B 147 -34.32 35.93 3.67
CA LEU B 147 -33.07 36.14 2.96
C LEU B 147 -32.71 37.61 3.00
N ILE B 148 -31.51 37.93 3.47
CA ILE B 148 -31.03 39.30 3.60
C ILE B 148 -29.83 39.46 2.69
N HIS B 149 -29.98 40.31 1.67
CA HIS B 149 -28.92 40.57 0.69
C HIS B 149 -28.26 41.90 1.04
N ILE B 150 -27.00 41.84 1.46
CA ILE B 150 -26.25 43.03 1.88
C ILE B 150 -25.05 43.15 0.96
N LYS B 151 -25.16 44.02 -0.06
CA LYS B 151 -24.03 44.30 -0.94
C LYS B 151 -23.00 45.13 -0.18
N VAL B 152 -21.84 44.53 0.10
CA VAL B 152 -20.80 45.16 0.91
C VAL B 152 -19.60 45.47 0.03
N GLU B 153 -19.00 46.64 0.25
CA GLU B 153 -17.83 47.07 -0.50
C GLU B 153 -16.60 46.30 0.00
N PRO B 154 -15.58 46.13 -0.86
CA PRO B 154 -14.36 45.44 -0.43
C PRO B 154 -13.79 46.02 0.87
N ARG B 155 -13.24 45.14 1.70
CA ARG B 155 -12.71 45.54 2.99
C ARG B 155 -11.50 46.45 2.83
N SER B 156 -11.39 47.44 3.71
CA SER B 156 -10.19 48.24 3.86
C SER B 156 -9.48 48.00 5.17
N GLU B 157 -10.11 47.27 6.10
CA GLU B 157 -9.56 47.04 7.42
C GLU B 157 -8.51 45.91 7.38
N LYS B 158 -7.92 45.64 8.52
CA LYS B 158 -6.97 44.54 8.63
C LYS B 158 -7.70 43.20 8.59
N ILE B 159 -6.97 42.17 8.18
CA ILE B 159 -7.56 40.83 8.02
C ILE B 159 -8.13 40.30 9.33
N GLY B 160 -7.69 40.84 10.46
CA GLY B 160 -8.14 40.36 11.75
C GLY B 160 -7.27 39.22 12.26
N LYS B 161 -7.85 38.47 13.19
CA LYS B 161 -7.16 37.36 13.84
C LYS B 161 -7.94 36.08 13.58
N ARG B 162 -7.23 35.02 13.22
CA ARG B 162 -7.87 33.74 12.95
C ARG B 162 -8.48 33.17 14.22
N VAL B 163 -9.61 32.49 14.07
CA VAL B 163 -10.33 31.95 15.22
C VAL B 163 -9.45 30.91 15.91
N HIS B 164 -9.17 31.14 17.19
CA HIS B 164 -8.30 30.26 17.95
C HIS B 164 -9.02 29.03 18.49
N TRP B 165 -10.35 29.00 18.43
CA TRP B 165 -11.11 27.89 18.99
C TRP B 165 -10.89 26.63 18.16
N THR B 166 -10.46 25.56 18.81
CA THR B 166 -10.42 24.26 18.16
C THR B 166 -11.82 23.89 17.68
N PRO B 167 -11.95 23.30 16.48
CA PRO B 167 -13.29 22.89 16.01
C PRO B 167 -14.06 22.08 17.03
N GLN B 168 -13.38 21.19 17.77
CA GLN B 168 -14.02 20.47 18.86
C GLN B 168 -14.52 21.42 19.93
N GLU B 169 -13.74 22.47 20.23
CA GLU B 169 -14.21 23.47 21.19
C GLU B 169 -15.40 24.24 20.66
N ILE B 170 -15.41 24.52 19.36
CA ILE B 170 -16.55 25.22 18.75
C ILE B 170 -17.82 24.40 18.91
N VAL B 171 -17.76 23.12 18.54
CA VAL B 171 -18.94 22.27 18.64
C VAL B 171 -19.34 22.08 20.10
N GLN B 172 -18.36 22.00 21.01
CA GLN B 172 -18.67 21.87 22.42
C GLN B 172 -19.45 23.07 22.92
N ARG B 173 -18.96 24.28 22.66
CA ARG B 173 -19.65 25.48 23.13
C ARG B 173 -21.02 25.62 22.48
N PHE B 174 -21.11 25.38 21.18
CA PHE B 174 -22.39 25.48 20.48
C PHE B 174 -23.42 24.52 21.07
N THR B 175 -23.04 23.25 21.22
CA THR B 175 -23.96 22.25 21.76
C THR B 175 -24.33 22.55 23.21
N ASN B 176 -23.35 23.00 24.00
CA ASN B 176 -23.64 23.30 25.41
C ASN B 176 -24.62 24.44 25.54
N GLU B 177 -24.47 25.49 24.72
CA GLU B 177 -25.42 26.59 24.78
C GLU B 177 -26.78 26.17 24.23
N LEU B 178 -26.81 25.29 23.23
CA LEU B 178 -28.09 24.78 22.73
C LEU B 178 -28.83 24.01 23.82
N THR B 179 -28.10 23.21 24.60
CA THR B 179 -28.74 22.45 25.68
C THR B 179 -29.12 23.35 26.85
N LEU B 180 -28.34 24.40 27.10
CA LEU B 180 -28.64 25.30 28.21
C LEU B 180 -29.82 26.20 27.91
N GLU B 181 -30.02 26.57 26.64
CA GLU B 181 -31.11 27.48 26.30
C GLU B 181 -32.47 26.84 26.54
N ASN B 182 -32.73 25.71 25.89
CA ASN B 182 -34.03 25.05 25.99
C ASN B 182 -34.26 24.53 27.40
N SER C 17 6.07 35.19 -11.66
CA SER C 17 6.83 34.84 -12.86
C SER C 17 6.65 33.36 -13.20
N THR C 18 6.55 32.53 -12.16
CA THR C 18 6.36 31.09 -12.38
C THR C 18 4.98 30.82 -12.96
N ALA C 19 3.93 31.42 -12.39
CA ALA C 19 2.60 31.26 -12.95
C ALA C 19 2.53 31.86 -14.36
N GLU C 20 3.25 32.94 -14.60
CA GLU C 20 3.34 33.50 -15.95
C GLU C 20 3.91 32.49 -16.92
N ARG C 21 5.00 31.82 -16.54
CA ARG C 21 5.61 30.83 -17.41
C ARG C 21 4.68 29.64 -17.64
N MET C 22 3.98 29.20 -16.60
CA MET C 22 3.03 28.09 -16.76
C MET C 22 1.93 28.46 -17.75
N LEU C 23 1.31 29.63 -17.55
CA LEU C 23 0.24 30.05 -18.45
C LEU C 23 0.73 30.23 -19.88
N SER C 24 1.92 30.81 -20.03
CA SER C 24 2.46 31.04 -21.37
C SER C 24 2.76 29.72 -22.07
N THR C 25 3.34 28.75 -21.36
CA THR C 25 3.60 27.45 -21.95
C THR C 25 2.30 26.75 -22.33
N LEU C 26 1.29 26.82 -21.46
CA LEU C 26 -0.01 26.23 -21.78
C LEU C 26 -0.58 26.84 -23.06
N THR C 27 -0.56 28.17 -23.17
CA THR C 27 -1.13 28.83 -24.34
C THR C 27 -0.30 28.55 -25.59
N GLU C 28 1.02 28.45 -25.45
CA GLU C 28 1.86 28.11 -26.61
C GLU C 28 1.58 26.69 -27.09
N ASN C 29 1.26 25.78 -26.18
CA ASN C 29 0.86 24.43 -26.55
C ASN C 29 -0.64 24.31 -26.79
N ASN C 30 -1.32 25.43 -27.03
CA ASN C 30 -2.73 25.47 -27.43
C ASN C 30 -3.66 24.96 -26.33
N TYR C 31 -3.42 25.43 -25.10
CA TYR C 31 -4.35 25.27 -23.99
C TYR C 31 -4.87 26.66 -23.66
N THR C 32 -6.06 26.99 -24.16
CA THR C 32 -6.58 28.35 -24.11
C THR C 32 -7.89 28.51 -23.36
N HIS C 33 -8.46 27.43 -22.84
CA HIS C 33 -9.77 27.48 -22.18
C HIS C 33 -9.61 27.05 -20.72
N PHE C 34 -10.14 27.86 -19.82
CA PHE C 34 -9.84 27.76 -18.39
C PHE C 34 -11.13 27.85 -17.57
N THR C 35 -11.25 26.97 -16.57
CA THR C 35 -12.35 27.02 -15.61
C THR C 35 -11.77 26.80 -14.22
N GLY C 36 -12.63 26.91 -13.21
CA GLY C 36 -12.26 26.56 -11.85
C GLY C 36 -12.59 27.66 -10.86
N VAL C 37 -12.44 27.31 -9.58
CA VAL C 37 -12.67 28.24 -8.49
C VAL C 37 -11.32 28.65 -7.91
N PRO C 38 -11.21 29.79 -7.24
CA PRO C 38 -9.90 30.28 -6.81
C PRO C 38 -9.40 29.62 -5.53
N CYS C 39 -8.07 29.65 -5.38
CA CYS C 39 -7.41 29.28 -4.14
C CYS C 39 -6.33 30.31 -3.85
N SER C 40 -6.04 30.50 -2.56
CA SER C 40 -5.07 31.52 -2.16
C SER C 40 -3.71 31.29 -2.79
N LEU C 41 -3.32 30.04 -2.98
CA LEU C 41 -2.01 29.71 -3.54
C LEU C 41 -1.97 29.93 -5.05
N LEU C 42 -3.12 29.98 -5.72
CA LEU C 42 -3.19 30.22 -7.16
C LEU C 42 -3.57 31.66 -7.47
N LYS C 43 -3.21 32.60 -6.60
CA LYS C 43 -3.64 33.98 -6.75
C LYS C 43 -3.13 34.60 -8.04
N GLY C 44 -1.83 34.43 -8.31
CA GLY C 44 -1.25 34.99 -9.52
C GLY C 44 -1.82 34.40 -10.80
N PHE C 45 -2.13 33.11 -10.79
CA PHE C 45 -2.69 32.49 -12.00
C PHE C 45 -4.08 33.04 -12.31
N PHE C 46 -4.91 33.24 -11.28
CA PHE C 46 -6.22 33.83 -11.51
C PHE C 46 -6.10 35.30 -11.88
N ARG C 47 -5.11 36.01 -11.34
CA ARG C 47 -4.87 37.38 -11.78
C ARG C 47 -4.50 37.42 -13.26
N LEU C 48 -3.69 36.46 -13.71
CA LEU C 48 -3.33 36.38 -15.12
C LEU C 48 -4.54 36.02 -15.97
N LEU C 49 -5.42 35.15 -15.47
CA LEU C 49 -6.59 34.73 -16.25
C LEU C 49 -7.60 35.85 -16.38
N GLU C 50 -7.86 36.58 -15.31
CA GLU C 50 -8.85 37.66 -15.33
C GLU C 50 -8.29 38.97 -15.87
N SER C 51 -7.09 38.95 -16.44
CA SER C 51 -6.53 40.13 -17.09
C SER C 51 -7.06 40.23 -18.51
N LYS C 52 -7.66 41.37 -18.85
CA LYS C 52 -8.23 41.53 -20.18
C LYS C 52 -7.16 41.54 -21.27
N GLU C 53 -5.99 42.11 -20.97
CA GLU C 53 -4.93 42.14 -21.97
C GLU C 53 -4.22 40.79 -22.11
N ALA C 54 -4.13 40.02 -21.02
CA ALA C 54 -3.62 38.67 -21.12
C ALA C 54 -4.63 37.77 -21.83
N ILE C 55 -5.92 38.11 -21.76
CA ILE C 55 -6.92 37.41 -22.54
C ILE C 55 -6.74 37.68 -24.02
N GLU C 56 -6.39 38.92 -24.37
CA GLU C 56 -6.25 39.29 -25.78
C GLU C 56 -4.93 38.81 -26.36
N LYS C 57 -3.83 38.91 -25.60
CA LYS C 57 -2.52 38.58 -26.13
C LYS C 57 -2.33 37.08 -26.30
N GLN C 58 -3.10 36.26 -25.60
CA GLN C 58 -2.95 34.81 -25.67
C GLN C 58 -4.23 34.08 -26.08
N ASN C 59 -5.31 34.82 -26.39
CA ASN C 59 -6.58 34.23 -26.82
C ASN C 59 -7.12 33.27 -25.77
N ILE C 60 -7.37 33.82 -24.58
CA ILE C 60 -7.83 33.05 -23.42
C ILE C 60 -9.30 33.33 -23.20
N THR C 61 -10.05 32.28 -22.88
CA THR C 61 -11.43 32.41 -22.40
C THR C 61 -11.54 31.72 -21.05
N PHE C 62 -11.85 32.49 -20.02
CA PHE C 62 -11.97 31.99 -18.66
C PHE C 62 -13.45 32.00 -18.27
N ILE C 63 -13.97 30.83 -17.91
CA ILE C 63 -15.36 30.69 -17.49
C ILE C 63 -15.39 30.57 -15.97
N PRO C 64 -15.67 31.65 -15.25
CA PRO C 64 -15.77 31.54 -13.78
C PRO C 64 -16.90 30.59 -13.39
N SER C 65 -16.65 29.81 -12.35
CA SER C 65 -17.55 28.72 -11.98
C SER C 65 -17.91 28.80 -10.51
N ILE C 66 -19.09 28.28 -10.19
CA ILE C 66 -19.61 28.34 -8.82
C ILE C 66 -18.94 27.29 -7.95
N ARG C 67 -18.72 26.09 -8.48
CA ARG C 67 -18.17 24.98 -7.72
C ARG C 67 -17.28 24.15 -8.64
N GLU C 68 -16.53 23.23 -8.05
CA GLU C 68 -15.54 22.47 -8.80
C GLU C 68 -16.21 21.53 -9.80
N ASP C 69 -17.35 20.94 -9.43
CA ASP C 69 -18.00 19.99 -10.33
C ASP C 69 -18.47 20.69 -11.60
N SER C 70 -19.12 21.84 -11.46
CA SER C 70 -19.58 22.58 -12.63
C SER C 70 -18.40 23.08 -13.46
N ALA C 71 -17.31 23.46 -12.79
CA ALA C 71 -16.10 23.88 -13.51
C ALA C 71 -15.57 22.75 -14.37
N LEU C 72 -15.39 21.57 -13.78
CA LEU C 72 -14.90 20.43 -14.55
C LEU C 72 -15.88 20.03 -15.65
N GLY C 73 -17.18 20.23 -15.41
CA GLY C 73 -18.16 19.90 -16.43
C GLY C 73 -18.07 20.80 -17.64
N VAL C 74 -18.02 22.12 -17.42
CA VAL C 74 -17.89 23.03 -18.55
C VAL C 74 -16.54 22.87 -19.23
N ALA C 75 -15.51 22.46 -18.47
CA ALA C 75 -14.21 22.17 -19.09
C ALA C 75 -14.31 20.94 -19.99
N SER C 76 -14.98 19.88 -19.54
CA SER C 76 -15.17 18.70 -20.37
C SER C 76 -15.98 19.03 -21.61
N GLY C 77 -17.01 19.86 -21.45
CA GLY C 77 -17.79 20.30 -22.60
C GLY C 77 -16.96 21.06 -23.61
N MET C 78 -16.13 21.99 -23.14
CA MET C 78 -15.26 22.73 -24.05
C MET C 78 -14.23 21.82 -24.71
N TYR C 79 -13.78 20.77 -24.01
CA TYR C 79 -12.93 19.78 -24.67
C TYR C 79 -13.68 19.08 -25.79
N LEU C 80 -14.94 18.70 -25.53
CA LEU C 80 -15.73 18.04 -26.58
C LEU C 80 -15.93 18.91 -27.80
N GLY C 81 -15.74 20.23 -27.67
CA GLY C 81 -15.84 21.13 -28.79
C GLY C 81 -14.52 21.38 -29.48
N GLY C 82 -13.60 20.41 -29.41
CA GLY C 82 -12.32 20.50 -30.07
C GLY C 82 -11.29 21.35 -29.38
N ARG C 83 -11.56 21.85 -28.18
CA ARG C 83 -10.62 22.69 -27.45
C ARG C 83 -9.84 21.88 -26.44
N LYS C 84 -8.78 22.50 -25.92
CA LYS C 84 -7.93 21.89 -24.89
C LYS C 84 -7.97 22.79 -23.67
N CYS C 85 -8.48 22.24 -22.56
CA CYS C 85 -8.83 23.04 -21.39
C CYS C 85 -8.09 22.57 -20.15
N VAL C 86 -7.95 23.48 -19.20
CA VAL C 86 -7.41 23.17 -17.87
C VAL C 86 -8.38 23.72 -16.84
N MET C 87 -8.37 23.14 -15.65
CA MET C 87 -9.24 23.56 -14.56
C MET C 87 -8.40 23.71 -13.29
N LEU C 88 -8.44 24.90 -12.71
CA LEU C 88 -7.74 25.18 -11.46
C LEU C 88 -8.71 25.03 -10.28
N MET C 89 -8.19 24.55 -9.17
CA MET C 89 -9.02 24.38 -7.98
C MET C 89 -8.14 24.15 -6.78
N GLN C 90 -8.68 24.49 -5.61
CA GLN C 90 -8.07 24.07 -4.36
C GLN C 90 -8.21 22.56 -4.19
N ASN C 91 -7.28 21.96 -3.46
CA ASN C 91 -7.33 20.51 -3.29
C ASN C 91 -8.60 20.06 -2.59
N SER C 92 -9.11 20.87 -1.66
CA SER C 92 -10.37 20.57 -0.99
C SER C 92 -11.48 20.35 -2.01
N GLY C 93 -11.56 21.22 -3.01
CA GLY C 93 -12.54 21.11 -4.07
C GLY C 93 -12.58 19.77 -4.77
N LEU C 94 -11.51 19.00 -4.64
CA LEU C 94 -11.50 17.65 -5.20
C LEU C 94 -12.67 16.84 -4.67
N GLY C 95 -12.93 16.92 -3.36
CA GLY C 95 -14.02 16.20 -2.76
C GLY C 95 -15.39 16.58 -3.30
N TYR C 96 -15.48 17.71 -4.01
CA TYR C 96 -16.75 18.13 -4.62
C TYR C 96 -16.89 17.67 -6.06
N CYS C 97 -15.82 17.23 -6.71
CA CYS C 97 -15.89 16.86 -8.11
C CYS C 97 -15.24 15.52 -8.44
N LEU C 98 -14.68 14.82 -7.43
CA LEU C 98 -14.06 13.53 -7.68
C LEU C 98 -14.96 12.59 -8.47
N ASN C 99 -16.25 12.61 -8.16
CA ASN C 99 -17.21 11.76 -8.86
C ASN C 99 -17.13 11.94 -10.37
N VAL C 100 -17.11 13.20 -10.83
CA VAL C 100 -17.16 13.43 -12.27
C VAL C 100 -15.85 12.99 -12.92
N LEU C 101 -14.79 12.79 -12.14
CA LEU C 101 -13.58 12.20 -12.68
C LEU C 101 -13.71 10.69 -12.83
N THR C 102 -14.39 10.04 -11.87
CA THR C 102 -14.52 8.59 -11.89
C THR C 102 -15.76 8.11 -12.63
N SER C 103 -16.74 8.98 -12.85
CA SER C 103 -17.96 8.61 -13.54
C SER C 103 -18.06 9.19 -14.95
N PHE C 104 -17.15 10.08 -15.34
CA PHE C 104 -17.25 10.71 -16.65
C PHE C 104 -15.89 10.79 -17.35
N ASN C 105 -14.96 11.53 -16.75
CA ASN C 105 -13.68 11.79 -17.42
C ASN C 105 -12.90 10.52 -17.66
N PHE C 106 -12.72 9.70 -16.63
CA PHE C 106 -11.99 8.44 -16.79
C PHE C 106 -12.86 7.32 -17.34
N ILE C 107 -14.13 7.60 -17.65
CA ILE C 107 -15.01 6.64 -18.31
C ILE C 107 -15.07 6.89 -19.81
N TYR C 108 -15.26 8.14 -20.20
CA TYR C 108 -15.36 8.54 -21.60
C TYR C 108 -14.00 8.87 -22.22
N ASP C 109 -12.93 8.88 -21.43
CA ASP C 109 -11.61 9.31 -21.88
C ASP C 109 -11.65 10.76 -22.39
N ILE C 110 -12.09 11.65 -21.51
CA ILE C 110 -12.14 13.09 -21.79
C ILE C 110 -11.09 13.77 -20.93
N PRO C 111 -9.93 14.15 -21.50
CA PRO C 111 -8.83 14.64 -20.67
C PRO C 111 -8.87 16.14 -20.40
N ILE C 112 -8.78 16.54 -19.12
CA ILE C 112 -8.63 17.93 -18.70
C ILE C 112 -7.37 18.03 -17.84
N LEU C 113 -6.56 19.07 -18.07
CA LEU C 113 -5.39 19.29 -17.23
C LEU C 113 -5.82 19.94 -15.92
N LEU C 114 -5.33 19.40 -14.79
CA LEU C 114 -5.76 19.84 -13.47
C LEU C 114 -4.59 20.52 -12.76
N LEU C 115 -4.81 21.77 -12.34
CA LEU C 115 -3.88 22.47 -11.45
C LEU C 115 -4.50 22.47 -10.06
N ILE C 116 -4.03 21.58 -9.20
CA ILE C 116 -4.59 21.40 -7.87
C ILE C 116 -3.65 22.04 -6.86
N SER C 117 -4.19 22.96 -6.05
CA SER C 117 -3.41 23.65 -5.03
C SER C 117 -3.32 22.76 -3.80
N TRP C 118 -2.13 22.24 -3.53
CA TRP C 118 -1.93 21.25 -2.46
C TRP C 118 -1.83 21.97 -1.11
N ARG C 119 -3.00 22.33 -0.57
CA ARG C 119 -3.06 22.98 0.72
C ARG C 119 -2.83 21.97 1.84
N GLY C 120 -2.04 22.37 2.84
CA GLY C 120 -1.74 21.51 3.95
C GLY C 120 -0.71 20.43 3.68
N ALA C 121 0.01 20.51 2.56
CA ALA C 121 1.01 19.51 2.23
C ALA C 121 2.11 19.42 3.28
N TYR C 122 2.35 20.49 4.03
CA TYR C 122 3.41 20.53 5.02
C TYR C 122 2.92 20.29 6.45
N GLY C 123 1.59 20.21 6.65
CA GLY C 123 1.04 19.90 7.94
C GLY C 123 0.90 21.06 8.91
N ASN C 124 1.32 22.26 8.52
CA ASN C 124 1.28 23.43 9.39
C ASN C 124 0.30 24.49 8.89
N ASP C 125 -0.67 24.10 8.09
CA ASP C 125 -1.65 25.03 7.55
C ASP C 125 -2.88 25.04 8.46
N ALA C 126 -3.98 25.63 7.98
CA ALA C 126 -5.21 25.64 8.75
C ALA C 126 -5.74 24.22 8.92
N VAL C 127 -6.61 24.04 9.91
CA VAL C 127 -7.11 22.71 10.24
C VAL C 127 -7.91 22.13 9.09
N GLU C 128 -8.57 22.98 8.30
CA GLU C 128 -9.42 22.48 7.22
C GLU C 128 -8.65 21.75 6.14
N HIS C 129 -7.34 22.00 6.03
CA HIS C 129 -6.51 21.37 5.01
C HIS C 129 -5.72 20.17 5.55
N ASP C 130 -5.97 19.77 6.80
CA ASP C 130 -5.14 18.74 7.43
C ASP C 130 -5.27 17.41 6.69
N ILE C 131 -6.49 16.93 6.51
CA ILE C 131 -6.69 15.60 5.94
C ILE C 131 -6.24 15.55 4.48
N ILE C 132 -6.76 16.47 3.67
CA ILE C 132 -6.39 16.51 2.25
C ILE C 132 -4.90 16.76 2.10
N GLY C 133 -4.33 17.59 2.97
CA GLY C 133 -2.89 17.84 2.89
C GLY C 133 -2.08 16.59 3.14
N GLU C 134 -2.54 15.73 4.04
CA GLU C 134 -1.84 14.48 4.32
C GLU C 134 -2.11 13.41 3.27
N LYS C 135 -3.29 13.42 2.67
CA LYS C 135 -3.77 12.27 1.90
C LYS C 135 -4.13 12.62 0.46
N LEU C 136 -3.66 13.76 -0.07
CA LEU C 136 -3.98 14.11 -1.44
C LEU C 136 -3.42 13.09 -2.42
N THR C 137 -2.13 12.76 -2.29
CA THR C 137 -1.51 11.78 -3.19
C THR C 137 -2.10 10.40 -2.98
N ASP C 138 -2.40 10.02 -1.73
CA ASP C 138 -3.02 8.73 -1.47
C ASP C 138 -4.38 8.63 -2.14
N LEU C 139 -5.19 9.68 -2.04
CA LEU C 139 -6.50 9.70 -2.68
C LEU C 139 -6.38 9.64 -4.19
N LEU C 140 -5.46 10.41 -4.77
CA LEU C 140 -5.29 10.41 -6.21
C LEU C 140 -4.83 9.04 -6.72
N ASP C 141 -3.89 8.41 -6.01
CA ASP C 141 -3.42 7.09 -6.42
C ASP C 141 -4.48 6.02 -6.19
N SER C 142 -5.37 6.22 -5.21
CA SER C 142 -6.39 5.22 -4.91
C SER C 142 -7.42 5.08 -6.03
N VAL C 143 -7.54 6.07 -6.91
CA VAL C 143 -8.46 6.01 -8.03
C VAL C 143 -7.73 6.17 -9.36
N ASP C 144 -6.42 5.93 -9.36
CA ASP C 144 -5.62 5.86 -10.59
C ASP C 144 -5.69 7.18 -11.37
N ILE C 145 -5.53 8.29 -10.67
CA ILE C 145 -5.48 9.61 -11.28
C ILE C 145 -4.02 10.08 -11.26
N PRO C 146 -3.37 10.19 -12.42
CA PRO C 146 -1.93 10.54 -12.42
C PRO C 146 -1.72 12.00 -12.03
N TYR C 147 -0.78 12.23 -11.14
CA TYR C 147 -0.39 13.56 -10.71
C TYR C 147 1.09 13.79 -10.96
N LYS C 148 1.54 15.02 -10.74
CA LYS C 148 2.94 15.37 -10.89
C LYS C 148 3.23 16.62 -10.08
N GLU C 149 4.14 16.52 -9.13
CA GLU C 149 4.50 17.68 -8.32
C GLU C 149 5.18 18.73 -9.19
N LEU C 150 4.79 19.99 -8.99
CA LEU C 150 5.36 21.09 -9.76
C LEU C 150 6.85 21.24 -9.46
N ASP C 151 7.65 21.33 -10.51
CA ASP C 151 9.07 21.63 -10.39
C ASP C 151 9.21 23.14 -10.52
N TYR C 152 9.35 23.83 -9.38
CA TYR C 152 9.44 25.28 -9.39
C TYR C 152 10.72 25.76 -10.08
N GLU C 153 11.73 24.91 -10.18
CA GLU C 153 12.94 25.27 -10.92
C GLU C 153 12.73 25.18 -12.42
N ASN C 154 11.81 24.30 -12.88
CA ASN C 154 11.51 24.12 -14.30
C ASN C 154 10.00 23.87 -14.44
N SER C 155 9.21 24.92 -14.25
CA SER C 155 7.76 24.78 -14.28
C SER C 155 7.25 24.49 -15.69
N GLU C 156 7.99 24.92 -16.72
CA GLU C 156 7.60 24.60 -18.08
C GLU C 156 7.70 23.10 -18.34
N GLY C 157 8.74 22.46 -17.78
CA GLY C 157 8.90 21.02 -17.95
C GLY C 157 7.80 20.21 -17.31
N THR C 158 7.29 20.67 -16.16
CA THR C 158 6.17 19.96 -15.52
C THR C 158 4.92 20.03 -16.39
N ILE C 159 4.62 21.21 -16.93
CA ILE C 159 3.49 21.35 -17.85
C ILE C 159 3.69 20.44 -19.05
N LEU C 160 4.92 20.35 -19.56
CA LEU C 160 5.19 19.51 -20.73
C LEU C 160 5.00 18.04 -20.42
N ASP C 161 5.45 17.58 -19.25
CA ASP C 161 5.23 16.20 -18.84
C ASP C 161 3.74 15.91 -18.71
N ALA C 162 3.00 16.84 -18.11
CA ALA C 162 1.55 16.66 -17.98
C ALA C 162 0.89 16.55 -19.35
N LEU C 163 1.27 17.41 -20.29
CA LEU C 163 0.66 17.37 -21.62
C LEU C 163 1.04 16.10 -22.36
N PHE C 164 2.27 15.62 -22.16
CA PHE C 164 2.68 14.36 -22.78
C PHE C 164 1.84 13.20 -22.27
N LEU C 165 1.64 13.14 -20.94
CA LEU C 165 0.77 12.10 -20.39
C LEU C 165 -0.66 12.23 -20.89
N ILE C 166 -1.17 13.47 -20.97
CA ILE C 166 -2.52 13.69 -21.47
C ILE C 166 -2.66 13.15 -22.89
N GLU C 167 -1.69 13.47 -23.74
CA GLU C 167 -1.72 12.95 -25.12
C GLU C 167 -1.67 11.43 -25.13
N LYS C 168 -0.84 10.84 -24.27
CA LYS C 168 -0.63 9.40 -24.33
C LYS C 168 -1.85 8.63 -23.84
N THR C 169 -2.54 9.13 -22.81
CA THR C 169 -3.64 8.38 -22.21
C THR C 169 -5.02 8.92 -22.53
N ASN C 170 -5.11 10.14 -23.08
CA ASN C 170 -6.40 10.77 -23.39
C ASN C 170 -7.30 10.84 -22.14
N ARG C 171 -6.67 10.92 -20.97
CA ARG C 171 -7.36 11.02 -19.70
C ARG C 171 -6.79 12.17 -18.91
N PRO C 172 -7.59 12.79 -18.03
CA PRO C 172 -7.10 13.95 -17.29
C PRO C 172 -5.95 13.59 -16.37
N VAL C 173 -4.95 14.47 -16.30
CA VAL C 173 -3.86 14.36 -15.35
C VAL C 173 -3.80 15.65 -14.55
N ALA C 174 -3.19 15.58 -13.37
CA ALA C 174 -3.14 16.69 -12.45
C ALA C 174 -1.70 17.08 -12.14
N ILE C 175 -1.52 18.35 -11.77
CA ILE C 175 -0.27 18.81 -11.18
C ILE C 175 -0.58 19.37 -9.80
N LEU C 176 0.35 19.18 -8.88
CA LEU C 176 0.16 19.54 -7.47
C LEU C 176 1.01 20.77 -7.16
N ILE C 177 0.36 21.83 -6.71
CA ILE C 177 1.01 23.10 -6.44
C ILE C 177 0.94 23.34 -4.93
N LYS C 178 2.09 23.25 -4.26
CA LYS C 178 2.17 23.42 -2.82
C LYS C 178 2.74 24.77 -2.39
N ASP C 179 3.52 25.42 -3.25
CA ASP C 179 4.04 26.75 -2.98
C ASP C 179 3.30 27.78 -3.82
N GLU C 180 3.44 29.05 -3.42
CA GLU C 180 2.65 30.11 -4.02
C GLU C 180 3.09 30.40 -5.44
N ILE C 181 2.11 30.61 -6.32
CA ILE C 181 2.37 30.99 -7.70
C ILE C 181 1.60 32.26 -8.05
N MET D 1 -48.71 13.71 -20.52
CA MET D 1 -47.89 13.16 -21.58
C MET D 1 -46.67 12.41 -21.02
N ASN D 2 -46.32 11.30 -21.66
CA ASN D 2 -45.19 10.50 -21.23
C ASN D 2 -43.90 11.05 -21.83
N LYS D 3 -42.77 10.48 -21.40
CA LYS D 3 -41.47 10.94 -21.87
C LYS D 3 -41.30 10.69 -23.37
N HIS D 4 -41.94 9.63 -23.89
CA HIS D 4 -41.88 9.36 -25.32
C HIS D 4 -42.35 10.56 -26.13
N ASP D 5 -43.52 11.10 -25.76
CA ASP D 5 -44.09 12.22 -26.50
C ASP D 5 -43.21 13.46 -26.40
N ALA D 6 -42.69 13.75 -25.21
CA ALA D 6 -41.82 14.92 -25.03
C ALA D 6 -40.56 14.80 -25.89
N ILE D 7 -39.92 13.63 -25.86
CA ILE D 7 -38.68 13.44 -26.60
C ILE D 7 -38.95 13.52 -28.10
N GLN D 8 -40.01 12.85 -28.58
CA GLN D 8 -40.32 12.89 -30.00
C GLN D 8 -40.68 14.31 -30.44
N LEU D 9 -41.35 15.05 -29.57
CA LEU D 9 -41.77 16.42 -29.91
C LEU D 9 -40.57 17.33 -30.04
N ILE D 10 -39.67 17.30 -29.05
CA ILE D 10 -38.48 18.15 -29.14
C ILE D 10 -37.59 17.71 -30.28
N LEU D 11 -37.56 16.40 -30.58
CA LEU D 11 -36.78 15.93 -31.73
C LEU D 11 -37.34 16.46 -33.04
N GLY D 12 -38.68 16.47 -33.16
CA GLY D 12 -39.30 17.06 -34.33
C GLY D 12 -39.05 18.55 -34.46
N GLN D 13 -39.00 19.26 -33.33
CA GLN D 13 -38.74 20.70 -33.39
C GLN D 13 -37.30 21.00 -33.79
N PHE D 14 -36.34 20.26 -33.22
CA PHE D 14 -34.91 20.48 -33.47
C PHE D 14 -34.30 19.20 -34.03
N PRO D 15 -34.47 18.94 -35.33
CA PRO D 15 -33.90 17.71 -35.89
C PRO D 15 -32.40 17.76 -36.05
N SER D 16 -31.82 18.92 -36.36
CA SER D 16 -30.39 19.06 -36.56
C SER D 16 -29.65 19.45 -35.29
N ALA D 17 -30.29 19.35 -34.13
CA ALA D 17 -29.68 19.79 -32.89
C ALA D 17 -28.79 18.70 -32.29
N TYR D 18 -27.96 19.12 -31.33
CA TYR D 18 -27.13 18.21 -30.57
C TYR D 18 -27.73 18.05 -29.17
N LEU D 19 -27.74 16.83 -28.66
CA LEU D 19 -28.43 16.52 -27.42
C LEU D 19 -27.45 16.00 -26.37
N VAL D 20 -27.66 16.43 -25.13
CA VAL D 20 -26.91 15.97 -23.98
C VAL D 20 -27.94 15.53 -22.94
N SER D 21 -28.19 14.23 -22.87
CA SER D 21 -29.16 13.70 -21.92
C SER D 21 -28.48 13.31 -20.61
N THR D 22 -29.23 13.38 -19.52
CA THR D 22 -28.70 13.02 -18.22
C THR D 22 -28.78 11.52 -18.01
N CYS D 23 -28.13 11.05 -16.94
CA CYS D 23 -28.09 9.63 -16.65
C CYS D 23 -29.43 9.14 -16.10
N GLY D 24 -29.70 7.86 -16.29
CA GLY D 24 -30.93 7.27 -15.81
C GLY D 24 -31.90 6.91 -16.91
N HIS D 25 -33.20 7.08 -16.64
CA HIS D 25 -34.21 6.68 -17.61
C HIS D 25 -34.24 7.60 -18.82
N ILE D 26 -33.81 8.85 -18.66
CA ILE D 26 -33.93 9.83 -19.75
C ILE D 26 -33.04 9.44 -20.92
N SER D 27 -31.78 9.12 -20.65
CA SER D 27 -30.86 8.75 -21.73
C SER D 27 -31.33 7.48 -22.43
N ARG D 28 -31.85 6.51 -21.68
CA ARG D 28 -32.29 5.26 -22.30
C ARG D 28 -33.54 5.47 -23.15
N ASP D 29 -34.48 6.29 -22.66
CA ASP D 29 -35.67 6.60 -23.46
C ASP D 29 -35.28 7.34 -24.73
N LEU D 30 -34.38 8.31 -24.63
CA LEU D 30 -33.93 9.03 -25.81
C LEU D 30 -33.24 8.10 -26.80
N TYR D 31 -32.43 7.16 -26.29
CA TYR D 31 -31.73 6.23 -27.16
C TYR D 31 -32.70 5.29 -27.85
N ASN D 32 -33.72 4.81 -27.14
CA ASN D 32 -34.67 3.88 -27.75
C ASN D 32 -35.62 4.58 -28.71
N ILE D 33 -35.94 5.85 -28.48
CA ILE D 33 -36.80 6.58 -29.41
C ILE D 33 -36.07 6.84 -30.72
N ASN D 34 -34.85 7.38 -30.64
CA ASN D 34 -34.10 7.72 -31.84
C ASN D 34 -32.62 7.72 -31.50
N ASP D 35 -31.88 6.72 -31.99
CA ASP D 35 -30.44 6.64 -31.79
C ASP D 35 -29.77 7.58 -32.80
N ARG D 36 -29.47 8.80 -32.36
CA ARG D 36 -28.85 9.79 -33.22
C ARG D 36 -27.36 9.91 -32.90
N ALA D 37 -26.56 10.04 -33.96
CA ALA D 37 -25.13 10.32 -33.75
C ALA D 37 -24.93 11.66 -33.08
N ARG D 38 -25.86 12.59 -33.27
CA ARG D 38 -25.83 13.90 -32.63
C ARG D 38 -26.35 13.86 -31.19
N ASN D 39 -26.58 12.67 -30.65
CA ASN D 39 -26.99 12.50 -29.27
C ASN D 39 -25.79 12.10 -28.43
N PHE D 40 -25.62 12.77 -27.30
CA PHE D 40 -24.54 12.48 -26.35
C PHE D 40 -25.17 11.99 -25.06
N TYR D 41 -25.18 10.67 -24.86
CA TYR D 41 -25.73 10.09 -23.65
C TYR D 41 -24.69 10.11 -22.54
N MET D 42 -25.10 10.59 -21.37
CA MET D 42 -24.24 10.60 -20.19
C MET D 42 -24.65 9.44 -19.29
N VAL D 43 -23.80 8.41 -19.21
CA VAL D 43 -24.14 7.23 -18.44
C VAL D 43 -24.01 7.48 -16.95
N GLY D 44 -23.12 8.40 -16.54
CA GLY D 44 -22.94 8.70 -15.14
C GLY D 44 -22.85 10.18 -14.86
N SER D 45 -22.26 10.55 -13.73
CA SER D 45 -22.08 11.95 -13.33
C SER D 45 -23.42 12.70 -13.34
N MET D 46 -24.29 12.30 -12.43
CA MET D 46 -25.61 12.91 -12.34
C MET D 46 -25.49 14.39 -12.00
N GLY D 47 -26.26 15.21 -12.72
CA GLY D 47 -26.19 16.65 -12.56
C GLY D 47 -25.10 17.32 -13.37
N MET D 48 -24.51 16.61 -14.33
CA MET D 48 -23.41 17.14 -15.11
C MET D 48 -23.75 17.29 -16.59
N ALA D 49 -25.02 17.16 -16.96
CA ALA D 49 -25.42 17.39 -18.35
C ALA D 49 -25.45 18.87 -18.69
N ALA D 50 -25.98 19.69 -17.78
CA ALA D 50 -25.98 21.13 -18.01
C ALA D 50 -24.57 21.72 -18.08
N PRO D 51 -23.60 21.31 -17.25
CA PRO D 51 -22.23 21.83 -17.45
C PRO D 51 -21.63 21.52 -18.82
N VAL D 52 -21.72 20.27 -19.27
CA VAL D 52 -21.14 19.93 -20.57
C VAL D 52 -21.90 20.60 -21.69
N GLY D 53 -23.22 20.75 -21.54
CA GLY D 53 -23.98 21.49 -22.54
C GLY D 53 -23.58 22.95 -22.60
N LEU D 54 -23.34 23.56 -21.44
CA LEU D 54 -22.88 24.95 -21.40
C LEU D 54 -21.52 25.09 -22.06
N GLY D 55 -20.62 24.13 -21.81
CA GLY D 55 -19.32 24.17 -22.47
C GLY D 55 -19.42 24.02 -23.98
N LEU D 56 -20.25 23.06 -24.43
CA LEU D 56 -20.46 22.88 -25.86
C LEU D 56 -21.02 24.14 -26.51
N SER D 57 -21.97 24.81 -25.84
CA SER D 57 -22.48 26.06 -26.36
C SER D 57 -21.42 27.17 -26.33
N THR D 58 -20.51 27.13 -25.35
CA THR D 58 -19.46 28.12 -25.28
C THR D 58 -18.51 27.99 -26.48
N VAL D 59 -18.09 26.78 -26.80
CA VAL D 59 -17.18 26.63 -27.94
C VAL D 59 -17.92 26.81 -29.26
N TYR D 60 -19.18 26.38 -29.34
CA TYR D 60 -19.98 26.48 -30.55
C TYR D 60 -21.25 27.26 -30.24
N PRO D 61 -21.19 28.59 -30.25
CA PRO D 61 -22.40 29.36 -29.89
C PRO D 61 -23.50 29.25 -30.91
N ASP D 62 -23.17 29.18 -32.21
CA ASP D 62 -24.19 29.22 -33.25
C ASP D 62 -24.89 27.87 -33.44
N VAL D 63 -24.26 26.76 -33.07
CA VAL D 63 -24.93 25.47 -33.23
C VAL D 63 -26.02 25.35 -32.17
N PRO D 64 -27.18 24.76 -32.50
CA PRO D 64 -28.22 24.59 -31.48
C PRO D 64 -28.08 23.27 -30.74
N LEU D 65 -28.13 23.32 -29.41
CA LEU D 65 -28.04 22.11 -28.60
C LEU D 65 -28.98 22.22 -27.41
N VAL D 66 -29.60 21.10 -27.05
CA VAL D 66 -30.54 21.05 -25.94
C VAL D 66 -29.97 20.12 -24.87
N VAL D 67 -30.50 20.26 -23.66
CA VAL D 67 -30.08 19.45 -22.52
C VAL D 67 -31.32 18.81 -21.92
N LEU D 68 -31.38 17.48 -21.97
CA LEU D 68 -32.50 16.73 -21.41
C LEU D 68 -32.22 16.48 -19.92
N ASP D 69 -32.84 17.30 -19.07
CA ASP D 69 -32.71 17.17 -17.63
C ASP D 69 -34.00 16.62 -17.03
N GLY D 70 -33.86 15.93 -15.89
CA GLY D 70 -34.98 15.57 -15.07
C GLY D 70 -35.09 16.50 -13.87
N ASP D 71 -36.13 16.27 -13.07
CA ASP D 71 -36.28 17.06 -11.84
C ASP D 71 -35.13 16.80 -10.89
N GLY D 72 -34.78 15.53 -10.69
CA GLY D 72 -33.69 15.21 -9.78
C GLY D 72 -32.34 15.72 -10.27
N SER D 73 -32.06 15.51 -11.56
CA SER D 73 -30.77 15.96 -12.11
C SER D 73 -30.67 17.48 -12.11
N PHE D 74 -31.76 18.17 -12.44
CA PHE D 74 -31.76 19.62 -12.39
C PHE D 74 -31.57 20.12 -10.97
N LEU D 75 -32.27 19.52 -10.01
CA LEU D 75 -32.16 19.98 -8.63
C LEU D 75 -30.80 19.68 -8.04
N MET D 76 -30.14 18.62 -8.49
CA MET D 76 -28.86 18.21 -7.91
C MET D 76 -27.82 19.31 -8.07
N ASN D 77 -27.65 19.82 -9.30
CA ASN D 77 -26.69 20.89 -9.57
C ASN D 77 -27.41 22.05 -10.27
N MET D 78 -28.54 22.47 -9.68
CA MET D 78 -29.23 23.68 -10.15
C MET D 78 -28.32 24.89 -10.19
N GLY D 79 -27.36 24.98 -9.27
CA GLY D 79 -26.47 26.13 -9.17
C GLY D 79 -25.84 26.58 -10.47
N ILE D 80 -25.88 25.73 -11.50
CA ILE D 80 -25.32 26.08 -12.80
C ILE D 80 -26.23 27.00 -13.61
N ILE D 81 -27.49 27.17 -13.20
CA ILE D 81 -28.35 28.11 -13.91
C ILE D 81 -27.78 29.52 -13.81
N THR D 82 -27.04 29.81 -12.74
CA THR D 82 -26.39 31.11 -12.64
C THR D 82 -25.30 31.27 -13.69
N MET D 83 -24.46 30.23 -13.86
CA MET D 83 -23.43 30.29 -14.91
C MET D 83 -24.06 30.34 -16.30
N ILE D 84 -25.21 29.69 -16.48
CA ILE D 84 -25.89 29.71 -17.77
C ILE D 84 -26.42 31.11 -18.06
N GLY D 85 -27.08 31.74 -17.08
CA GLY D 85 -27.57 33.09 -17.25
C GLY D 85 -26.48 34.14 -17.26
N HIS D 86 -25.27 33.79 -16.80
CA HIS D 86 -24.16 34.72 -16.88
C HIS D 86 -23.47 34.64 -18.24
N GLN D 87 -23.18 33.42 -18.71
CA GLN D 87 -22.57 33.26 -20.02
C GLN D 87 -23.54 33.61 -21.15
N LYS D 88 -24.84 33.51 -20.90
CA LYS D 88 -25.87 33.83 -21.86
C LYS D 88 -25.64 33.21 -23.25
N PRO D 89 -25.58 31.88 -23.35
CA PRO D 89 -25.46 31.25 -24.67
C PRO D 89 -26.75 31.43 -25.47
N LYS D 90 -26.60 31.93 -26.70
CA LYS D 90 -27.77 32.30 -27.50
C LYS D 90 -28.56 31.09 -27.97
N ASN D 91 -27.89 29.97 -28.25
CA ASN D 91 -28.55 28.80 -28.81
C ASN D 91 -28.63 27.65 -27.80
N PHE D 92 -28.69 27.96 -26.51
CA PHE D 92 -28.80 26.95 -25.47
C PHE D 92 -30.26 26.70 -25.15
N ILE D 93 -30.65 25.43 -25.14
CA ILE D 93 -32.01 25.02 -24.84
C ILE D 93 -31.97 24.10 -23.62
N HIS D 94 -32.78 24.40 -22.61
CA HIS D 94 -32.76 23.69 -21.34
C HIS D 94 -34.12 23.03 -21.13
N VAL D 95 -34.15 21.70 -21.24
CA VAL D 95 -35.38 20.93 -21.06
C VAL D 95 -35.33 20.24 -19.71
N VAL D 96 -36.42 20.35 -18.95
CA VAL D 96 -36.53 19.75 -17.62
C VAL D 96 -37.80 18.92 -17.62
N LEU D 97 -37.67 17.59 -17.72
CA LEU D 97 -38.81 16.69 -17.67
C LEU D 97 -39.11 16.38 -16.20
N ASP D 98 -40.08 17.10 -15.64
CA ASP D 98 -40.41 17.02 -14.22
C ASP D 98 -41.45 15.92 -14.03
N ASN D 99 -41.01 14.77 -13.51
CA ASN D 99 -41.91 13.71 -13.10
C ASN D 99 -42.11 13.65 -11.59
N GLY D 100 -41.52 14.59 -10.85
CA GLY D 100 -41.74 14.70 -9.43
C GLY D 100 -41.10 13.62 -8.58
N MET D 101 -40.31 12.74 -9.16
CA MET D 101 -39.72 11.64 -8.40
C MET D 101 -38.40 11.23 -9.05
N HIS D 102 -37.64 10.41 -8.31
CA HIS D 102 -36.40 9.82 -8.82
C HIS D 102 -36.77 8.50 -9.50
N GLU D 103 -37.20 8.61 -10.76
CA GLU D 103 -37.76 7.47 -11.49
C GLU D 103 -36.73 6.37 -11.72
N SER D 104 -35.51 6.76 -12.09
CA SER D 104 -34.49 5.79 -12.47
C SER D 104 -34.01 4.92 -11.31
N THR D 105 -34.42 5.23 -10.07
CA THR D 105 -34.02 4.46 -8.90
C THR D 105 -35.18 3.80 -8.17
N GLY D 106 -36.43 4.08 -8.56
CA GLY D 106 -37.57 3.47 -7.91
C GLY D 106 -38.70 4.43 -7.64
N GLY D 107 -38.53 5.69 -8.07
CA GLY D 107 -39.57 6.67 -7.87
C GLY D 107 -39.51 7.38 -6.53
N GLN D 108 -38.32 7.59 -5.99
CA GLN D 108 -38.18 8.27 -4.71
C GLN D 108 -38.60 9.72 -4.81
N ARG D 109 -39.17 10.24 -3.74
CA ARG D 109 -39.65 11.62 -3.71
C ARG D 109 -38.47 12.59 -3.83
N THR D 110 -38.51 13.43 -4.85
CA THR D 110 -37.54 14.50 -5.02
C THR D 110 -38.05 15.75 -4.31
N VAL D 111 -37.11 16.66 -4.02
CA VAL D 111 -37.50 17.97 -3.50
C VAL D 111 -38.41 18.65 -4.52
N PRO D 112 -39.55 19.22 -4.12
CA PRO D 112 -40.49 19.78 -5.11
C PRO D 112 -39.87 20.93 -5.90
N LEU D 113 -39.83 20.76 -7.22
CA LEU D 113 -39.40 21.81 -8.11
C LEU D 113 -40.51 22.85 -8.23
N VAL D 114 -40.20 24.10 -7.88
CA VAL D 114 -41.21 25.13 -7.73
C VAL D 114 -40.80 26.36 -8.53
N ASN D 115 -41.69 26.83 -9.40
CA ASN D 115 -41.54 28.09 -10.12
C ASN D 115 -40.20 28.14 -10.87
N VAL D 116 -39.96 27.09 -11.67
CA VAL D 116 -38.68 26.99 -12.37
C VAL D 116 -38.56 28.05 -13.46
N THR D 117 -39.65 28.34 -14.16
CA THR D 117 -39.61 29.32 -15.24
C THR D 117 -39.26 30.71 -14.71
N ASP D 118 -39.87 31.11 -13.60
CA ASP D 118 -39.58 32.41 -13.02
C ASP D 118 -38.13 32.50 -12.58
N ILE D 119 -37.62 31.46 -11.92
CA ILE D 119 -36.23 31.46 -11.47
C ILE D 119 -35.29 31.55 -12.66
N ALA D 120 -35.60 30.82 -13.74
CA ALA D 120 -34.79 30.90 -14.95
C ALA D 120 -34.78 32.31 -15.52
N LEU D 121 -35.96 32.93 -15.61
CA LEU D 121 -36.03 34.30 -16.11
C LEU D 121 -35.27 35.26 -15.21
N GLN D 122 -35.20 34.98 -13.92
CA GLN D 122 -34.48 35.87 -13.00
C GLN D 122 -32.97 35.70 -13.11
N VAL D 123 -32.49 34.47 -13.32
CA VAL D 123 -31.05 34.23 -13.32
C VAL D 123 -30.38 34.59 -14.64
N GLY D 124 -31.14 34.94 -15.67
CA GLY D 124 -30.55 35.41 -16.90
C GLY D 124 -31.00 34.71 -18.17
N TYR D 125 -31.99 33.83 -18.05
CA TYR D 125 -32.52 33.16 -19.24
C TYR D 125 -33.32 34.15 -20.08
N GLU D 126 -33.10 34.09 -21.39
CA GLU D 126 -33.83 34.99 -22.30
C GLU D 126 -35.31 34.68 -22.32
N TYR D 127 -35.67 33.41 -22.15
CA TYR D 127 -37.08 33.01 -22.10
C TYR D 127 -37.18 31.70 -21.33
N ALA D 128 -38.40 31.36 -20.95
CA ALA D 128 -38.69 30.11 -20.26
C ALA D 128 -40.18 29.83 -20.35
N ILE D 129 -40.53 28.65 -20.85
CA ILE D 129 -41.92 28.29 -21.06
C ILE D 129 -42.25 27.04 -20.25
N GLU D 130 -43.49 26.98 -19.78
CA GLU D 130 -44.03 25.81 -19.10
C GLU D 130 -45.03 25.13 -20.03
N ILE D 131 -45.01 23.81 -20.04
CA ILE D 131 -45.74 23.02 -21.03
C ILE D 131 -46.83 22.23 -20.35
N ASN D 132 -48.06 22.35 -20.87
CA ASN D 132 -49.18 21.54 -20.41
C ASN D 132 -49.10 20.15 -21.01
N SER D 133 -49.49 19.15 -20.23
CA SER D 133 -49.40 17.75 -20.65
C SER D 133 -50.40 17.39 -21.74
N GLY D 134 -51.15 18.33 -22.32
CA GLY D 134 -52.15 18.00 -23.31
C GLY D 134 -51.77 18.32 -24.74
N GLN D 135 -51.23 19.51 -24.97
CA GLN D 135 -51.02 20.03 -26.31
C GLN D 135 -49.59 19.75 -26.79
N LYS D 136 -49.39 19.93 -28.10
CA LYS D 136 -48.12 19.68 -28.76
C LYS D 136 -47.81 20.85 -29.70
N SER D 137 -46.92 21.73 -29.28
CA SER D 137 -46.49 22.86 -30.09
C SER D 137 -45.32 23.55 -29.38
N PHE D 138 -44.39 24.06 -30.19
CA PHE D 138 -43.21 24.76 -29.68
C PHE D 138 -43.15 26.16 -30.26
N ASP D 139 -43.25 27.17 -29.40
CA ASP D 139 -43.13 28.57 -29.79
C ASP D 139 -42.21 29.25 -28.80
N LEU D 140 -41.09 29.77 -29.30
CA LEU D 140 -40.07 30.37 -28.45
C LEU D 140 -39.33 31.43 -29.25
N PRO D 141 -38.73 32.41 -28.59
CA PRO D 141 -37.85 33.34 -29.30
C PRO D 141 -36.64 32.61 -29.86
N ASN D 142 -36.11 33.12 -30.98
CA ASN D 142 -34.96 32.49 -31.61
C ASN D 142 -33.71 32.61 -30.75
N GLU D 143 -33.57 33.70 -30.01
CA GLU D 143 -32.39 33.95 -29.19
C GLU D 143 -32.63 33.46 -27.77
N GLY D 144 -31.67 32.70 -27.24
CA GLY D 144 -31.75 32.18 -25.90
C GLY D 144 -30.83 32.90 -24.94
N PRO D 145 -30.46 32.24 -23.82
CA PRO D 145 -30.79 30.87 -23.44
C PRO D 145 -32.25 30.68 -23.07
N GLY D 146 -32.77 29.48 -23.26
CA GLY D 146 -34.18 29.20 -22.98
C GLY D 146 -34.34 27.93 -22.18
N LEU D 147 -35.33 27.95 -21.29
CA LEU D 147 -35.68 26.79 -20.48
C LEU D 147 -37.07 26.30 -20.89
N ILE D 148 -37.24 24.97 -20.87
CA ILE D 148 -38.50 24.34 -21.24
C ILE D 148 -38.88 23.38 -20.12
N HIS D 149 -39.88 23.76 -19.33
CA HIS D 149 -40.37 22.92 -18.24
C HIS D 149 -41.52 22.07 -18.74
N ILE D 150 -41.35 20.75 -18.69
CA ILE D 150 -42.35 19.80 -19.17
C ILE D 150 -42.64 18.83 -18.02
N LYS D 151 -43.86 18.92 -17.48
CA LYS D 151 -44.30 17.94 -16.50
C LYS D 151 -44.69 16.65 -17.23
N VAL D 152 -44.13 15.53 -16.78
CA VAL D 152 -44.32 14.25 -17.43
C VAL D 152 -44.91 13.26 -16.43
N GLU D 153 -45.83 12.43 -16.91
CA GLU D 153 -46.47 11.42 -16.07
C GLU D 153 -45.52 10.24 -15.85
N PRO D 154 -45.68 9.51 -14.75
CA PRO D 154 -44.86 8.31 -14.53
C PRO D 154 -45.00 7.33 -15.70
N ARG D 155 -43.86 6.78 -16.12
CA ARG D 155 -43.84 5.95 -17.32
C ARG D 155 -44.69 4.69 -17.13
N SER D 156 -45.61 4.46 -18.06
CA SER D 156 -46.42 3.25 -18.05
C SER D 156 -45.72 2.08 -18.73
N GLU D 157 -44.89 2.35 -19.73
CA GLU D 157 -44.15 1.31 -20.43
C GLU D 157 -42.90 0.92 -19.63
N LYS D 158 -42.32 -0.21 -19.99
CA LYS D 158 -41.08 -0.65 -19.36
C LYS D 158 -39.92 0.19 -19.86
N ILE D 159 -38.80 0.12 -19.12
CA ILE D 159 -37.67 0.99 -19.40
C ILE D 159 -37.04 0.66 -20.75
N GLY D 160 -37.03 -0.62 -21.13
CA GLY D 160 -36.49 -1.02 -22.41
C GLY D 160 -34.99 -1.19 -22.39
N LYS D 161 -34.44 -1.27 -23.61
CA LYS D 161 -33.02 -1.54 -23.78
C LYS D 161 -32.16 -0.38 -23.27
N ARG D 162 -30.99 -0.73 -22.75
CA ARG D 162 -29.99 0.24 -22.33
C ARG D 162 -29.06 0.57 -23.49
N VAL D 163 -28.39 1.72 -23.38
CA VAL D 163 -27.50 2.18 -24.44
C VAL D 163 -26.39 1.16 -24.64
N HIS D 164 -26.25 0.69 -25.89
CA HIS D 164 -25.23 -0.31 -26.21
C HIS D 164 -23.90 0.32 -26.61
N TRP D 165 -23.90 1.59 -27.03
CA TRP D 165 -22.65 2.25 -27.39
C TRP D 165 -21.75 2.37 -26.17
N THR D 166 -20.46 2.08 -26.38
CA THR D 166 -19.48 2.32 -25.33
C THR D 166 -19.22 3.83 -25.25
N PRO D 167 -18.77 4.32 -24.08
CA PRO D 167 -18.50 5.76 -23.96
C PRO D 167 -17.59 6.32 -25.03
N GLN D 168 -16.55 5.58 -25.42
CA GLN D 168 -15.67 6.05 -26.49
C GLN D 168 -16.41 6.16 -27.81
N GLU D 169 -17.29 5.21 -28.10
CA GLU D 169 -18.09 5.27 -29.32
C GLU D 169 -19.03 6.47 -29.31
N ILE D 170 -19.63 6.76 -28.15
CA ILE D 170 -20.47 7.94 -28.03
C ILE D 170 -19.65 9.20 -28.29
N VAL D 171 -18.46 9.28 -27.69
CA VAL D 171 -17.60 10.44 -27.85
C VAL D 171 -17.26 10.66 -29.32
N GLN D 172 -16.86 9.59 -30.02
CA GLN D 172 -16.46 9.74 -31.41
C GLN D 172 -17.65 10.08 -32.30
N ARG D 173 -18.78 9.38 -32.11
CA ARG D 173 -19.96 9.66 -32.92
C ARG D 173 -20.45 11.09 -32.74
N PHE D 174 -20.27 11.66 -31.55
CA PHE D 174 -20.70 13.03 -31.31
C PHE D 174 -19.70 14.04 -31.86
N THR D 175 -18.41 13.83 -31.58
CA THR D 175 -17.41 14.82 -31.94
C THR D 175 -17.16 14.85 -33.44
N ASN D 176 -17.31 13.72 -34.13
CA ASN D 176 -17.20 13.73 -35.59
C ASN D 176 -18.28 14.61 -36.20
N GLU D 177 -19.53 14.41 -35.76
CA GLU D 177 -20.63 15.23 -36.25
C GLU D 177 -20.40 16.70 -35.93
N LEU D 178 -19.93 17.02 -34.73
CA LEU D 178 -19.71 18.43 -34.37
C LEU D 178 -18.63 19.06 -35.25
N THR D 179 -17.48 18.38 -35.36
CA THR D 179 -16.37 18.91 -36.16
C THR D 179 -16.77 19.12 -37.61
N LEU D 180 -17.55 18.19 -38.17
CA LEU D 180 -18.03 18.39 -39.53
C LEU D 180 -19.07 19.49 -39.60
N GLU D 181 -19.87 19.64 -38.54
CA GLU D 181 -20.94 20.64 -38.52
C GLU D 181 -20.36 22.04 -38.65
N ASN D 182 -19.51 22.42 -37.71
CA ASN D 182 -18.94 23.77 -37.81
C ASN D 182 -17.72 23.76 -38.72
N SER E 17 35.32 12.40 1.13
CA SER E 17 35.10 12.94 -0.20
C SER E 17 33.72 13.59 -0.29
N THR E 18 32.68 12.74 -0.32
CA THR E 18 31.31 13.24 -0.37
C THR E 18 30.86 13.81 0.98
N ALA E 19 31.21 13.11 2.07
CA ALA E 19 30.85 13.60 3.39
C ALA E 19 31.43 14.98 3.67
N GLU E 20 32.59 15.29 3.08
CA GLU E 20 33.15 16.63 3.23
C GLU E 20 32.25 17.69 2.61
N ARG E 21 31.76 17.43 1.40
CA ARG E 21 30.84 18.36 0.76
C ARG E 21 29.55 18.48 1.55
N MET E 22 29.02 17.35 2.05
CA MET E 22 27.80 17.39 2.84
C MET E 22 27.98 18.25 4.09
N LEU E 23 29.09 18.04 4.82
CA LEU E 23 29.33 18.81 6.03
C LEU E 23 29.57 20.28 5.74
N SER E 24 30.28 20.58 4.66
CA SER E 24 30.51 21.97 4.28
C SER E 24 29.20 22.67 3.98
N THR E 25 28.34 22.05 3.16
CA THR E 25 27.09 22.69 2.79
C THR E 25 26.13 22.73 3.98
N LEU E 26 26.26 21.81 4.93
CA LEU E 26 25.46 21.90 6.15
C LEU E 26 25.91 23.07 7.01
N THR E 27 27.23 23.26 7.15
CA THR E 27 27.72 24.35 7.98
C THR E 27 27.53 25.71 7.34
N GLU E 28 27.41 25.78 6.00
CA GLU E 28 27.08 27.05 5.38
C GLU E 28 25.66 27.50 5.71
N ASN E 29 24.74 26.54 5.88
CA ASN E 29 23.36 26.84 6.24
C ASN E 29 23.13 26.77 7.75
N ASN E 30 24.20 26.89 8.55
CA ASN E 30 24.13 27.03 10.00
C ASN E 30 23.69 25.73 10.70
N TYR E 31 24.01 24.58 10.11
CA TYR E 31 23.78 23.29 10.78
C TYR E 31 25.13 22.85 11.36
N THR E 32 25.38 23.25 12.60
CA THR E 32 26.68 23.07 13.24
C THR E 32 26.63 22.23 14.51
N HIS E 33 25.47 21.72 14.90
CA HIS E 33 25.33 20.90 16.10
C HIS E 33 24.95 19.48 15.71
N PHE E 34 25.73 18.51 16.20
CA PHE E 34 25.65 17.13 15.75
C PHE E 34 25.62 16.19 16.95
N THR E 35 24.81 15.14 16.84
CA THR E 35 24.84 13.99 17.74
C THR E 35 24.78 12.72 16.89
N GLY E 36 24.86 11.58 17.54
CA GLY E 36 24.63 10.33 16.85
C GLY E 36 25.49 9.20 17.37
N VAL E 37 25.27 8.02 16.79
CA VAL E 37 25.97 6.79 17.13
C VAL E 37 26.66 6.30 15.86
N PRO E 38 27.93 5.92 15.91
CA PRO E 38 28.67 5.65 14.67
C PRO E 38 28.16 4.44 13.91
N CYS E 39 28.36 4.49 12.59
CA CYS E 39 28.14 3.36 11.70
C CYS E 39 29.31 3.29 10.74
N SER E 40 29.57 2.08 10.22
CA SER E 40 30.72 1.89 9.33
C SER E 40 30.55 2.66 8.04
N LEU E 41 29.32 2.75 7.52
CA LEU E 41 29.09 3.46 6.27
C LEU E 41 29.28 4.97 6.44
N LEU E 42 29.04 5.49 7.64
CA LEU E 42 29.20 6.92 7.93
C LEU E 42 30.52 7.22 8.63
N LYS E 43 31.59 6.52 8.24
CA LYS E 43 32.86 6.66 8.94
C LYS E 43 33.51 8.01 8.69
N GLY E 44 33.49 8.48 7.44
CA GLY E 44 34.16 9.74 7.12
C GLY E 44 33.51 10.94 7.78
N PHE E 45 32.18 10.92 7.89
CA PHE E 45 31.48 12.04 8.53
C PHE E 45 31.82 12.12 10.01
N PHE E 46 31.87 10.97 10.70
CA PHE E 46 32.27 10.97 12.09
C PHE E 46 33.74 11.34 12.25
N ARG E 47 34.59 10.96 11.29
CA ARG E 47 35.99 11.38 11.32
C ARG E 47 36.10 12.89 11.24
N LEU E 48 35.33 13.52 10.34
CA LEU E 48 35.32 14.97 10.25
C LEU E 48 34.74 15.61 11.51
N LEU E 49 33.75 14.96 12.13
CA LEU E 49 33.17 15.51 13.35
C LEU E 49 34.16 15.47 14.51
N GLU E 50 34.94 14.40 14.61
CA GLU E 50 35.88 14.26 15.73
C GLU E 50 37.20 14.97 15.49
N SER E 51 37.56 15.23 14.22
CA SER E 51 38.82 15.90 13.94
C SER E 51 38.79 17.33 14.48
N LYS E 52 39.87 17.73 15.14
CA LYS E 52 39.92 19.03 15.80
C LYS E 52 39.97 20.18 14.79
N GLU E 53 40.60 19.97 13.64
CA GLU E 53 40.70 21.04 12.66
C GLU E 53 39.34 21.38 12.07
N ALA E 54 38.57 20.35 11.69
CA ALA E 54 37.26 20.60 11.11
C ALA E 54 36.29 21.20 12.13
N ILE E 55 36.51 20.92 13.41
CA ILE E 55 35.64 21.49 14.45
C ILE E 55 35.83 23.00 14.52
N GLU E 56 37.08 23.45 14.53
CA GLU E 56 37.35 24.88 14.71
C GLU E 56 36.96 25.68 13.47
N LYS E 57 37.35 25.19 12.29
CA LYS E 57 37.09 25.94 11.06
C LYS E 57 35.60 26.11 10.81
N GLN E 58 34.81 25.08 11.10
CA GLN E 58 33.38 25.07 10.78
C GLN E 58 32.50 25.27 11.99
N ASN E 59 33.08 25.56 13.16
CA ASN E 59 32.32 25.80 14.39
C ASN E 59 31.43 24.59 14.71
N ILE E 60 32.02 23.41 14.67
CA ILE E 60 31.28 22.17 14.82
C ILE E 60 31.11 21.86 16.30
N THR E 61 29.85 21.74 16.74
CA THR E 61 29.52 21.29 18.08
C THR E 61 29.02 19.85 17.99
N PHE E 62 29.71 18.94 18.67
CA PHE E 62 29.42 17.52 18.59
C PHE E 62 29.36 16.92 19.99
N ILE E 63 28.29 16.22 20.29
CA ILE E 63 28.08 15.56 21.58
C ILE E 63 28.10 14.06 21.34
N PRO E 64 29.15 13.35 21.75
CA PRO E 64 29.17 11.89 21.62
C PRO E 64 28.03 11.27 22.41
N SER E 65 27.32 10.33 21.78
CA SER E 65 26.12 9.74 22.33
C SER E 65 26.31 8.26 22.61
N ILE E 66 25.56 7.75 23.58
CA ILE E 66 25.61 6.33 23.92
C ILE E 66 24.56 5.53 23.15
N ARG E 67 23.42 6.15 22.83
CA ARG E 67 22.32 5.48 22.16
C ARG E 67 21.58 6.50 21.30
N GLU E 68 20.91 6.00 20.26
CA GLU E 68 20.29 6.90 19.29
C GLU E 68 19.15 7.72 19.90
N ASP E 69 18.41 7.16 20.87
CA ASP E 69 17.34 7.92 21.48
C ASP E 69 17.87 9.11 22.27
N SER E 70 18.95 8.91 23.03
CA SER E 70 19.56 10.02 23.75
C SER E 70 20.14 11.04 22.78
N ALA E 71 20.74 10.58 21.68
CA ALA E 71 21.26 11.51 20.68
C ALA E 71 20.15 12.36 20.09
N LEU E 72 19.02 11.74 19.75
CA LEU E 72 17.90 12.49 19.19
C LEU E 72 17.31 13.46 20.21
N GLY E 73 17.19 13.04 21.47
CA GLY E 73 16.70 13.94 22.49
C GLY E 73 17.61 15.13 22.71
N VAL E 74 18.92 14.90 22.73
CA VAL E 74 19.87 15.99 22.93
C VAL E 74 19.87 16.93 21.72
N ALA E 75 19.72 16.38 20.51
CA ALA E 75 19.62 17.23 19.32
C ALA E 75 18.36 18.08 19.37
N SER E 76 17.23 17.49 19.81
CA SER E 76 16.00 18.26 19.94
C SER E 76 16.14 19.36 20.99
N GLY E 77 16.79 19.05 22.10
CA GLY E 77 17.03 20.07 23.11
C GLY E 77 17.91 21.20 22.60
N MET E 78 18.96 20.85 21.86
CA MET E 78 19.82 21.87 21.27
C MET E 78 19.05 22.72 20.27
N TYR E 79 18.11 22.12 19.54
CA TYR E 79 17.22 22.91 18.68
C TYR E 79 16.37 23.85 19.51
N LEU E 80 15.91 23.39 20.68
CA LEU E 80 15.14 24.27 21.56
C LEU E 80 15.98 25.46 22.01
N GLY E 81 17.31 25.31 22.04
CA GLY E 81 18.21 26.39 22.32
C GLY E 81 18.48 27.33 21.18
N GLY E 82 17.69 27.27 20.11
CA GLY E 82 17.87 28.16 18.99
C GLY E 82 18.93 27.74 18.00
N ARG E 83 19.16 26.44 17.84
CA ARG E 83 20.18 25.93 16.94
C ARG E 83 19.57 24.95 15.95
N LYS E 84 20.29 24.71 14.86
CA LYS E 84 19.85 23.82 13.79
C LYS E 84 20.76 22.60 13.80
N CYS E 85 20.20 21.46 14.21
CA CYS E 85 20.98 20.26 14.48
C CYS E 85 20.63 19.16 13.48
N VAL E 86 21.56 18.22 13.34
CA VAL E 86 21.34 17.00 12.57
C VAL E 86 21.84 15.83 13.42
N MET E 87 21.36 14.63 13.07
CA MET E 87 21.76 13.42 13.77
C MET E 87 22.13 12.34 12.77
N LEU E 88 23.12 11.53 13.13
CA LEU E 88 23.60 10.42 12.31
C LEU E 88 23.36 9.13 13.05
N MET E 89 23.05 8.07 12.29
CA MET E 89 22.68 6.82 12.94
C MET E 89 22.71 5.68 11.94
N GLN E 90 22.85 4.47 12.46
CA GLN E 90 22.60 3.26 11.70
C GLN E 90 21.09 3.03 11.61
N ASN E 91 20.66 2.46 10.48
CA ASN E 91 19.23 2.26 10.28
C ASN E 91 18.62 1.35 11.33
N SER E 92 19.38 0.36 11.80
CA SER E 92 18.93 -0.46 12.92
C SER E 92 18.60 0.41 14.13
N GLY E 93 19.49 1.33 14.46
CA GLY E 93 19.27 2.24 15.56
C GLY E 93 17.97 3.02 15.46
N LEU E 94 17.39 3.08 14.25
CA LEU E 94 16.11 3.76 14.10
C LEU E 94 15.05 3.10 14.97
N GLY E 95 15.03 1.76 15.00
CA GLY E 95 14.14 1.02 15.88
C GLY E 95 14.35 1.30 17.36
N TYR E 96 15.42 2.03 17.72
CA TYR E 96 15.65 2.41 19.10
C TYR E 96 15.13 3.80 19.44
N CYS E 97 14.84 4.64 18.43
CA CYS E 97 14.43 6.01 18.70
C CYS E 97 13.13 6.38 17.99
N LEU E 98 12.47 5.43 17.33
CA LEU E 98 11.22 5.70 16.63
C LEU E 98 10.25 6.47 17.52
N ASN E 99 10.09 6.02 18.76
CA ASN E 99 9.16 6.66 19.68
C ASN E 99 9.42 8.16 19.79
N VAL E 100 10.69 8.53 19.91
CA VAL E 100 11.04 9.95 20.05
C VAL E 100 10.55 10.74 18.86
N LEU E 101 10.64 10.16 17.66
CA LEU E 101 10.13 10.85 16.48
C LEU E 101 8.61 10.88 16.47
N THR E 102 7.96 9.83 16.97
CA THR E 102 6.52 9.70 16.84
C THR E 102 5.75 10.37 17.97
N SER E 103 6.37 10.52 19.15
CA SER E 103 5.71 11.13 20.29
C SER E 103 6.29 12.49 20.68
N PHE E 104 7.47 12.85 20.17
CA PHE E 104 8.10 14.12 20.51
C PHE E 104 8.30 14.98 19.27
N ASN E 105 9.13 14.56 18.32
CA ASN E 105 9.53 15.44 17.23
C ASN E 105 8.34 15.81 16.35
N PHE E 106 7.61 14.82 15.84
CA PHE E 106 6.47 15.09 14.99
C PHE E 106 5.23 15.54 15.76
N ILE E 107 5.23 15.39 17.08
CA ILE E 107 4.13 15.93 17.90
C ILE E 107 4.39 17.39 18.25
N TYR E 108 5.62 17.71 18.66
CA TYR E 108 5.99 19.06 19.04
C TYR E 108 6.48 19.91 17.87
N ASP E 109 6.65 19.31 16.69
CA ASP E 109 7.21 19.99 15.52
C ASP E 109 8.59 20.56 15.83
N ILE E 110 9.52 19.66 16.14
CA ILE E 110 10.91 19.98 16.41
C ILE E 110 11.74 19.38 15.28
N PRO E 111 12.25 20.20 14.35
CA PRO E 111 12.94 19.65 13.17
C PRO E 111 14.37 19.22 13.48
N ILE E 112 14.68 17.98 13.13
CA ILE E 112 16.05 17.45 13.17
C ILE E 112 16.31 16.75 11.84
N LEU E 113 17.49 16.98 11.27
CA LEU E 113 17.89 16.30 10.04
C LEU E 113 18.51 14.96 10.40
N LEU E 114 18.02 13.89 9.77
CA LEU E 114 18.42 12.53 10.11
C LEU E 114 19.26 11.95 8.98
N LEU E 115 20.52 11.63 9.28
CA LEU E 115 21.41 10.99 8.34
C LEU E 115 21.49 9.50 8.71
N ILE E 116 20.94 8.65 7.86
CA ILE E 116 20.80 7.22 8.15
C ILE E 116 21.59 6.42 7.13
N SER E 117 22.33 5.42 7.61
CA SER E 117 23.05 4.50 6.74
C SER E 117 22.15 3.32 6.45
N TRP E 118 21.72 3.19 5.19
CA TRP E 118 20.78 2.15 4.79
C TRP E 118 21.54 0.84 4.55
N ARG E 119 21.95 0.23 5.66
CA ARG E 119 22.60 -1.07 5.60
C ARG E 119 21.59 -2.15 5.24
N GLY E 120 22.06 -3.16 4.51
CA GLY E 120 21.16 -4.19 4.03
C GLY E 120 20.20 -3.74 2.93
N ALA E 121 20.44 -2.56 2.35
CA ALA E 121 19.57 -2.08 1.28
C ALA E 121 19.60 -3.00 0.07
N TYR E 122 20.71 -3.69 -0.16
CA TYR E 122 20.86 -4.56 -1.30
C TYR E 122 20.65 -6.03 -0.97
N GLY E 123 20.30 -6.35 0.28
CA GLY E 123 20.04 -7.72 0.68
C GLY E 123 21.25 -8.62 0.80
N ASN E 124 22.43 -8.18 0.37
CA ASN E 124 23.65 -8.95 0.46
C ASN E 124 24.46 -8.64 1.71
N ASP E 125 23.97 -7.75 2.57
CA ASP E 125 24.73 -7.30 3.71
C ASP E 125 24.69 -8.34 4.82
N ALA E 126 25.14 -7.97 6.01
CA ALA E 126 25.12 -8.89 7.14
C ALA E 126 23.68 -9.25 7.51
N VAL E 127 23.53 -10.40 8.19
CA VAL E 127 22.20 -10.91 8.51
C VAL E 127 21.42 -9.98 9.43
N GLU E 128 22.11 -9.14 10.22
CA GLU E 128 21.42 -8.27 11.16
C GLU E 128 20.65 -7.13 10.49
N HIS E 129 21.05 -6.72 9.28
CA HIS E 129 20.35 -5.69 8.54
C HIS E 129 19.41 -6.24 7.48
N ASP E 130 19.18 -7.57 7.48
CA ASP E 130 18.42 -8.19 6.39
C ASP E 130 17.00 -7.63 6.32
N ILE E 131 16.37 -7.42 7.47
CA ILE E 131 14.98 -6.95 7.48
C ILE E 131 14.91 -5.43 7.33
N ILE E 132 15.62 -4.72 8.21
CA ILE E 132 15.54 -3.25 8.22
C ILE E 132 16.06 -2.68 6.91
N GLY E 133 17.01 -3.35 6.27
CA GLY E 133 17.51 -2.89 4.99
C GLY E 133 16.52 -3.06 3.86
N GLU E 134 15.62 -4.03 3.99
CA GLU E 134 14.64 -4.29 2.94
C GLU E 134 13.37 -3.47 3.10
N LYS E 135 13.04 -3.04 4.32
CA LYS E 135 11.77 -2.39 4.60
C LYS E 135 11.94 -1.01 5.25
N LEU E 136 13.10 -0.39 5.10
CA LEU E 136 13.33 0.91 5.74
C LEU E 136 12.37 1.97 5.20
N THR E 137 12.27 2.06 3.87
CA THR E 137 11.38 3.05 3.28
C THR E 137 9.92 2.76 3.58
N ASP E 138 9.54 1.47 3.55
CA ASP E 138 8.18 1.10 3.92
C ASP E 138 7.87 1.52 5.34
N LEU E 139 8.82 1.33 6.26
CA LEU E 139 8.64 1.76 7.64
C LEU E 139 8.46 3.27 7.75
N LEU E 140 9.38 4.02 7.15
CA LEU E 140 9.31 5.48 7.22
C LEU E 140 8.02 6.01 6.61
N ASP E 141 7.57 5.40 5.51
CA ASP E 141 6.31 5.81 4.91
C ASP E 141 5.13 5.45 5.81
N SER E 142 5.19 4.28 6.46
CA SER E 142 4.11 3.87 7.35
C SER E 142 3.93 4.85 8.49
N VAL E 143 5.04 5.33 9.05
CA VAL E 143 4.98 6.28 10.15
C VAL E 143 5.06 7.73 9.68
N ASP E 144 4.94 7.97 8.37
CA ASP E 144 4.80 9.32 7.80
C ASP E 144 6.04 10.19 8.07
N ILE E 145 7.21 9.61 7.84
CA ILE E 145 8.47 10.31 7.98
C ILE E 145 9.03 10.55 6.57
N PRO E 146 9.23 11.80 6.16
CA PRO E 146 9.80 12.05 4.84
C PRO E 146 11.28 11.72 4.79
N TYR E 147 11.69 11.10 3.68
CA TYR E 147 13.08 10.72 3.48
C TYR E 147 13.51 11.11 2.08
N LYS E 148 14.82 11.21 1.89
CA LYS E 148 15.41 11.51 0.58
C LYS E 148 16.60 10.58 0.37
N GLU E 149 16.57 9.83 -0.73
CA GLU E 149 17.70 8.97 -1.05
C GLU E 149 18.87 9.82 -1.54
N LEU E 150 20.02 9.65 -0.88
CA LEU E 150 21.17 10.52 -1.14
C LEU E 150 21.64 10.41 -2.58
N ASP E 151 21.79 11.56 -3.23
CA ASP E 151 22.36 11.64 -4.57
C ASP E 151 23.86 11.84 -4.44
N TYR E 152 24.63 10.81 -4.78
CA TYR E 152 26.09 10.91 -4.66
C TYR E 152 26.68 11.85 -5.70
N GLU E 153 26.01 12.00 -6.85
CA GLU E 153 26.46 12.96 -7.85
C GLU E 153 26.13 14.39 -7.46
N ASN E 154 25.09 14.58 -6.63
CA ASN E 154 24.68 15.90 -6.15
C ASN E 154 24.52 15.83 -4.64
N SER E 155 25.64 15.61 -3.95
CA SER E 155 25.60 15.43 -2.49
C SER E 155 25.08 16.68 -1.80
N GLU E 156 25.42 17.85 -2.31
CA GLU E 156 24.96 19.10 -1.70
C GLU E 156 23.49 19.34 -1.97
N GLY E 157 23.03 19.03 -3.18
CA GLY E 157 21.64 19.25 -3.53
C GLY E 157 20.67 18.42 -2.72
N THR E 158 21.06 17.19 -2.38
CA THR E 158 20.20 16.35 -1.54
C THR E 158 19.95 16.99 -0.19
N ILE E 159 21.01 17.44 0.48
CA ILE E 159 20.83 18.07 1.78
C ILE E 159 20.13 19.41 1.64
N LEU E 160 20.31 20.10 0.51
CA LEU E 160 19.60 21.35 0.29
C LEU E 160 18.10 21.12 0.22
N ASP E 161 17.67 20.15 -0.59
CA ASP E 161 16.25 19.82 -0.65
C ASP E 161 15.73 19.32 0.69
N ALA E 162 16.56 18.58 1.43
CA ALA E 162 16.15 18.09 2.74
C ALA E 162 15.86 19.24 3.69
N LEU E 163 16.80 20.17 3.84
CA LEU E 163 16.56 21.29 4.74
C LEU E 163 15.50 22.24 4.20
N PHE E 164 15.29 22.28 2.88
CA PHE E 164 14.11 22.95 2.33
C PHE E 164 12.84 22.36 2.91
N LEU E 165 12.74 21.03 2.91
CA LEU E 165 11.56 20.37 3.47
C LEU E 165 11.43 20.66 4.97
N ILE E 166 12.55 20.65 5.70
CA ILE E 166 12.44 20.89 7.14
C ILE E 166 12.09 22.34 7.43
N GLU E 167 12.47 23.27 6.53
CA GLU E 167 12.07 24.66 6.71
C GLU E 167 10.59 24.85 6.43
N LYS E 168 10.08 24.15 5.41
CA LYS E 168 8.66 24.29 5.08
C LYS E 168 7.77 23.55 6.07
N THR E 169 8.29 22.51 6.73
CA THR E 169 7.46 21.65 7.58
C THR E 169 7.73 21.78 9.07
N ASN E 170 8.91 22.28 9.46
CA ASN E 170 9.31 22.35 10.88
C ASN E 170 9.24 20.98 11.54
N ARG E 171 9.42 19.93 10.74
CA ARG E 171 9.39 18.55 11.20
C ARG E 171 10.60 17.82 10.63
N PRO E 172 11.08 16.78 11.32
CA PRO E 172 12.29 16.10 10.86
C PRO E 172 12.18 15.55 9.46
N VAL E 173 13.33 15.51 8.78
CA VAL E 173 13.46 14.90 7.45
C VAL E 173 14.74 14.08 7.44
N ALA E 174 14.68 12.89 6.87
CA ALA E 174 15.80 11.97 6.86
C ALA E 174 16.43 11.90 5.47
N ILE E 175 17.74 11.65 5.46
CA ILE E 175 18.48 11.35 4.25
C ILE E 175 18.99 9.92 4.36
N LEU E 176 18.74 9.11 3.34
CA LEU E 176 19.07 7.69 3.37
C LEU E 176 20.35 7.45 2.58
N ILE E 177 21.33 6.83 3.24
CA ILE E 177 22.65 6.60 2.68
C ILE E 177 22.85 5.09 2.52
N LYS E 178 23.03 4.65 1.28
CA LYS E 178 23.19 3.24 0.98
C LYS E 178 24.63 2.80 0.78
N ASP E 179 25.48 3.70 0.28
CA ASP E 179 26.88 3.40 0.02
C ASP E 179 27.79 4.19 0.96
N GLU E 180 29.03 3.75 1.06
CA GLU E 180 29.95 4.32 2.03
C GLU E 180 30.28 5.77 1.68
N ILE E 181 30.34 6.62 2.71
CA ILE E 181 30.70 8.02 2.54
C ILE E 181 31.92 8.34 3.42
N MET F 1 7.58 13.26 52.16
CA MET F 1 7.15 14.47 51.49
C MET F 1 6.41 14.12 50.20
N ASN F 2 5.20 14.65 50.05
CA ASN F 2 4.40 14.34 48.87
C ASN F 2 4.94 15.10 47.66
N LYS F 3 4.39 14.75 46.48
CA LYS F 3 4.90 15.31 45.24
C LYS F 3 4.63 16.81 45.14
N HIS F 4 3.47 17.25 45.62
CA HIS F 4 3.13 18.67 45.57
C HIS F 4 4.16 19.50 46.35
N ASP F 5 4.44 19.10 47.59
CA ASP F 5 5.40 19.85 48.40
C ASP F 5 6.79 19.84 47.77
N ALA F 6 7.18 18.71 47.18
CA ALA F 6 8.50 18.63 46.55
C ALA F 6 8.60 19.57 45.35
N ILE F 7 7.58 19.56 44.50
CA ILE F 7 7.61 20.42 43.32
C ILE F 7 7.56 21.88 43.71
N GLN F 8 6.75 22.23 44.72
CA GLN F 8 6.68 23.61 45.18
C GLN F 8 8.01 24.04 45.81
N LEU F 9 8.69 23.13 46.50
CA LEU F 9 10.01 23.42 47.04
C LEU F 9 11.00 23.69 45.90
N ILE F 10 10.99 22.84 44.87
CA ILE F 10 11.89 23.03 43.74
C ILE F 10 11.64 24.37 43.07
N LEU F 11 10.36 24.74 42.93
CA LEU F 11 10.05 26.03 42.30
C LEU F 11 10.44 27.21 43.19
N GLY F 12 10.33 27.05 44.51
CA GLY F 12 10.75 28.11 45.41
C GLY F 12 12.26 28.27 45.47
N GLN F 13 13.01 27.19 45.26
CA GLN F 13 14.46 27.26 45.28
C GLN F 13 15.00 27.95 44.03
N PHE F 14 14.50 27.56 42.86
CA PHE F 14 14.93 28.11 41.57
C PHE F 14 13.73 28.76 40.92
N PRO F 15 13.45 30.02 41.25
CA PRO F 15 12.19 30.65 40.82
C PRO F 15 12.17 31.06 39.36
N SER F 16 13.33 31.41 38.80
CA SER F 16 13.42 31.86 37.41
C SER F 16 14.08 30.84 36.50
N ALA F 17 14.24 29.60 36.96
CA ALA F 17 14.91 28.59 36.16
C ALA F 17 13.96 28.00 35.11
N TYR F 18 14.56 27.32 34.13
CA TYR F 18 13.83 26.62 33.09
C TYR F 18 13.65 25.17 33.50
N LEU F 19 12.42 24.66 33.39
CA LEU F 19 12.10 23.31 33.84
C LEU F 19 11.69 22.43 32.66
N VAL F 20 12.09 21.16 32.73
CA VAL F 20 11.72 20.15 31.75
C VAL F 20 11.19 18.95 32.54
N SER F 21 9.88 18.77 32.55
CA SER F 21 9.24 17.73 33.33
C SER F 21 8.92 16.52 32.46
N THR F 22 9.11 15.32 33.02
CA THR F 22 8.83 14.11 32.29
C THR F 22 7.31 13.92 32.12
N CYS F 23 6.95 12.95 31.30
CA CYS F 23 5.55 12.73 30.97
C CYS F 23 4.80 12.11 32.14
N GLY F 24 3.49 12.31 32.15
CA GLY F 24 2.63 11.69 33.14
C GLY F 24 2.21 12.68 34.22
N HIS F 25 2.32 12.25 35.48
CA HIS F 25 1.80 13.04 36.59
C HIS F 25 2.74 14.16 37.01
N ILE F 26 4.05 14.01 36.75
CA ILE F 26 5.00 15.06 37.10
C ILE F 26 4.65 16.36 36.39
N SER F 27 4.47 16.29 35.08
CA SER F 27 4.12 17.48 34.30
C SER F 27 2.77 18.04 34.72
N ARG F 28 1.81 17.16 35.04
CA ARG F 28 0.49 17.64 35.46
C ARG F 28 0.57 18.39 36.78
N ASP F 29 1.31 17.88 37.75
CA ASP F 29 1.44 18.57 39.03
C ASP F 29 2.20 19.88 38.87
N LEU F 30 3.24 19.89 38.04
CA LEU F 30 3.95 21.13 37.77
C LEU F 30 3.03 22.16 37.13
N TYR F 31 2.16 21.72 36.21
CA TYR F 31 1.23 22.62 35.56
C TYR F 31 0.18 23.14 36.52
N ASN F 32 -0.29 22.29 37.44
CA ASN F 32 -1.33 22.68 38.37
C ASN F 32 -0.79 23.58 39.48
N ILE F 33 0.49 23.47 39.81
CA ILE F 33 1.08 24.36 40.81
C ILE F 33 1.20 25.78 40.25
N ASN F 34 1.86 25.93 39.11
CA ASN F 34 2.01 27.23 38.48
C ASN F 34 2.39 27.02 37.01
N ASP F 35 1.63 27.65 36.11
CA ASP F 35 1.87 27.56 34.68
C ASP F 35 2.61 28.82 34.23
N ARG F 36 3.92 28.71 34.06
CA ARG F 36 4.76 29.80 33.59
C ARG F 36 5.45 29.37 32.30
N ALA F 37 5.74 30.35 31.45
CA ALA F 37 6.28 30.08 30.12
C ALA F 37 7.66 29.42 30.15
N ARG F 38 8.31 29.35 31.31
CA ARG F 38 9.59 28.68 31.44
C ARG F 38 9.45 27.20 31.77
N ASN F 39 8.25 26.64 31.63
CA ASN F 39 7.99 25.23 31.91
C ASN F 39 7.75 24.51 30.58
N PHE F 40 8.66 23.59 30.24
CA PHE F 40 8.53 22.78 29.04
C PHE F 40 7.99 21.41 29.45
N TYR F 41 6.72 21.16 29.15
CA TYR F 41 6.08 19.90 29.49
C TYR F 41 6.25 18.91 28.34
N MET F 42 6.73 17.72 28.65
CA MET F 42 6.79 16.62 27.70
C MET F 42 5.58 15.73 27.93
N VAL F 43 4.69 15.66 26.93
CA VAL F 43 3.50 14.86 27.08
C VAL F 43 3.80 13.38 26.83
N GLY F 44 4.75 13.06 25.96
CA GLY F 44 5.18 11.69 25.77
C GLY F 44 6.68 11.53 25.83
N SER F 45 7.23 10.52 25.17
CA SER F 45 8.67 10.33 25.07
C SER F 45 9.30 10.18 26.44
N MET F 46 8.79 9.20 27.19
CA MET F 46 9.26 8.96 28.54
C MET F 46 10.75 8.63 28.53
N GLY F 47 11.52 9.40 29.30
CA GLY F 47 12.96 9.25 29.34
C GLY F 47 13.71 10.24 28.49
N MET F 48 13.02 11.14 27.79
CA MET F 48 13.65 12.14 26.95
C MET F 48 13.74 13.51 27.63
N ALA F 49 13.32 13.62 28.89
CA ALA F 49 13.42 14.89 29.59
C ALA F 49 14.87 15.24 29.88
N ALA F 50 15.64 14.27 30.37
CA ALA F 50 17.04 14.47 30.71
C ALA F 50 17.89 14.78 29.48
N PRO F 51 17.74 14.06 28.35
CA PRO F 51 18.52 14.45 27.16
C PRO F 51 18.17 15.83 26.63
N VAL F 52 16.88 16.20 26.64
CA VAL F 52 16.49 17.53 26.21
C VAL F 52 17.11 18.59 27.13
N GLY F 53 17.07 18.34 28.44
CA GLY F 53 17.72 19.26 29.37
C GLY F 53 19.21 19.36 29.13
N LEU F 54 19.85 18.23 28.82
CA LEU F 54 21.28 18.24 28.54
C LEU F 54 21.59 19.08 27.32
N GLY F 55 20.81 18.91 26.24
CA GLY F 55 21.03 19.71 25.04
C GLY F 55 20.80 21.19 25.27
N LEU F 56 19.74 21.53 26.00
CA LEU F 56 19.44 22.92 26.29
C LEU F 56 20.55 23.56 27.12
N SER F 57 21.00 22.87 28.16
CA SER F 57 22.12 23.35 28.96
C SER F 57 23.41 23.38 28.16
N THR F 58 23.52 22.58 27.11
CA THR F 58 24.70 22.64 26.25
C THR F 58 24.69 23.91 25.40
N VAL F 59 23.52 24.28 24.86
CA VAL F 59 23.47 25.51 24.07
C VAL F 59 23.39 26.73 24.97
N TYR F 60 22.64 26.64 26.08
CA TYR F 60 22.54 27.71 27.07
C TYR F 60 23.19 27.24 28.37
N PRO F 61 24.50 27.44 28.56
CA PRO F 61 25.17 26.89 29.74
C PRO F 61 25.00 27.74 30.99
N ASP F 62 24.99 29.06 30.82
CA ASP F 62 24.90 29.99 31.94
C ASP F 62 23.46 30.27 32.38
N VAL F 63 22.52 29.40 32.02
CA VAL F 63 21.12 29.57 32.40
C VAL F 63 20.76 28.45 33.37
N PRO F 64 19.93 28.70 34.38
CA PRO F 64 19.56 27.62 35.30
C PRO F 64 18.50 26.71 34.68
N LEU F 65 18.78 25.41 34.65
CA LEU F 65 17.89 24.42 34.09
C LEU F 65 17.62 23.34 35.12
N VAL F 66 16.35 22.97 35.28
CA VAL F 66 15.93 21.94 36.22
C VAL F 66 15.18 20.87 35.45
N VAL F 67 15.50 19.60 35.70
CA VAL F 67 14.85 18.48 35.04
C VAL F 67 14.11 17.69 36.11
N LEU F 68 12.78 17.58 35.94
CA LEU F 68 11.93 16.86 36.88
C LEU F 68 11.72 15.45 36.36
N ASP F 69 12.63 14.55 36.72
CA ASP F 69 12.49 13.14 36.39
C ASP F 69 11.62 12.44 37.42
N GLY F 70 11.21 11.21 37.09
CA GLY F 70 10.63 10.30 38.04
C GLY F 70 11.48 9.04 38.08
N ASP F 71 11.27 8.22 39.12
CA ASP F 71 12.02 6.98 39.21
C ASP F 71 11.83 6.12 37.96
N GLY F 72 10.61 6.07 37.44
CA GLY F 72 10.38 5.37 36.18
C GLY F 72 11.10 6.00 35.02
N SER F 73 10.98 7.33 34.89
CA SER F 73 11.64 8.03 33.79
C SER F 73 13.16 8.03 33.95
N PHE F 74 13.64 8.12 35.20
CA PHE F 74 15.07 8.09 35.44
C PHE F 74 15.66 6.72 35.11
N LEU F 75 14.96 5.66 35.50
CA LEU F 75 15.47 4.31 35.27
C LEU F 75 15.30 3.87 33.82
N MET F 76 14.26 4.35 33.14
CA MET F 76 14.04 3.97 31.75
C MET F 76 15.21 4.38 30.87
N ASN F 77 15.74 5.58 31.09
CA ASN F 77 16.92 6.06 30.39
C ASN F 77 17.98 6.41 31.44
N MET F 78 18.52 5.38 32.10
CA MET F 78 19.56 5.59 33.10
C MET F 78 20.83 6.14 32.47
N GLY F 79 21.34 5.45 31.44
CA GLY F 79 22.61 5.74 30.80
C GLY F 79 22.85 7.21 30.48
N ILE F 80 21.79 8.01 30.31
CA ILE F 80 21.96 9.41 29.96
C ILE F 80 22.85 10.12 30.97
N ILE F 81 22.82 9.69 32.24
CA ILE F 81 23.64 10.33 33.25
C ILE F 81 25.10 10.35 32.83
N THR F 82 25.57 9.24 32.26
CA THR F 82 26.94 9.18 31.74
C THR F 82 27.23 10.37 30.83
N MET F 83 26.38 10.56 29.81
CA MET F 83 26.54 11.69 28.91
C MET F 83 26.59 12.99 29.69
N ILE F 84 25.65 13.17 30.63
CA ILE F 84 25.66 14.36 31.47
C ILE F 84 26.99 14.47 32.21
N GLY F 85 27.41 13.37 32.84
CA GLY F 85 28.70 13.36 33.50
C GLY F 85 29.84 13.69 32.57
N HIS F 86 29.74 13.28 31.30
CA HIS F 86 30.77 13.63 30.33
C HIS F 86 30.68 15.10 29.97
N GLN F 87 29.47 15.63 29.84
CA GLN F 87 29.32 17.01 29.39
C GLN F 87 29.64 18.00 30.50
N LYS F 88 29.43 17.60 31.75
CA LYS F 88 29.63 18.47 32.91
C LYS F 88 29.01 19.86 32.73
N PRO F 89 27.70 19.95 32.47
CA PRO F 89 27.06 21.26 32.39
C PRO F 89 26.97 21.89 33.78
N LYS F 90 27.43 23.14 33.88
CA LYS F 90 27.59 23.78 35.19
C LYS F 90 26.26 24.11 35.86
N ASN F 91 25.18 24.24 35.08
CA ASN F 91 23.90 24.68 35.63
C ASN F 91 22.77 23.68 35.35
N PHE F 92 23.12 22.40 35.17
CA PHE F 92 22.13 21.36 34.98
C PHE F 92 21.82 20.72 36.34
N ILE F 93 20.53 20.59 36.63
CA ILE F 93 20.07 20.09 37.92
C ILE F 93 19.05 18.99 37.68
N HIS F 94 19.33 17.79 38.19
CA HIS F 94 18.54 16.59 37.93
C HIS F 94 17.72 16.25 39.16
N VAL F 95 16.41 16.31 39.04
CA VAL F 95 15.49 16.04 40.14
C VAL F 95 14.76 14.73 39.87
N VAL F 96 14.74 13.85 40.87
CA VAL F 96 14.07 12.56 40.77
C VAL F 96 13.04 12.46 41.89
N LEU F 97 11.77 12.33 41.52
CA LEU F 97 10.68 12.21 42.48
C LEU F 97 10.33 10.72 42.58
N ASP F 98 10.92 10.05 43.55
CA ASP F 98 10.79 8.60 43.69
C ASP F 98 9.63 8.26 44.62
N ASN F 99 8.63 7.59 44.06
CA ASN F 99 7.56 6.99 44.86
C ASN F 99 7.62 5.47 44.84
N GLY F 100 8.61 4.89 44.18
CA GLY F 100 8.75 3.45 44.11
C GLY F 100 7.78 2.75 43.19
N MET F 101 7.16 3.49 42.26
CA MET F 101 6.13 2.90 41.41
C MET F 101 5.93 3.77 40.18
N HIS F 102 5.28 3.20 39.18
CA HIS F 102 4.80 3.94 38.01
C HIS F 102 3.42 4.49 38.36
N GLU F 103 3.40 5.69 38.94
CA GLU F 103 2.16 6.23 39.49
C GLU F 103 1.16 6.60 38.39
N SER F 104 1.65 7.12 37.26
CA SER F 104 0.76 7.55 36.20
C SER F 104 -0.07 6.38 35.66
N THR F 105 0.58 5.23 35.42
CA THR F 105 -0.13 4.09 34.86
C THR F 105 -0.99 3.36 35.89
N GLY F 106 -0.63 3.45 37.17
CA GLY F 106 -1.46 2.84 38.21
C GLY F 106 -0.70 2.34 39.43
N GLY F 107 0.56 2.73 39.56
CA GLY F 107 1.34 2.33 40.72
C GLY F 107 1.93 0.93 40.64
N GLN F 108 2.44 0.54 39.48
CA GLN F 108 3.03 -0.77 39.32
C GLN F 108 4.48 -0.76 39.81
N ARG F 109 5.02 -1.96 40.00
CA ARG F 109 6.36 -2.10 40.55
C ARG F 109 7.41 -1.52 39.60
N THR F 110 8.31 -0.70 40.14
CA THR F 110 9.48 -0.23 39.43
C THR F 110 10.71 -0.95 39.95
N VAL F 111 11.76 -0.94 39.13
CA VAL F 111 13.06 -1.42 39.62
C VAL F 111 13.49 -0.54 40.79
N PRO F 112 13.95 -1.11 41.91
CA PRO F 112 14.37 -0.26 43.04
C PRO F 112 15.54 0.65 42.70
N LEU F 113 15.29 1.96 42.68
CA LEU F 113 16.33 2.95 42.45
C LEU F 113 17.10 3.13 43.75
N VAL F 114 18.30 2.57 43.82
CA VAL F 114 19.11 2.61 45.03
C VAL F 114 20.44 3.27 44.70
N ASN F 115 21.00 3.94 45.72
CA ASN F 115 22.32 4.58 45.62
C ASN F 115 22.34 5.63 44.52
N VAL F 116 21.22 6.33 44.32
CA VAL F 116 21.13 7.29 43.21
C VAL F 116 22.10 8.44 43.41
N THR F 117 22.22 8.95 44.63
CA THR F 117 23.17 10.02 44.90
C THR F 117 24.60 9.54 44.69
N ASP F 118 24.92 8.36 45.22
CA ASP F 118 26.26 7.81 45.06
C ASP F 118 26.58 7.57 43.59
N ILE F 119 25.65 6.94 42.86
CA ILE F 119 25.87 6.65 41.46
C ILE F 119 26.05 7.93 40.65
N ALA F 120 25.23 8.95 40.95
CA ALA F 120 25.39 10.24 40.29
C ALA F 120 26.77 10.83 40.55
N LEU F 121 27.20 10.80 41.82
CA LEU F 121 28.52 11.32 42.15
C LEU F 121 29.64 10.55 41.45
N GLN F 122 29.44 9.25 41.21
CA GLN F 122 30.48 8.44 40.58
C GLN F 122 30.60 8.71 39.10
N VAL F 123 29.50 9.02 38.42
CA VAL F 123 29.53 9.17 36.95
C VAL F 123 30.04 10.53 36.50
N GLY F 124 30.09 11.51 37.38
CA GLY F 124 30.61 12.82 36.99
C GLY F 124 29.79 13.99 37.47
N TYR F 125 28.68 13.73 38.15
CA TYR F 125 27.90 14.81 38.74
C TYR F 125 28.70 15.51 39.83
N GLU F 126 28.67 16.84 39.83
CA GLU F 126 29.44 17.61 40.80
C GLU F 126 28.99 17.31 42.23
N TYR F 127 27.68 17.33 42.46
CA TYR F 127 27.12 16.97 43.75
C TYR F 127 25.81 16.21 43.54
N ALA F 128 25.35 15.54 44.59
CA ALA F 128 24.12 14.75 44.50
C ALA F 128 23.59 14.60 45.93
N ILE F 129 22.54 15.35 46.26
CA ILE F 129 21.97 15.36 47.59
C ILE F 129 20.63 14.63 47.58
N GLU F 130 20.18 14.26 48.77
CA GLU F 130 18.87 13.65 48.97
C GLU F 130 18.13 14.47 50.01
N ILE F 131 16.90 14.86 49.68
CA ILE F 131 16.11 15.77 50.51
C ILE F 131 15.08 14.97 51.29
N ASN F 132 15.04 15.18 52.61
CA ASN F 132 14.09 14.49 53.48
C ASN F 132 12.73 15.20 53.45
N SER F 133 11.79 14.68 54.24
CA SER F 133 10.44 15.21 54.24
C SER F 133 10.38 16.55 54.97
N GLY F 134 9.58 17.48 54.43
CA GLY F 134 9.44 18.80 55.01
C GLY F 134 10.76 19.52 55.19
N GLN F 135 11.44 19.80 54.08
CA GLN F 135 12.82 20.27 54.14
C GLN F 135 12.89 21.71 54.62
N LYS F 136 13.83 21.96 55.53
CA LYS F 136 14.13 23.31 56.03
C LYS F 136 15.51 23.78 55.62
N SER F 137 16.22 23.01 54.79
CA SER F 137 17.56 23.35 54.32
C SER F 137 17.52 23.54 52.81
N PHE F 138 17.82 24.76 52.36
CA PHE F 138 17.70 25.12 50.96
C PHE F 138 19.05 25.39 50.28
N ASP F 139 20.16 25.31 51.02
CA ASP F 139 21.45 25.72 50.49
C ASP F 139 22.08 24.63 49.64
N LEU F 140 22.53 25.00 48.45
CA LEU F 140 23.16 24.09 47.50
C LEU F 140 24.40 24.76 46.93
N PRO F 141 25.36 23.98 46.42
CA PRO F 141 26.48 24.58 45.69
C PRO F 141 26.01 25.24 44.41
N ASN F 142 26.86 26.11 43.87
CA ASN F 142 26.51 26.93 42.72
C ASN F 142 27.06 26.40 41.41
N GLU F 143 27.73 25.25 41.41
CA GLU F 143 28.36 24.70 40.22
C GLU F 143 27.95 23.23 40.08
N GLY F 144 27.20 22.93 39.02
CA GLY F 144 26.72 21.59 38.78
C GLY F 144 27.68 20.75 37.96
N PRO F 145 27.18 19.64 37.39
CA PRO F 145 25.79 19.15 37.44
C PRO F 145 25.42 18.54 38.78
N GLY F 146 24.20 18.79 39.25
CA GLY F 146 23.74 18.30 40.54
C GLY F 146 22.50 17.46 40.40
N LEU F 147 22.31 16.55 41.36
CA LEU F 147 21.15 15.68 41.41
C LEU F 147 20.43 15.86 42.74
N ILE F 148 19.11 16.01 42.68
CA ILE F 148 18.28 16.19 43.87
C ILE F 148 17.29 15.02 43.90
N HIS F 149 17.56 14.05 44.77
CA HIS F 149 16.67 12.91 44.94
C HIS F 149 15.68 13.20 46.07
N ILE F 150 14.39 13.02 45.77
CA ILE F 150 13.32 13.32 46.72
C ILE F 150 12.40 12.11 46.76
N LYS F 151 12.55 11.27 47.79
CA LYS F 151 11.64 10.15 47.98
C LYS F 151 10.27 10.66 48.40
N VAL F 152 9.24 10.30 47.64
CA VAL F 152 7.90 10.82 47.85
C VAL F 152 6.93 9.69 48.12
N GLU F 153 5.81 10.05 48.73
CA GLU F 153 4.68 9.17 49.00
C GLU F 153 3.65 9.29 47.88
N PRO F 154 2.77 8.30 47.73
CA PRO F 154 1.77 8.37 46.65
C PRO F 154 0.80 9.52 46.84
N ARG F 155 0.10 9.84 45.76
CA ARG F 155 -0.86 10.94 45.78
C ARG F 155 -2.03 10.63 46.72
N SER F 156 -2.62 11.69 47.27
CA SER F 156 -3.79 11.56 48.12
C SER F 156 -5.06 12.10 47.47
N GLU F 157 -4.96 12.70 46.29
CA GLU F 157 -6.12 13.26 45.60
C GLU F 157 -6.02 12.89 44.13
N LYS F 158 -7.03 13.29 43.36
CA LYS F 158 -7.08 12.95 41.94
C LYS F 158 -5.98 13.67 41.17
N ILE F 159 -5.84 13.29 39.90
CA ILE F 159 -4.70 13.75 39.10
C ILE F 159 -4.80 15.24 38.82
N GLY F 160 -5.99 15.73 38.50
CA GLY F 160 -6.17 17.12 38.14
C GLY F 160 -6.16 17.32 36.64
N LYS F 161 -6.35 18.58 36.24
CA LYS F 161 -6.46 18.92 34.83
C LYS F 161 -5.14 18.68 34.11
N ARG F 162 -5.24 18.15 32.90
CA ARG F 162 -4.08 18.01 32.02
C ARG F 162 -3.72 19.37 31.45
N VAL F 163 -2.48 19.48 30.97
CA VAL F 163 -2.02 20.75 30.41
C VAL F 163 -2.89 21.11 29.21
N HIS F 164 -3.25 22.39 29.12
CA HIS F 164 -4.12 22.85 28.04
C HIS F 164 -3.35 23.41 26.87
N TRP F 165 -2.06 23.70 27.04
CA TRP F 165 -1.26 24.23 25.94
C TRP F 165 -0.96 23.14 24.93
N THR F 166 -1.06 23.50 23.65
CA THR F 166 -0.62 22.62 22.58
C THR F 166 0.90 22.45 22.67
N PRO F 167 1.42 21.28 22.31
CA PRO F 167 2.88 21.13 22.19
C PRO F 167 3.54 22.26 21.41
N GLN F 168 2.92 22.69 20.31
CA GLN F 168 3.44 23.82 19.56
C GLN F 168 3.38 25.10 20.38
N GLU F 169 2.28 25.31 21.12
CA GLU F 169 2.19 26.46 22.00
C GLU F 169 3.26 26.38 23.10
N ILE F 170 3.49 25.19 23.63
CA ILE F 170 4.50 25.01 24.68
C ILE F 170 5.87 25.42 24.16
N VAL F 171 6.28 24.89 23.01
CA VAL F 171 7.59 25.23 22.47
C VAL F 171 7.65 26.70 22.10
N GLN F 172 6.52 27.28 21.66
CA GLN F 172 6.51 28.71 21.33
C GLN F 172 6.81 29.56 22.56
N ARG F 173 6.07 29.35 23.66
CA ARG F 173 6.31 30.13 24.87
C ARG F 173 7.71 29.89 25.42
N PHE F 174 8.14 28.64 25.44
CA PHE F 174 9.46 28.30 25.98
C PHE F 174 10.57 29.00 25.18
N THR F 175 10.51 28.91 23.86
CA THR F 175 11.53 29.54 23.02
C THR F 175 11.45 31.05 23.11
N ASN F 176 10.26 31.62 23.27
CA ASN F 176 10.16 33.06 23.45
C ASN F 176 10.92 33.50 24.70
N GLU F 177 10.64 32.85 25.84
CA GLU F 177 11.36 33.17 27.06
C GLU F 177 12.86 32.98 26.89
N LEU F 178 13.28 31.89 26.23
CA LEU F 178 14.70 31.62 26.07
C LEU F 178 15.39 32.71 25.26
N THR F 179 14.82 33.07 24.10
CA THR F 179 15.43 34.09 23.26
C THR F 179 15.40 35.46 23.93
N LEU F 180 14.41 35.70 24.80
CA LEU F 180 14.40 36.98 25.52
C LEU F 180 15.49 37.00 26.59
N GLU F 181 15.75 35.87 27.24
CA GLU F 181 16.69 35.85 28.36
C GLU F 181 18.09 36.29 27.92
N ASN F 182 18.62 35.65 26.88
CA ASN F 182 19.97 35.96 26.40
C ASN F 182 19.94 36.88 25.18
N SER G 17 -12.53 -7.68 33.97
CA SER G 17 -12.42 -9.07 34.40
C SER G 17 -11.94 -9.97 33.27
N THR G 18 -11.56 -9.35 32.14
CA THR G 18 -11.10 -10.10 30.98
C THR G 18 -9.61 -10.43 31.07
N ALA G 19 -8.81 -9.56 31.70
CA ALA G 19 -7.39 -9.85 31.85
C ALA G 19 -7.15 -11.11 32.65
N GLU G 20 -8.01 -11.39 33.62
CA GLU G 20 -7.87 -12.63 34.40
C GLU G 20 -8.01 -13.84 33.50
N ARG G 21 -9.02 -13.85 32.63
CA ARG G 21 -9.23 -14.98 31.73
C ARG G 21 -8.12 -15.07 30.69
N MET G 22 -7.59 -13.94 30.23
CA MET G 22 -6.47 -13.96 29.29
C MET G 22 -5.24 -14.58 29.94
N LEU G 23 -4.87 -14.10 31.13
CA LEU G 23 -3.74 -14.70 31.85
C LEU G 23 -4.00 -16.16 32.17
N SER G 24 -5.25 -16.53 32.44
CA SER G 24 -5.57 -17.93 32.68
C SER G 24 -5.27 -18.77 31.45
N THR G 25 -5.74 -18.36 30.28
CA THR G 25 -5.43 -19.10 29.06
C THR G 25 -3.93 -19.19 28.83
N LEU G 26 -3.21 -18.08 29.06
CA LEU G 26 -1.77 -18.06 28.86
C LEU G 26 -1.07 -19.08 29.77
N THR G 27 -1.31 -18.98 31.08
CA THR G 27 -0.66 -19.89 32.02
C THR G 27 -1.06 -21.34 31.78
N GLU G 28 -2.32 -21.57 31.41
CA GLU G 28 -2.76 -22.92 31.08
C GLU G 28 -2.04 -23.49 29.87
N ASN G 29 -1.64 -22.63 28.94
CA ASN G 29 -0.88 -23.07 27.77
C ASN G 29 0.63 -22.88 27.92
N ASN G 30 1.15 -23.01 29.14
CA ASN G 30 2.59 -22.99 29.41
C ASN G 30 3.23 -21.65 29.09
N TYR G 31 2.57 -20.56 29.47
CA TYR G 31 3.10 -19.21 29.35
C TYR G 31 3.11 -18.60 30.75
N THR G 32 4.27 -18.63 31.41
CA THR G 32 4.36 -18.26 32.82
C THR G 32 5.46 -17.24 33.11
N HIS G 33 6.14 -16.71 32.09
CA HIS G 33 7.23 -15.78 32.30
C HIS G 33 6.89 -14.46 31.61
N PHE G 34 6.86 -13.38 32.38
CA PHE G 34 6.28 -12.11 31.94
C PHE G 34 7.27 -10.98 32.17
N THR G 35 7.44 -10.12 31.16
CA THR G 35 8.24 -8.91 31.28
C THR G 35 7.47 -7.75 30.67
N GLY G 36 8.01 -6.55 30.83
CA GLY G 36 7.49 -5.37 30.18
C GLY G 36 7.29 -4.22 31.13
N VAL G 37 6.89 -3.08 30.56
CA VAL G 37 6.59 -1.87 31.32
C VAL G 37 5.08 -1.65 31.29
N PRO G 38 4.51 -0.97 32.27
CA PRO G 38 3.06 -0.88 32.37
C PRO G 38 2.47 0.18 31.44
N CYS G 39 1.15 0.05 31.23
CA CYS G 39 0.36 1.05 30.52
C CYS G 39 -0.98 1.19 31.22
N SER G 40 -1.70 2.27 30.90
CA SER G 40 -2.94 2.57 31.60
C SER G 40 -4.06 1.61 31.23
N LEU G 41 -4.06 1.10 29.99
CA LEU G 41 -5.09 0.17 29.58
C LEU G 41 -4.88 -1.23 30.15
N LEU G 42 -3.64 -1.57 30.53
CA LEU G 42 -3.31 -2.89 31.05
C LEU G 42 -3.24 -2.92 32.57
N LYS G 43 -4.08 -2.11 33.23
CA LYS G 43 -4.03 -2.02 34.70
C LYS G 43 -4.30 -3.37 35.34
N GLY G 44 -5.35 -4.06 34.91
CA GLY G 44 -5.73 -5.32 35.55
C GLY G 44 -4.70 -6.42 35.33
N PHE G 45 -4.11 -6.47 34.14
CA PHE G 45 -3.12 -7.52 33.86
C PHE G 45 -1.88 -7.35 34.72
N PHE G 46 -1.38 -6.12 34.85
CA PHE G 46 -0.23 -5.89 35.71
C PHE G 46 -0.59 -6.08 37.18
N ARG G 47 -1.83 -5.73 37.57
CA ARG G 47 -2.27 -6.00 38.93
C ARG G 47 -2.25 -7.50 39.22
N LEU G 48 -2.64 -8.32 38.25
CA LEU G 48 -2.59 -9.76 38.44
C LEU G 48 -1.16 -10.28 38.44
N LEU G 49 -0.30 -9.69 37.61
CA LEU G 49 1.10 -10.12 37.57
C LEU G 49 1.83 -9.77 38.86
N GLU G 50 1.43 -8.69 39.53
CA GLU G 50 2.11 -8.27 40.76
C GLU G 50 1.47 -8.85 42.01
N SER G 51 0.16 -9.10 42.00
CA SER G 51 -0.51 -9.66 43.17
C SER G 51 0.04 -11.05 43.48
N LYS G 52 0.68 -11.18 44.65
CA LYS G 52 1.30 -12.45 45.03
C LYS G 52 0.28 -13.57 45.21
N GLU G 53 -1.01 -13.27 45.17
CA GLU G 53 -2.02 -14.32 45.20
C GLU G 53 -1.93 -15.20 43.96
N ALA G 54 -1.87 -14.57 42.78
CA ALA G 54 -1.81 -15.31 41.52
C ALA G 54 -0.43 -15.88 41.24
N ILE G 55 0.62 -15.35 41.87
CA ILE G 55 1.97 -15.79 41.57
C ILE G 55 2.25 -17.20 42.07
N GLU G 56 1.52 -17.65 43.10
CA GLU G 56 1.77 -18.97 43.68
C GLU G 56 0.97 -20.07 42.97
N LYS G 57 -0.33 -19.84 42.74
CA LYS G 57 -1.17 -20.90 42.17
C LYS G 57 -0.95 -21.07 40.68
N GLN G 58 -0.50 -20.03 39.97
CA GLN G 58 -0.25 -20.13 38.54
C GLN G 58 1.22 -20.34 38.20
N ASN G 59 2.12 -20.23 39.18
CA ASN G 59 3.55 -20.48 38.99
C ASN G 59 4.12 -19.56 37.91
N ILE G 60 3.93 -18.26 38.11
CA ILE G 60 4.36 -17.27 37.15
C ILE G 60 5.67 -16.65 37.61
N THR G 61 6.37 -16.02 36.66
CA THR G 61 7.62 -15.31 36.92
C THR G 61 7.53 -13.97 36.19
N PHE G 62 7.50 -12.88 36.95
CA PHE G 62 7.39 -11.54 36.38
C PHE G 62 8.64 -10.74 36.75
N ILE G 63 9.31 -10.20 35.73
CA ILE G 63 10.51 -9.40 35.90
C ILE G 63 10.16 -7.95 35.59
N PRO G 64 10.12 -7.06 36.59
CA PRO G 64 9.88 -5.64 36.29
C PRO G 64 11.05 -5.05 35.51
N SER G 65 10.72 -4.32 34.45
CA SER G 65 11.71 -3.82 33.50
C SER G 65 11.70 -2.30 33.46
N ILE G 66 12.87 -1.74 33.12
CA ILE G 66 13.00 -0.29 33.04
C ILE G 66 12.53 0.23 31.68
N ARG G 67 12.82 -0.50 30.61
CA ARG G 67 12.43 -0.11 29.27
C ARG G 67 12.00 -1.36 28.50
N GLU G 68 11.24 -1.14 27.43
CA GLU G 68 10.68 -2.26 26.67
C GLU G 68 11.75 -3.12 26.02
N ASP G 69 12.87 -2.52 25.60
CA ASP G 69 13.90 -3.29 24.92
C ASP G 69 14.57 -4.28 25.86
N SER G 70 14.88 -3.85 27.09
CA SER G 70 15.47 -4.75 28.07
C SER G 70 14.48 -5.85 28.44
N ALA G 71 13.19 -5.52 28.52
CA ALA G 71 12.18 -6.54 28.79
C ALA G 71 12.15 -7.58 27.68
N LEU G 72 12.16 -7.13 26.43
CA LEU G 72 12.15 -8.06 25.31
C LEU G 72 13.41 -8.92 25.30
N GLY G 73 14.54 -8.33 25.68
CA GLY G 73 15.78 -9.11 25.71
C GLY G 73 15.78 -10.17 26.80
N VAL G 74 15.31 -9.83 27.99
CA VAL G 74 15.26 -10.83 29.05
C VAL G 74 14.21 -11.89 28.74
N ALA G 75 13.14 -11.52 28.02
CA ALA G 75 12.17 -12.52 27.61
C ALA G 75 12.76 -13.47 26.57
N SER G 76 13.57 -12.94 25.64
CA SER G 76 14.26 -13.81 24.69
C SER G 76 15.23 -14.74 25.41
N GLY G 77 15.95 -14.21 26.41
CA GLY G 77 16.84 -15.05 27.20
C GLY G 77 16.10 -16.17 27.92
N MET G 78 14.92 -15.86 28.45
CA MET G 78 14.11 -16.88 29.10
C MET G 78 13.58 -17.89 28.09
N TYR G 79 13.30 -17.46 26.85
CA TYR G 79 12.94 -18.42 25.82
C TYR G 79 14.09 -19.36 25.52
N LEU G 80 15.32 -18.83 25.49
CA LEU G 80 16.49 -19.70 25.30
C LEU G 80 16.63 -20.72 26.42
N GLY G 81 16.04 -20.45 27.59
CA GLY G 81 16.07 -21.38 28.70
C GLY G 81 14.98 -22.43 28.68
N GLY G 82 14.10 -22.42 27.69
CA GLY G 82 13.08 -23.42 27.56
C GLY G 82 11.72 -23.07 28.12
N ARG G 83 11.40 -21.80 28.30
CA ARG G 83 10.12 -21.36 28.83
C ARG G 83 9.52 -20.31 27.90
N LYS G 84 8.23 -20.46 27.60
CA LYS G 84 7.53 -19.50 26.75
C LYS G 84 7.22 -18.24 27.55
N CYS G 85 7.40 -17.09 26.91
CA CYS G 85 7.28 -15.80 27.59
C CYS G 85 6.45 -14.84 26.76
N VAL G 86 5.85 -13.86 27.45
CA VAL G 86 5.12 -12.79 26.82
C VAL G 86 5.66 -11.47 27.37
N MET G 87 5.47 -10.40 26.61
CA MET G 87 5.87 -9.07 27.02
C MET G 87 4.71 -8.11 26.87
N LEU G 88 4.58 -7.19 27.82
CA LEU G 88 3.52 -6.18 27.81
C LEU G 88 4.15 -4.80 27.70
N MET G 89 3.55 -3.96 26.85
CA MET G 89 4.09 -2.62 26.67
C MET G 89 3.05 -1.71 26.05
N GLN G 90 3.28 -0.41 26.21
CA GLN G 90 2.52 0.62 25.52
C GLN G 90 2.95 0.69 24.06
N ASN G 91 2.02 1.11 23.20
CA ASN G 91 2.31 1.14 21.76
C ASN G 91 3.49 2.06 21.45
N SER G 92 3.59 3.19 22.14
CA SER G 92 4.78 4.03 21.99
C SER G 92 6.05 3.29 22.37
N GLY G 93 5.96 2.39 23.36
CA GLY G 93 7.12 1.59 23.71
C GLY G 93 7.65 0.77 22.57
N LEU G 94 6.81 0.45 21.59
CA LEU G 94 7.27 -0.23 20.39
C LEU G 94 8.43 0.53 19.75
N GLY G 95 8.31 1.86 19.66
CA GLY G 95 9.36 2.67 19.07
C GLY G 95 10.67 2.57 19.80
N TYR G 96 10.67 2.13 21.06
CA TYR G 96 11.89 1.97 21.83
C TYR G 96 12.51 0.60 21.67
N CYS G 97 11.79 -0.38 21.12
CA CYS G 97 12.30 -1.74 21.04
C CYS G 97 12.19 -2.37 19.66
N LEU G 98 11.62 -1.67 18.67
CA LEU G 98 11.41 -2.24 17.35
C LEU G 98 12.70 -2.82 16.77
N ASN G 99 13.83 -2.14 17.04
CA ASN G 99 15.13 -2.64 16.59
C ASN G 99 15.32 -4.09 16.97
N VAL G 100 15.19 -4.41 18.26
CA VAL G 100 15.46 -5.77 18.71
C VAL G 100 14.46 -6.76 18.13
N LEU G 101 13.32 -6.28 17.64
CA LEU G 101 12.40 -7.16 16.93
C LEU G 101 12.89 -7.44 15.52
N THR G 102 13.37 -6.41 14.82
CA THR G 102 13.84 -6.57 13.46
C THR G 102 15.31 -6.96 13.37
N SER G 103 16.02 -7.01 14.50
CA SER G 103 17.42 -7.38 14.52
C SER G 103 17.72 -8.66 15.28
N PHE G 104 16.85 -9.09 16.20
CA PHE G 104 17.09 -10.28 17.00
C PHE G 104 16.00 -11.33 16.83
N ASN G 105 14.74 -11.00 17.17
CA ASN G 105 13.71 -12.02 17.26
C ASN G 105 13.37 -12.61 15.89
N PHE G 106 13.20 -11.76 14.89
CA PHE G 106 12.89 -12.26 13.55
C PHE G 106 14.13 -12.68 12.78
N ILE G 107 15.32 -12.40 13.29
CA ILE G 107 16.55 -12.92 12.69
C ILE G 107 16.92 -14.27 13.27
N TYR G 108 16.78 -14.42 14.59
CA TYR G 108 17.08 -15.67 15.27
C TYR G 108 15.89 -16.60 15.39
N ASP G 109 14.69 -16.16 14.98
CA ASP G 109 13.46 -16.92 15.14
C ASP G 109 13.22 -17.26 16.62
N ILE G 110 13.20 -16.23 17.44
CA ILE G 110 12.95 -16.35 18.88
C ILE G 110 11.58 -15.75 19.18
N PRO G 111 10.53 -16.56 19.30
CA PRO G 111 9.18 -16.01 19.44
C PRO G 111 8.88 -15.54 20.85
N ILE G 112 8.10 -14.46 20.94
CA ILE G 112 7.62 -13.90 22.19
C ILE G 112 6.26 -13.26 21.94
N LEU G 113 5.28 -13.57 22.78
CA LEU G 113 3.98 -12.93 22.63
C LEU G 113 4.05 -11.46 23.03
N LEU G 114 3.53 -10.58 22.19
CA LEU G 114 3.55 -9.15 22.41
C LEU G 114 2.13 -8.67 22.71
N LEU G 115 1.91 -8.20 23.93
CA LEU G 115 0.64 -7.63 24.35
C LEU G 115 0.80 -6.12 24.36
N ILE G 116 0.25 -5.46 23.35
CA ILE G 116 0.47 -4.04 23.12
C ILE G 116 -0.84 -3.30 23.33
N SER G 117 -0.80 -2.27 24.18
CA SER G 117 -1.95 -1.39 24.37
C SER G 117 -1.99 -0.37 23.26
N TRP G 118 -3.09 -0.34 22.51
CA TRP G 118 -3.21 0.53 21.33
C TRP G 118 -3.80 1.87 21.74
N ARG G 119 -3.00 2.65 22.45
CA ARG G 119 -3.38 4.00 22.82
C ARG G 119 -3.52 4.87 21.57
N GLY G 120 -4.60 5.63 21.51
CA GLY G 120 -4.88 6.44 20.34
C GLY G 120 -5.46 5.69 19.17
N ALA G 121 -5.90 4.44 19.38
CA ALA G 121 -6.51 3.68 18.29
C ALA G 121 -7.73 4.40 17.73
N TYR G 122 -8.48 5.08 18.60
CA TYR G 122 -9.71 5.74 18.21
C TYR G 122 -9.50 7.21 17.87
N GLY G 123 -8.29 7.74 18.04
CA GLY G 123 -7.96 9.08 17.62
C GLY G 123 -8.33 10.19 18.57
N ASN G 124 -9.11 9.90 19.62
CA ASN G 124 -9.50 10.90 20.60
C ASN G 124 -8.66 10.84 21.87
N ASP G 125 -7.55 10.11 21.84
CA ASP G 125 -6.69 9.95 23.01
C ASP G 125 -5.83 11.19 23.20
N ALA G 126 -4.93 11.13 24.19
CA ALA G 126 -4.01 12.22 24.45
C ALA G 126 -3.04 12.39 23.28
N VAL G 127 -2.48 13.60 23.17
CA VAL G 127 -1.79 13.99 21.94
C VAL G 127 -0.53 13.16 21.69
N GLU G 128 0.13 12.68 22.74
CA GLU G 128 1.34 11.90 22.55
C GLU G 128 1.07 10.54 21.90
N HIS G 129 -0.20 10.15 21.78
CA HIS G 129 -0.60 8.90 21.15
C HIS G 129 -1.29 9.12 19.80
N ASP G 130 -1.25 10.35 19.27
CA ASP G 130 -1.96 10.64 18.03
C ASP G 130 -1.39 9.86 16.85
N ILE G 131 -0.08 9.92 16.67
CA ILE G 131 0.54 9.32 15.49
C ILE G 131 0.59 7.81 15.60
N ILE G 132 1.19 7.29 16.68
CA ILE G 132 1.34 5.85 16.82
C ILE G 132 -0.01 5.16 16.89
N GLY G 133 -1.01 5.82 17.48
CA GLY G 133 -2.35 5.26 17.49
C GLY G 133 -3.03 5.28 16.14
N GLU G 134 -2.59 6.15 15.23
CA GLU G 134 -3.15 6.23 13.89
C GLU G 134 -2.48 5.29 12.91
N LYS G 135 -1.22 4.90 13.16
CA LYS G 135 -0.45 4.13 12.19
C LYS G 135 0.21 2.90 12.82
N LEU G 136 -0.37 2.35 13.88
CA LEU G 136 0.22 1.16 14.50
C LEU G 136 0.19 -0.03 13.56
N THR G 137 -0.95 -0.24 12.88
CA THR G 137 -1.05 -1.37 11.96
C THR G 137 -0.14 -1.18 10.75
N ASP G 138 -0.04 0.05 10.24
CA ASP G 138 0.91 0.33 9.17
C ASP G 138 2.34 0.03 9.61
N LEU G 139 2.68 0.42 10.85
CA LEU G 139 4.01 0.15 11.38
C LEU G 139 4.28 -1.34 11.43
N LEU G 140 3.35 -2.10 12.00
CA LEU G 140 3.55 -3.54 12.14
C LEU G 140 3.61 -4.24 10.78
N ASP G 141 2.79 -3.81 9.83
CA ASP G 141 2.81 -4.42 8.51
C ASP G 141 4.06 -4.06 7.73
N SER G 142 4.64 -2.89 8.01
CA SER G 142 5.83 -2.45 7.27
C SER G 142 7.02 -3.37 7.52
N VAL G 143 7.14 -3.93 8.72
CA VAL G 143 8.25 -4.81 9.06
C VAL G 143 7.79 -6.25 9.26
N ASP G 144 6.57 -6.57 8.83
CA ASP G 144 6.06 -7.95 8.81
C ASP G 144 6.02 -8.57 10.20
N ILE G 145 5.59 -7.80 11.19
CA ILE G 145 5.32 -8.30 12.52
C ILE G 145 3.85 -8.69 12.60
N PRO G 146 3.50 -9.98 12.62
CA PRO G 146 2.10 -10.37 12.62
C PRO G 146 1.39 -9.93 13.90
N TYR G 147 0.14 -9.50 13.74
CA TYR G 147 -0.67 -9.06 14.86
C TYR G 147 -2.10 -9.53 14.66
N LYS G 148 -2.94 -9.31 15.68
CA LYS G 148 -4.35 -9.65 15.60
C LYS G 148 -5.08 -8.89 16.70
N GLU G 149 -6.12 -8.15 16.31
CA GLU G 149 -6.87 -7.35 17.27
C GLU G 149 -7.56 -8.24 18.29
N LEU G 150 -7.47 -7.85 19.56
CA LEU G 150 -8.14 -8.57 20.63
C LEU G 150 -9.63 -8.22 20.63
N ASP G 151 -10.47 -9.22 20.44
CA ASP G 151 -11.91 -9.05 20.60
C ASP G 151 -12.30 -9.54 21.99
N TYR G 152 -13.22 -8.80 22.62
CA TYR G 152 -13.53 -9.02 24.03
C TYR G 152 -14.62 -10.05 24.26
N GLU G 153 -15.41 -10.36 23.23
CA GLU G 153 -16.41 -11.43 23.38
C GLU G 153 -15.77 -12.80 23.39
N ASN G 154 -14.61 -12.95 22.73
CA ASN G 154 -13.89 -14.21 22.64
C ASN G 154 -12.42 -13.95 22.98
N SER G 155 -12.16 -13.70 24.27
CA SER G 155 -10.82 -13.30 24.68
C SER G 155 -9.83 -14.46 24.59
N GLU G 156 -10.25 -15.66 24.98
CA GLU G 156 -9.35 -16.81 24.94
C GLU G 156 -8.98 -17.19 23.51
N GLY G 157 -9.92 -17.05 22.57
CA GLY G 157 -9.64 -17.42 21.19
C GLY G 157 -8.52 -16.61 20.57
N THR G 158 -8.38 -15.34 20.96
CA THR G 158 -7.29 -14.52 20.43
C THR G 158 -5.94 -15.05 20.88
N ILE G 159 -5.81 -15.38 22.16
CA ILE G 159 -4.56 -15.97 22.65
C ILE G 159 -4.31 -17.31 21.96
N LEU G 160 -5.38 -18.09 21.74
CA LEU G 160 -5.22 -19.37 21.07
C LEU G 160 -4.68 -19.21 19.65
N ASP G 161 -5.24 -18.25 18.91
CA ASP G 161 -4.78 -18.00 17.54
C ASP G 161 -3.34 -17.48 17.52
N ALA G 162 -3.01 -16.59 18.47
CA ALA G 162 -1.64 -16.09 18.55
C ALA G 162 -0.66 -17.21 18.85
N LEU G 163 -1.05 -18.14 19.74
CA LEU G 163 -0.17 -19.25 20.08
C LEU G 163 -0.03 -20.21 18.91
N PHE G 164 -1.12 -20.44 18.16
CA PHE G 164 -1.03 -21.22 16.94
C PHE G 164 -0.01 -20.61 15.97
N LEU G 165 -0.13 -19.30 15.73
CA LEU G 165 0.79 -18.64 14.80
C LEU G 165 2.22 -18.69 15.31
N ILE G 166 2.41 -18.56 16.63
CA ILE G 166 3.77 -18.60 17.18
C ILE G 166 4.37 -19.99 17.03
N GLU G 167 3.59 -21.03 17.33
CA GLU G 167 4.09 -22.40 17.20
C GLU G 167 4.38 -22.76 15.75
N LYS G 168 3.62 -22.20 14.81
CA LYS G 168 3.85 -22.51 13.40
C LYS G 168 4.95 -21.66 12.76
N THR G 169 5.20 -20.45 13.27
CA THR G 169 6.19 -19.56 12.68
C THR G 169 7.51 -19.52 13.45
N ASN G 170 7.50 -19.87 14.73
CA ASN G 170 8.66 -19.69 15.61
C ASN G 170 9.12 -18.23 15.59
N ARG G 171 8.18 -17.31 15.42
CA ARG G 171 8.44 -15.88 15.37
C ARG G 171 7.38 -15.18 16.20
N PRO G 172 7.74 -14.05 16.82
CA PRO G 172 6.79 -13.38 17.71
C PRO G 172 5.60 -12.80 16.96
N VAL G 173 4.44 -12.83 17.62
CA VAL G 173 3.22 -12.19 17.14
C VAL G 173 2.68 -11.32 18.25
N ALA G 174 1.76 -10.42 17.89
CA ALA G 174 1.22 -9.44 18.82
C ALA G 174 -0.30 -9.48 18.81
N ILE G 175 -0.89 -9.03 19.92
CA ILE G 175 -2.32 -8.77 19.99
C ILE G 175 -2.50 -7.35 20.50
N LEU G 176 -3.41 -6.61 19.88
CA LEU G 176 -3.54 -5.18 20.10
C LEU G 176 -4.74 -4.90 20.99
N ILE G 177 -4.51 -4.18 22.08
CA ILE G 177 -5.53 -3.90 23.09
C ILE G 177 -6.00 -2.46 22.90
N LYS G 178 -7.22 -2.30 22.39
CA LYS G 178 -7.79 -0.96 22.22
C LYS G 178 -8.40 -0.45 23.51
N ASP G 179 -9.23 -1.26 24.16
CA ASP G 179 -9.94 -0.87 25.37
C ASP G 179 -9.29 -1.49 26.60
N GLU G 180 -9.74 -1.06 27.76
CA GLU G 180 -9.15 -1.51 29.01
C GLU G 180 -9.40 -3.00 29.23
N ILE G 181 -8.49 -3.63 29.98
CA ILE G 181 -8.65 -5.02 30.37
C ILE G 181 -8.50 -5.15 31.89
N MET H 1 47.91 -5.94 27.30
CA MET H 1 47.11 -7.04 26.78
C MET H 1 46.10 -6.54 25.75
N ASN H 2 45.50 -7.46 25.01
CA ASN H 2 44.51 -7.16 23.99
C ASN H 2 43.23 -7.93 24.27
N LYS H 3 42.29 -7.87 23.32
CA LYS H 3 41.08 -8.66 23.44
C LYS H 3 41.39 -10.15 23.45
N HIS H 4 42.41 -10.56 22.68
CA HIS H 4 42.86 -11.95 22.68
C HIS H 4 43.18 -12.44 24.09
N ASP H 5 44.03 -11.69 24.80
CA ASP H 5 44.47 -12.12 26.12
C ASP H 5 43.32 -12.15 27.13
N ALA H 6 42.48 -11.12 27.13
CA ALA H 6 41.38 -11.08 28.09
C ALA H 6 40.35 -12.18 27.81
N ILE H 7 40.04 -12.41 26.53
CA ILE H 7 39.05 -13.43 26.21
C ILE H 7 39.61 -14.82 26.52
N GLN H 8 40.91 -15.04 26.32
CA GLN H 8 41.47 -16.33 26.70
C GLN H 8 41.55 -16.50 28.22
N LEU H 9 41.81 -15.40 28.94
CA LEU H 9 41.77 -15.43 30.39
C LEU H 9 40.41 -15.92 30.88
N ILE H 10 39.34 -15.25 30.43
CA ILE H 10 38.02 -15.63 30.92
C ILE H 10 37.63 -17.02 30.40
N LEU H 11 38.07 -17.39 29.20
CA LEU H 11 37.79 -18.73 28.69
C LEU H 11 38.42 -19.80 29.58
N GLY H 12 39.68 -19.59 29.96
CA GLY H 12 40.33 -20.51 30.87
C GLY H 12 39.72 -20.52 32.25
N GLN H 13 39.11 -19.40 32.66
CA GLN H 13 38.47 -19.34 33.98
C GLN H 13 37.22 -20.20 34.03
N PHE H 14 36.30 -20.02 33.08
CA PHE H 14 35.03 -20.76 33.05
C PHE H 14 34.85 -21.38 31.68
N PRO H 15 35.39 -22.58 31.43
CA PRO H 15 35.22 -23.21 30.13
C PRO H 15 33.84 -23.85 29.96
N SER H 16 33.30 -24.43 31.02
CA SER H 16 31.99 -25.08 30.94
C SER H 16 30.84 -24.09 30.89
N ALA H 17 31.08 -22.82 31.19
CA ALA H 17 30.01 -21.84 31.26
C ALA H 17 29.53 -21.45 29.87
N TYR H 18 28.26 -21.06 29.78
CA TYR H 18 27.69 -20.56 28.55
C TYR H 18 27.99 -19.07 28.39
N LEU H 19 28.09 -18.62 27.14
CA LEU H 19 28.53 -17.26 26.86
C LEU H 19 27.56 -16.55 25.93
N VAL H 20 27.44 -15.25 26.13
CA VAL H 20 26.68 -14.35 25.26
C VAL H 20 27.56 -13.16 24.94
N SER H 21 27.85 -12.95 23.66
CA SER H 21 28.75 -11.90 23.22
C SER H 21 27.99 -10.83 22.44
N THR H 22 28.37 -9.57 22.66
CA THR H 22 27.73 -8.45 21.99
C THR H 22 28.09 -8.44 20.51
N CYS H 23 27.32 -7.66 19.75
CA CYS H 23 27.56 -7.56 18.32
C CYS H 23 28.80 -6.72 18.04
N GLY H 24 29.47 -7.05 16.93
CA GLY H 24 30.66 -6.32 16.52
C GLY H 24 31.89 -7.22 16.53
N HIS H 25 33.03 -6.59 16.80
CA HIS H 25 34.31 -7.31 16.78
C HIS H 25 34.47 -8.29 17.93
N ILE H 26 33.71 -8.12 19.02
CA ILE H 26 33.88 -8.98 20.18
C ILE H 26 33.43 -10.41 19.87
N SER H 27 32.22 -10.56 19.34
CA SER H 27 31.74 -11.87 18.92
C SER H 27 32.64 -12.47 17.87
N ARG H 28 33.13 -11.65 16.93
CA ARG H 28 34.04 -12.13 15.89
C ARG H 28 35.30 -12.73 16.49
N ASP H 29 35.95 -11.99 17.40
CA ASP H 29 37.20 -12.47 17.98
C ASP H 29 36.96 -13.71 18.84
N LEU H 30 35.85 -13.74 19.58
CA LEU H 30 35.52 -14.93 20.36
C LEU H 30 35.36 -16.14 19.45
N TYR H 31 34.64 -15.97 18.33
CA TYR H 31 34.42 -17.08 17.41
C TYR H 31 35.73 -17.52 16.75
N ASN H 32 36.61 -16.57 16.45
CA ASN H 32 37.87 -16.91 15.81
C ASN H 32 38.81 -17.62 16.76
N ILE H 33 38.77 -17.27 18.05
CA ILE H 33 39.66 -17.89 19.02
C ILE H 33 39.18 -19.31 19.37
N ASN H 34 37.90 -19.43 19.73
CA ASN H 34 37.36 -20.74 20.09
C ASN H 34 35.85 -20.72 19.85
N ASP H 35 35.40 -21.44 18.84
CA ASP H 35 33.99 -21.58 18.53
C ASP H 35 33.42 -22.76 19.33
N ARG H 36 32.46 -22.47 20.21
CA ARG H 36 31.85 -23.48 21.05
C ARG H 36 30.34 -23.48 20.84
N ALA H 37 29.74 -24.67 20.98
CA ALA H 37 28.29 -24.75 21.01
C ALA H 37 27.71 -24.03 22.22
N ARG H 38 28.54 -23.79 23.24
CA ARG H 38 28.16 -23.02 24.42
C ARG H 38 28.31 -21.51 24.22
N ASN H 39 28.59 -21.06 23.00
CA ASN H 39 28.80 -19.65 22.71
C ASN H 39 27.62 -19.12 21.91
N PHE H 40 27.05 -18.00 22.37
CA PHE H 40 25.91 -17.35 21.73
C PHE H 40 26.37 -15.99 21.23
N TYR H 41 26.68 -15.91 19.93
CA TYR H 41 27.09 -14.67 19.31
C TYR H 41 25.84 -13.94 18.81
N MET H 42 25.67 -12.70 19.25
CA MET H 42 24.57 -11.87 18.79
C MET H 42 25.04 -11.01 17.63
N VAL H 43 24.48 -11.25 16.44
CA VAL H 43 24.90 -10.53 15.25
C VAL H 43 24.40 -9.08 15.27
N GLY H 44 23.23 -8.82 15.84
CA GLY H 44 22.75 -7.46 15.95
C GLY H 44 22.28 -7.12 17.35
N SER H 45 21.35 -6.18 17.48
CA SER H 45 20.76 -5.82 18.78
C SER H 45 21.84 -5.35 19.76
N MET H 46 22.51 -4.27 19.37
CA MET H 46 23.58 -3.73 20.19
C MET H 46 23.05 -3.33 21.56
N GLY H 47 23.75 -3.76 22.62
CA GLY H 47 23.31 -3.52 23.97
C GLY H 47 22.27 -4.50 24.47
N MET H 48 22.08 -5.63 23.80
CA MET H 48 21.07 -6.61 24.18
C MET H 48 21.67 -7.95 24.58
N ALA H 49 22.99 -8.02 24.79
CA ALA H 49 23.58 -9.25 25.28
C ALA H 49 23.39 -9.40 26.79
N ALA H 50 23.49 -8.30 27.53
CA ALA H 50 23.23 -8.36 28.96
C ALA H 50 21.78 -8.70 29.30
N PRO H 51 20.76 -8.18 28.61
CA PRO H 51 19.39 -8.64 28.91
C PRO H 51 19.16 -10.12 28.65
N VAL H 52 19.63 -10.65 27.51
CA VAL H 52 19.43 -12.07 27.25
C VAL H 52 20.23 -12.91 28.24
N GLY H 53 21.41 -12.43 28.66
CA GLY H 53 22.13 -13.13 29.72
C GLY H 53 21.38 -13.14 31.03
N LEU H 54 20.75 -12.01 31.37
CA LEU H 54 19.97 -11.93 32.61
C LEU H 54 18.77 -12.87 32.54
N GLY H 55 18.12 -12.96 31.38
CA GLY H 55 17.04 -13.91 31.23
C GLY H 55 17.49 -15.34 31.38
N LEU H 56 18.63 -15.68 30.76
CA LEU H 56 19.18 -17.03 30.89
C LEU H 56 19.48 -17.34 32.34
N SER H 57 20.10 -16.40 33.06
CA SER H 57 20.36 -16.61 34.49
C SER H 57 19.07 -16.75 35.27
N THR H 58 18.01 -16.05 34.86
CA THR H 58 16.73 -16.17 35.54
C THR H 58 16.15 -17.57 35.40
N VAL H 59 16.22 -18.14 34.19
CA VAL H 59 15.70 -19.49 33.99
C VAL H 59 16.72 -20.58 34.34
N TYR H 60 18.00 -20.23 34.42
CA TYR H 60 19.05 -21.19 34.79
C TYR H 60 20.00 -20.52 35.77
N PRO H 61 19.66 -20.53 37.06
CA PRO H 61 20.46 -19.78 38.04
C PRO H 61 21.72 -20.51 38.52
N ASP H 62 21.64 -21.84 38.64
CA ASP H 62 22.74 -22.64 39.16
C ASP H 62 23.78 -22.97 38.11
N VAL H 63 23.79 -22.27 36.98
CA VAL H 63 24.77 -22.51 35.92
C VAL H 63 25.60 -21.26 35.73
N PRO H 64 26.90 -21.37 35.49
CA PRO H 64 27.70 -20.17 35.22
C PRO H 64 27.48 -19.67 33.81
N LEU H 65 27.47 -18.34 33.66
CA LEU H 65 27.35 -17.72 32.36
C LEU H 65 27.91 -16.31 32.43
N VAL H 66 28.69 -15.93 31.41
CA VAL H 66 29.31 -14.62 31.34
C VAL H 66 28.74 -13.88 30.14
N VAL H 67 28.86 -12.56 30.18
CA VAL H 67 28.35 -11.69 29.12
C VAL H 67 29.51 -10.83 28.63
N LEU H 68 29.95 -11.08 27.41
CA LEU H 68 31.03 -10.30 26.80
C LEU H 68 30.45 -8.98 26.28
N ASP H 69 30.83 -7.88 26.93
CA ASP H 69 30.38 -6.55 26.55
C ASP H 69 31.56 -5.64 26.30
N GLY H 70 31.35 -4.65 25.43
CA GLY H 70 32.30 -3.56 25.27
C GLY H 70 31.77 -2.29 25.93
N ASP H 71 32.62 -1.26 25.89
CA ASP H 71 32.19 0.04 26.42
C ASP H 71 31.01 0.59 25.63
N GLY H 72 31.00 0.37 24.31
CA GLY H 72 29.90 0.79 23.47
C GLY H 72 28.54 0.24 23.88
N SER H 73 28.41 -1.08 23.92
CA SER H 73 27.12 -1.69 24.27
C SER H 73 26.76 -1.45 25.73
N PHE H 74 27.73 -1.56 26.63
CA PHE H 74 27.49 -1.28 28.05
C PHE H 74 26.95 0.13 28.24
N LEU H 75 27.56 1.12 27.59
CA LEU H 75 27.07 2.48 27.71
C LEU H 75 25.75 2.67 26.98
N MET H 76 25.55 1.95 25.88
CA MET H 76 24.31 2.09 25.12
C MET H 76 23.10 1.65 25.95
N ASN H 77 23.25 0.57 26.71
CA ASN H 77 22.13 0.06 27.52
C ASN H 77 22.58 -0.17 28.97
N MET H 78 23.24 0.83 29.56
CA MET H 78 23.60 0.78 30.97
C MET H 78 22.41 0.50 31.89
N GLY H 79 21.19 0.87 31.48
CA GLY H 79 20.04 0.66 32.32
C GLY H 79 19.84 -0.77 32.77
N ILE H 80 20.45 -1.73 32.08
CA ILE H 80 20.27 -3.14 32.43
C ILE H 80 20.96 -3.51 33.74
N ILE H 81 21.99 -2.75 34.16
CA ILE H 81 22.71 -3.11 35.38
C ILE H 81 21.80 -2.95 36.59
N THR H 82 20.84 -2.03 36.54
CA THR H 82 19.92 -1.88 37.66
C THR H 82 19.00 -3.09 37.77
N MET H 83 18.49 -3.60 36.65
CA MET H 83 17.70 -4.82 36.67
C MET H 83 18.53 -6.01 37.14
N ILE H 84 19.79 -6.06 36.73
CA ILE H 84 20.66 -7.16 37.16
C ILE H 84 20.86 -7.11 38.67
N GLY H 85 21.12 -5.92 39.21
CA GLY H 85 21.29 -5.79 40.65
C GLY H 85 20.01 -5.99 41.42
N HIS H 86 18.86 -5.75 40.78
CA HIS H 86 17.58 -6.02 41.44
C HIS H 86 17.31 -7.51 41.53
N GLN H 87 17.43 -8.22 40.40
CA GLN H 87 17.19 -9.66 40.42
C GLN H 87 18.26 -10.39 41.24
N LYS H 88 19.49 -9.88 41.23
CA LYS H 88 20.62 -10.51 41.91
C LYS H 88 20.71 -12.01 41.61
N PRO H 89 20.93 -12.39 40.36
CA PRO H 89 21.07 -13.82 40.04
C PRO H 89 22.33 -14.40 40.65
N LYS H 90 22.23 -15.68 41.02
CA LYS H 90 23.24 -16.29 41.89
C LYS H 90 24.60 -16.43 41.20
N ASN H 91 24.62 -16.67 39.88
CA ASN H 91 25.87 -16.90 39.15
C ASN H 91 25.81 -16.18 37.80
N PHE H 92 25.84 -14.84 37.85
CA PHE H 92 25.86 -14.02 36.65
C PHE H 92 27.17 -13.26 36.60
N ILE H 93 27.86 -13.35 35.45
CA ILE H 93 29.17 -12.76 35.28
C ILE H 93 29.08 -11.71 34.18
N HIS H 94 29.36 -10.45 34.53
CA HIS H 94 29.24 -9.33 33.61
C HIS H 94 30.63 -8.85 33.24
N VAL H 95 30.99 -8.97 31.97
CA VAL H 95 32.32 -8.64 31.48
C VAL H 95 32.22 -7.41 30.59
N VAL H 96 33.13 -6.46 30.79
CA VAL H 96 33.15 -5.21 30.03
C VAL H 96 34.56 -5.02 29.50
N LEU H 97 34.73 -5.21 28.19
CA LEU H 97 36.03 -5.01 27.54
C LEU H 97 36.11 -3.56 27.10
N ASP H 98 36.87 -2.76 27.85
CA ASP H 98 36.96 -1.32 27.60
C ASP H 98 38.12 -1.05 26.64
N ASN H 99 37.79 -0.62 25.43
CA ASN H 99 38.77 -0.20 24.44
C ASN H 99 38.76 1.30 24.21
N GLY H 100 37.82 2.02 24.83
CA GLY H 100 37.71 3.45 24.63
C GLY H 100 37.28 3.84 23.24
N MET H 101 36.56 2.96 22.53
CA MET H 101 36.22 3.19 21.15
C MET H 101 34.91 2.50 20.80
N HIS H 102 34.35 2.90 19.66
CA HIS H 102 33.39 2.08 18.93
C HIS H 102 34.19 1.39 17.82
N GLU H 103 34.97 0.38 18.22
CA GLU H 103 36.00 -0.17 17.36
C GLU H 103 35.41 -0.79 16.10
N SER H 104 34.31 -1.53 16.23
CA SER H 104 33.76 -2.26 15.10
C SER H 104 33.34 -1.35 13.95
N THR H 105 33.06 -0.07 14.24
CA THR H 105 32.62 0.88 13.23
C THR H 105 33.67 1.96 12.97
N GLY H 106 34.95 1.62 13.10
CA GLY H 106 36.02 2.56 12.82
C GLY H 106 36.64 3.22 14.02
N GLY H 107 36.32 2.79 15.23
CA GLY H 107 36.93 3.33 16.43
C GLY H 107 36.61 4.79 16.69
N GLN H 108 35.33 5.14 16.65
CA GLN H 108 34.91 6.50 16.97
C GLN H 108 34.87 6.70 18.47
N ARG H 109 35.08 7.95 18.90
CA ARG H 109 35.09 8.26 20.32
C ARG H 109 33.72 8.03 20.94
N THR H 110 33.73 7.47 22.14
CA THR H 110 32.52 7.24 22.92
C THR H 110 32.53 8.12 24.16
N VAL H 111 31.44 8.07 24.91
CA VAL H 111 31.43 8.71 26.23
C VAL H 111 32.34 7.91 27.16
N PRO H 112 33.22 8.56 27.93
CA PRO H 112 34.17 7.79 28.76
C PRO H 112 33.45 7.06 29.89
N LEU H 113 33.63 5.74 29.92
CA LEU H 113 33.11 4.93 31.02
C LEU H 113 34.00 5.12 32.24
N VAL H 114 33.44 5.70 33.30
CA VAL H 114 34.21 6.10 34.48
C VAL H 114 33.64 5.39 35.70
N ASN H 115 34.52 4.78 36.48
CA ASN H 115 34.17 4.18 37.78
C ASN H 115 33.09 3.10 37.62
N VAL H 116 33.30 2.22 36.63
CA VAL H 116 32.29 1.20 36.33
C VAL H 116 32.15 0.22 37.48
N THR H 117 33.27 -0.15 38.12
CA THR H 117 33.22 -1.12 39.21
C THR H 117 32.48 -0.56 40.42
N ASP H 118 32.73 0.70 40.78
CA ASP H 118 32.02 1.31 41.89
C ASP H 118 30.51 1.35 41.62
N ILE H 119 30.12 1.72 40.40
CA ILE H 119 28.71 1.79 40.06
C ILE H 119 28.08 0.40 40.09
N ALA H 120 28.82 -0.61 39.61
CA ALA H 120 28.32 -1.97 39.68
C ALA H 120 28.08 -2.40 41.12
N LEU H 121 29.02 -2.07 42.02
CA LEU H 121 28.80 -2.38 43.43
C LEU H 121 27.61 -1.61 43.99
N GLN H 122 27.41 -0.37 43.55
CA GLN H 122 26.32 0.44 44.08
C GLN H 122 24.95 -0.06 43.63
N VAL H 123 24.85 -0.59 42.40
CA VAL H 123 23.56 -1.09 41.93
C VAL H 123 23.24 -2.48 42.45
N GLY H 124 24.12 -3.09 43.24
CA GLY H 124 23.79 -4.34 43.88
C GLY H 124 24.64 -5.54 43.53
N TYR H 125 25.68 -5.33 42.72
CA TYR H 125 26.57 -6.43 42.37
C TYR H 125 27.34 -6.90 43.60
N GLU H 126 27.50 -8.22 43.72
CA GLU H 126 28.21 -8.78 44.86
C GLU H 126 29.68 -8.35 44.85
N TYR H 127 30.33 -8.44 43.69
CA TYR H 127 31.71 -8.03 43.56
C TYR H 127 31.92 -7.37 42.20
N ALA H 128 32.89 -6.46 42.15
CA ALA H 128 33.24 -5.79 40.90
C ALA H 128 34.73 -5.48 40.96
N ILE H 129 35.50 -6.15 40.11
CA ILE H 129 36.96 -6.01 40.10
C ILE H 129 37.40 -5.52 38.73
N GLU H 130 38.44 -4.68 38.73
CA GLU H 130 39.09 -4.26 37.50
C GLU H 130 40.25 -5.20 37.18
N ILE H 131 40.72 -5.15 35.94
CA ILE H 131 41.81 -6.00 35.49
C ILE H 131 42.89 -5.12 34.87
N ASN H 132 44.11 -5.26 35.37
CA ASN H 132 45.28 -4.61 34.79
C ASN H 132 46.03 -5.61 33.92
N SER H 133 46.78 -5.09 32.95
CA SER H 133 47.50 -5.96 32.02
C SER H 133 48.60 -6.75 32.72
N GLY H 134 49.18 -6.19 33.78
CA GLY H 134 50.30 -6.86 34.42
C GLY H 134 49.90 -8.07 35.24
N GLN H 135 48.89 -7.90 36.10
CA GLN H 135 48.46 -8.96 37.01
C GLN H 135 47.28 -9.71 36.45
N LYS H 136 47.27 -11.03 36.66
CA LYS H 136 46.25 -11.89 36.06
C LYS H 136 44.93 -11.83 36.84
N SER H 137 45.00 -11.81 38.17
CA SER H 137 43.82 -11.75 39.03
C SER H 137 42.86 -12.90 38.71
N PHE H 138 43.38 -14.12 38.89
CA PHE H 138 42.65 -15.31 38.43
C PHE H 138 41.52 -15.71 39.38
N ASP H 139 41.68 -15.52 40.68
CA ASP H 139 40.68 -15.97 41.63
C ASP H 139 39.54 -14.95 41.75
N LEU H 140 38.31 -15.44 41.64
CA LEU H 140 37.10 -14.63 41.77
C LEU H 140 36.21 -15.20 42.86
N PRO H 141 35.40 -14.37 43.51
CA PRO H 141 34.44 -14.89 44.50
C PRO H 141 33.46 -15.87 43.86
N ASN H 142 33.04 -16.86 44.65
CA ASN H 142 32.22 -17.94 44.11
C ASN H 142 30.79 -17.49 43.86
N GLU H 143 30.26 -16.58 44.67
CA GLU H 143 28.86 -16.18 44.61
C GLU H 143 28.72 -14.91 43.79
N GLY H 144 27.95 -14.99 42.70
CA GLY H 144 27.65 -13.83 41.89
C GLY H 144 26.46 -13.06 42.44
N PRO H 145 25.99 -12.03 41.72
CA PRO H 145 26.48 -11.60 40.40
C PRO H 145 27.64 -10.61 40.49
N GLY H 146 28.59 -10.71 39.56
CA GLY H 146 29.77 -9.87 39.59
C GLY H 146 30.08 -9.31 38.22
N LEU H 147 30.75 -8.16 38.22
CA LEU H 147 31.16 -7.49 36.99
C LEU H 147 32.68 -7.41 36.94
N ILE H 148 33.24 -7.69 35.77
CA ILE H 148 34.68 -7.60 35.52
C ILE H 148 34.92 -6.53 34.48
N HIS H 149 35.75 -5.54 34.83
CA HIS H 149 36.15 -4.49 33.92
C HIS H 149 37.57 -4.74 33.44
N ILE H 150 37.75 -4.75 32.13
CA ILE H 150 39.05 -4.98 31.51
C ILE H 150 39.33 -3.86 30.53
N LYS H 151 40.47 -3.20 30.70
CA LYS H 151 40.92 -2.16 29.77
C LYS H 151 41.78 -2.81 28.69
N VAL H 152 41.27 -2.86 27.46
CA VAL H 152 41.97 -3.47 26.35
C VAL H 152 42.46 -2.37 25.42
N GLU H 153 43.60 -2.65 24.77
CA GLU H 153 44.25 -1.68 23.89
C GLU H 153 43.75 -1.83 22.45
N PRO H 154 43.82 -0.76 21.67
CA PRO H 154 43.41 -0.84 20.26
C PRO H 154 44.18 -1.93 19.51
N ARG H 155 43.43 -2.87 18.94
CA ARG H 155 44.05 -4.00 18.27
C ARG H 155 44.67 -3.58 16.95
N SER H 156 45.89 -4.04 16.70
CA SER H 156 46.56 -3.83 15.43
C SER H 156 46.61 -5.09 14.57
N GLU H 157 46.09 -6.21 15.08
CA GLU H 157 46.08 -7.46 14.32
C GLU H 157 45.00 -7.41 13.24
N LYS H 158 44.88 -8.53 12.53
CA LYS H 158 43.85 -8.63 11.49
C LYS H 158 42.45 -8.62 12.11
N ILE H 159 41.47 -8.28 11.28
CA ILE H 159 40.10 -8.15 11.77
C ILE H 159 39.54 -9.51 12.16
N GLY H 160 39.71 -10.50 11.29
CA GLY H 160 39.24 -11.84 11.57
C GLY H 160 38.04 -12.20 10.71
N LYS H 161 37.82 -13.51 10.57
CA LYS H 161 36.73 -14.00 9.74
C LYS H 161 35.39 -13.76 10.42
N ARG H 162 34.37 -13.47 9.61
CA ARG H 162 33.03 -13.32 10.15
C ARG H 162 32.48 -14.67 10.63
N VAL H 163 31.47 -14.59 11.49
CA VAL H 163 30.85 -15.81 12.00
C VAL H 163 30.21 -16.58 10.86
N HIS H 164 30.47 -17.89 10.81
CA HIS H 164 29.93 -18.74 9.77
C HIS H 164 28.61 -19.39 10.14
N TRP H 165 28.20 -19.31 11.40
CA TRP H 165 27.00 -19.99 11.86
C TRP H 165 25.76 -19.18 11.52
N THR H 166 24.78 -19.85 10.90
CA THR H 166 23.47 -19.25 10.72
C THR H 166 22.83 -19.02 12.09
N PRO H 167 22.15 -17.88 12.30
CA PRO H 167 21.54 -17.61 13.62
C PRO H 167 20.67 -18.74 14.15
N GLN H 168 19.88 -19.38 13.29
CA GLN H 168 19.11 -20.54 13.73
C GLN H 168 20.03 -21.66 14.20
N GLU H 169 21.18 -21.84 13.54
CA GLU H 169 22.13 -22.86 13.97
C GLU H 169 22.75 -22.52 15.32
N ILE H 170 23.05 -21.23 15.55
CA ILE H 170 23.55 -20.80 16.85
C ILE H 170 22.53 -21.11 17.94
N VAL H 171 21.27 -20.74 17.69
CA VAL H 171 20.21 -20.99 18.66
C VAL H 171 20.09 -22.49 18.93
N GLN H 172 20.15 -23.31 17.87
CA GLN H 172 20.00 -24.75 18.03
C GLN H 172 21.13 -25.33 18.87
N ARG H 173 22.38 -24.95 18.56
CA ARG H 173 23.51 -25.47 19.33
C ARG H 173 23.41 -25.06 20.80
N PHE H 174 23.15 -23.77 21.05
CA PHE H 174 23.05 -23.28 22.41
C PHE H 174 21.94 -23.99 23.19
N THR H 175 20.76 -24.10 22.58
CA THR H 175 19.62 -24.73 23.26
C THR H 175 19.85 -26.22 23.47
N ASN H 176 20.49 -26.88 22.50
CA ASN H 176 20.76 -28.31 22.64
C ASN H 176 21.71 -28.56 23.82
N GLU H 177 22.76 -27.76 23.94
CA GLU H 177 23.67 -27.93 25.08
C GLU H 177 22.97 -27.58 26.39
N LEU H 178 22.16 -26.52 26.39
CA LEU H 178 21.46 -26.13 27.62
C LEU H 178 20.51 -27.24 28.08
N THR H 179 19.81 -27.87 27.15
CA THR H 179 18.89 -28.95 27.52
C THR H 179 19.64 -30.22 27.88
N LEU H 180 20.81 -30.44 27.27
CA LEU H 180 21.61 -31.61 27.62
C LEU H 180 22.11 -31.51 29.05
N GLU H 181 22.53 -30.31 29.48
CA GLU H 181 23.08 -30.17 30.83
C GLU H 181 22.03 -30.43 31.90
N ASN H 182 20.79 -30.01 31.65
CA ASN H 182 19.71 -30.24 32.60
C ASN H 182 18.34 -30.12 31.93
N SER I 17 -11.02 -36.90 5.14
CA SER I 17 -11.03 -35.95 6.25
C SER I 17 -11.42 -34.55 5.78
N THR I 18 -10.52 -33.58 5.98
CA THR I 18 -10.81 -32.21 5.61
C THR I 18 -10.94 -32.06 4.09
N ALA I 19 -9.96 -32.57 3.35
CA ALA I 19 -10.05 -32.56 1.89
C ALA I 19 -11.28 -33.31 1.41
N GLU I 20 -11.70 -34.35 2.14
CA GLU I 20 -12.91 -35.07 1.78
C GLU I 20 -14.14 -34.17 1.89
N ARG I 21 -14.23 -33.39 2.97
CA ARG I 21 -15.36 -32.47 3.11
C ARG I 21 -15.32 -31.38 2.04
N MET I 22 -14.14 -30.84 1.75
CA MET I 22 -14.01 -29.85 0.69
C MET I 22 -14.49 -30.41 -0.64
N LEU I 23 -14.03 -31.62 -1.01
CA LEU I 23 -14.42 -32.23 -2.27
C LEU I 23 -15.90 -32.55 -2.30
N SER I 24 -16.46 -32.98 -1.16
CA SER I 24 -17.88 -33.31 -1.12
C SER I 24 -18.74 -32.07 -1.34
N THR I 25 -18.43 -30.98 -0.64
CA THR I 25 -19.19 -29.75 -0.86
C THR I 25 -18.90 -29.13 -2.21
N LEU I 26 -17.77 -29.45 -2.83
CA LEU I 26 -17.53 -29.01 -4.21
C LEU I 26 -18.43 -29.75 -5.19
N THR I 27 -18.44 -31.08 -5.13
CA THR I 27 -19.24 -31.86 -6.07
C THR I 27 -20.73 -31.69 -5.82
N GLU I 28 -21.14 -31.49 -4.57
CA GLU I 28 -22.54 -31.20 -4.29
C GLU I 28 -22.99 -29.88 -4.89
N ASN I 29 -22.06 -28.97 -5.17
CA ASN I 29 -22.34 -27.72 -5.86
C ASN I 29 -21.92 -27.77 -7.33
N ASN I 30 -21.78 -28.98 -7.89
CA ASN I 30 -21.57 -29.21 -9.32
C ASN I 30 -20.19 -28.74 -9.80
N TYR I 31 -19.18 -28.88 -8.95
CA TYR I 31 -17.78 -28.66 -9.34
C TYR I 31 -17.14 -30.04 -9.42
N THR I 32 -17.19 -30.63 -10.61
CA THR I 32 -16.81 -32.03 -10.81
C THR I 32 -15.56 -32.22 -11.65
N HIS I 33 -15.04 -31.16 -12.27
CA HIS I 33 -13.92 -31.29 -13.19
C HIS I 33 -12.69 -30.60 -12.63
N PHE I 34 -11.59 -31.34 -12.57
CA PHE I 34 -10.39 -30.94 -11.84
C PHE I 34 -9.17 -31.06 -12.74
N THR I 35 -8.35 -30.01 -12.76
CA THR I 35 -7.03 -30.03 -13.40
C THR I 35 -6.02 -29.47 -12.41
N GLY I 36 -4.75 -29.69 -12.70
CA GLY I 36 -3.70 -29.06 -11.92
C GLY I 36 -2.47 -29.92 -11.80
N VAL I 37 -1.54 -29.43 -10.97
CA VAL I 37 -0.23 -30.03 -10.75
C VAL I 37 -0.10 -30.36 -9.27
N PRO I 38 0.40 -31.55 -8.91
CA PRO I 38 0.41 -31.96 -7.50
C PRO I 38 1.33 -31.11 -6.65
N CYS I 39 1.12 -31.22 -5.33
CA CYS I 39 1.97 -30.57 -4.34
C CYS I 39 1.96 -31.43 -3.08
N SER I 40 2.98 -31.21 -2.23
CA SER I 40 3.13 -32.04 -1.04
C SER I 40 1.97 -31.84 -0.07
N LEU I 41 1.51 -30.60 0.08
CA LEU I 41 0.47 -30.31 1.06
C LEU I 41 -0.91 -30.79 0.61
N LEU I 42 -1.10 -31.04 -0.68
CA LEU I 42 -2.39 -31.45 -1.22
C LEU I 42 -2.43 -32.91 -1.61
N LYS I 43 -1.60 -33.75 -0.98
CA LYS I 43 -1.52 -35.15 -1.39
C LYS I 43 -2.83 -35.89 -1.15
N GLY I 44 -3.59 -35.51 -0.11
CA GLY I 44 -4.85 -36.18 0.15
C GLY I 44 -5.93 -35.82 -0.86
N PHE I 45 -5.99 -34.54 -1.24
CA PHE I 45 -6.95 -34.13 -2.26
C PHE I 45 -6.65 -34.83 -3.59
N PHE I 46 -5.38 -34.99 -3.93
CA PHE I 46 -5.04 -35.69 -5.16
C PHE I 46 -5.28 -37.19 -5.03
N ARG I 47 -5.12 -37.75 -3.82
CA ARG I 47 -5.50 -39.14 -3.61
C ARG I 47 -6.97 -39.35 -3.88
N LEU I 48 -7.82 -38.43 -3.40
CA LEU I 48 -9.25 -38.52 -3.68
C LEU I 48 -9.57 -38.23 -5.13
N LEU I 49 -8.75 -37.42 -5.80
CA LEU I 49 -8.99 -37.10 -7.21
C LEU I 49 -8.65 -38.27 -8.10
N GLU I 50 -7.58 -39.00 -7.79
CA GLU I 50 -7.15 -40.16 -8.56
C GLU I 50 -7.75 -41.46 -8.06
N SER I 51 -8.49 -41.43 -6.94
CA SER I 51 -9.09 -42.64 -6.40
C SER I 51 -10.21 -43.15 -7.30
N LYS I 52 -10.10 -44.41 -7.70
CA LYS I 52 -11.15 -45.03 -8.50
C LYS I 52 -12.48 -45.03 -7.75
N GLU I 53 -12.44 -45.14 -6.42
CA GLU I 53 -13.67 -45.25 -5.64
C GLU I 53 -14.42 -43.92 -5.60
N ALA I 54 -13.70 -42.81 -5.43
CA ALA I 54 -14.34 -41.50 -5.31
C ALA I 54 -14.86 -40.97 -6.65
N ILE I 55 -14.30 -41.43 -7.77
CA ILE I 55 -14.73 -40.93 -9.07
C ILE I 55 -16.14 -41.40 -9.40
N GLU I 56 -16.38 -42.71 -9.27
CA GLU I 56 -17.70 -43.25 -9.59
C GLU I 56 -18.76 -42.75 -8.61
N LYS I 57 -18.36 -42.43 -7.37
CA LYS I 57 -19.33 -41.98 -6.37
C LYS I 57 -19.80 -40.55 -6.65
N GLN I 58 -18.88 -39.67 -7.06
CA GLN I 58 -19.18 -38.24 -7.17
C GLN I 58 -19.18 -37.73 -8.60
N ASN I 59 -18.96 -38.59 -9.60
CA ASN I 59 -18.97 -38.20 -11.01
C ASN I 59 -17.94 -37.09 -11.26
N ILE I 60 -16.68 -37.41 -10.94
CA ILE I 60 -15.59 -36.44 -10.97
C ILE I 60 -14.71 -36.72 -12.17
N THR I 61 -14.39 -35.67 -12.93
CA THR I 61 -13.50 -35.76 -14.08
C THR I 61 -12.19 -35.07 -13.72
N PHE I 62 -11.10 -35.84 -13.66
CA PHE I 62 -9.78 -35.31 -13.36
C PHE I 62 -8.86 -35.52 -14.55
N ILE I 63 -8.15 -34.46 -14.92
CA ILE I 63 -7.22 -34.51 -16.05
C ILE I 63 -5.83 -34.12 -15.57
N PRO I 64 -4.89 -35.07 -15.46
CA PRO I 64 -3.52 -34.69 -15.09
C PRO I 64 -2.92 -33.74 -16.09
N SER I 65 -2.06 -32.84 -15.61
CA SER I 65 -1.49 -31.79 -16.43
C SER I 65 0.01 -31.70 -16.20
N ILE I 66 0.71 -31.19 -17.21
CA ILE I 66 2.17 -31.10 -17.15
C ILE I 66 2.62 -29.85 -16.41
N ARG I 67 1.93 -28.73 -16.62
CA ARG I 67 2.28 -27.47 -15.98
C ARG I 67 0.98 -26.74 -15.65
N GLU I 68 1.09 -25.72 -14.80
CA GLU I 68 -0.10 -25.03 -14.30
C GLU I 68 -0.80 -24.24 -15.39
N ASP I 69 -0.05 -23.68 -16.35
CA ASP I 69 -0.69 -22.90 -17.40
C ASP I 69 -1.59 -23.75 -18.28
N SER I 70 -1.11 -24.93 -18.68
CA SER I 70 -1.93 -25.83 -19.48
C SER I 70 -3.12 -26.34 -18.68
N ALA I 71 -2.93 -26.60 -17.38
CA ALA I 71 -4.05 -27.01 -16.54
C ALA I 71 -5.12 -25.94 -16.49
N LEU I 72 -4.71 -24.68 -16.33
CA LEU I 72 -5.67 -23.58 -16.28
C LEU I 72 -6.38 -23.41 -17.62
N GLY I 73 -5.64 -23.54 -18.72
CA GLY I 73 -6.27 -23.46 -20.03
C GLY I 73 -7.29 -24.56 -20.26
N VAL I 74 -6.95 -25.79 -19.86
CA VAL I 74 -7.88 -26.90 -20.03
C VAL I 74 -9.11 -26.72 -19.15
N ALA I 75 -8.92 -26.23 -17.92
CA ALA I 75 -10.07 -25.97 -17.05
C ALA I 75 -10.96 -24.87 -17.61
N SER I 76 -10.35 -23.83 -18.19
CA SER I 76 -11.13 -22.79 -18.84
C SER I 76 -11.93 -23.35 -20.01
N GLY I 77 -11.30 -24.21 -20.81
CA GLY I 77 -12.01 -24.86 -21.90
C GLY I 77 -13.17 -25.70 -21.42
N MET I 78 -12.98 -26.44 -20.33
CA MET I 78 -14.07 -27.22 -19.76
C MET I 78 -15.20 -26.33 -19.28
N TYR I 79 -14.87 -25.18 -18.68
CA TYR I 79 -15.91 -24.23 -18.30
C TYR I 79 -16.67 -23.74 -19.52
N LEU I 80 -15.96 -23.45 -20.61
CA LEU I 80 -16.62 -23.00 -21.83
C LEU I 80 -17.59 -24.03 -22.38
N GLY I 81 -17.46 -25.29 -21.98
CA GLY I 81 -18.42 -26.31 -22.35
C GLY I 81 -19.59 -26.38 -21.39
N GLY I 82 -19.83 -25.29 -20.66
CA GLY I 82 -20.96 -25.21 -19.74
C GLY I 82 -20.78 -26.04 -18.48
N ARG I 83 -19.63 -25.91 -17.84
CA ARG I 83 -19.32 -26.68 -16.65
C ARG I 83 -18.58 -25.81 -15.64
N LYS I 84 -18.56 -26.26 -14.39
CA LYS I 84 -17.85 -25.57 -13.32
C LYS I 84 -16.67 -26.43 -12.87
N CYS I 85 -15.48 -25.84 -12.89
CA CYS I 85 -14.25 -26.56 -12.62
C CYS I 85 -13.43 -25.83 -11.57
N VAL I 86 -12.54 -26.59 -10.93
CA VAL I 86 -11.56 -26.03 -10.00
C VAL I 86 -10.19 -26.54 -10.41
N MET I 87 -9.15 -25.83 -9.97
CA MET I 87 -7.78 -26.16 -10.35
C MET I 87 -6.88 -26.10 -9.11
N LEU I 88 -6.06 -27.13 -8.94
CA LEU I 88 -5.11 -27.19 -7.84
C LEU I 88 -3.70 -26.92 -8.35
N MET I 89 -2.85 -26.39 -7.47
CA MET I 89 -1.46 -26.09 -7.80
C MET I 89 -0.75 -25.61 -6.55
N GLN I 90 0.58 -25.68 -6.58
CA GLN I 90 1.41 -25.04 -5.58
C GLN I 90 1.51 -23.55 -5.88
N ASN I 91 1.85 -22.77 -4.86
CA ASN I 91 1.91 -21.32 -5.03
C ASN I 91 2.95 -20.93 -6.08
N SER I 92 4.08 -21.63 -6.12
CA SER I 92 5.07 -21.38 -7.17
C SER I 92 4.45 -21.53 -8.56
N GLY I 93 3.52 -22.48 -8.70
CA GLY I 93 2.87 -22.67 -9.98
C GLY I 93 2.15 -21.43 -10.49
N LEU I 94 1.73 -20.55 -9.59
CA LEU I 94 1.13 -19.28 -10.02
C LEU I 94 2.06 -18.52 -10.95
N GLY I 95 3.35 -18.52 -10.65
CA GLY I 95 4.31 -17.82 -11.49
C GLY I 95 4.37 -18.33 -12.91
N TYR I 96 3.81 -19.52 -13.18
CA TYR I 96 3.77 -20.06 -14.53
C TYR I 96 2.46 -19.80 -15.25
N CYS I 97 1.39 -19.42 -14.52
CA CYS I 97 0.09 -19.26 -15.14
C CYS I 97 -0.55 -17.90 -14.85
N LEU I 98 0.17 -16.99 -14.19
CA LEU I 98 -0.37 -15.67 -13.88
C LEU I 98 -0.90 -15.00 -15.14
N ASN I 99 -0.15 -15.08 -16.23
CA ASN I 99 -0.58 -14.48 -17.49
C ASN I 99 -1.95 -15.01 -17.92
N VAL I 100 -2.15 -16.33 -17.80
CA VAL I 100 -3.43 -16.91 -18.18
C VAL I 100 -4.56 -16.32 -17.36
N LEU I 101 -4.27 -15.93 -16.11
CA LEU I 101 -5.30 -15.29 -15.30
C LEU I 101 -5.56 -13.86 -15.74
N THR I 102 -4.52 -13.15 -16.21
CA THR I 102 -4.67 -11.74 -16.53
C THR I 102 -5.03 -11.51 -17.99
N SER I 103 -4.55 -12.34 -18.91
CA SER I 103 -4.85 -12.16 -20.32
C SER I 103 -6.12 -12.87 -20.76
N PHE I 104 -6.62 -13.83 -19.97
CA PHE I 104 -7.75 -14.65 -20.41
C PHE I 104 -8.89 -14.65 -19.40
N ASN I 105 -8.68 -15.29 -18.25
CA ASN I 105 -9.78 -15.55 -17.32
C ASN I 105 -10.45 -14.27 -16.84
N PHE I 106 -9.65 -13.26 -16.49
CA PHE I 106 -10.20 -11.98 -16.04
C PHE I 106 -10.51 -11.02 -17.19
N ILE I 107 -10.06 -11.34 -18.40
CA ILE I 107 -10.45 -10.55 -19.56
C ILE I 107 -11.75 -11.06 -20.17
N TYR I 108 -11.98 -12.37 -20.12
CA TYR I 108 -13.17 -13.00 -20.70
C TYR I 108 -14.25 -13.30 -19.69
N ASP I 109 -13.97 -13.14 -18.39
CA ASP I 109 -14.88 -13.56 -17.31
C ASP I 109 -15.15 -15.07 -17.39
N ILE I 110 -14.07 -15.84 -17.27
CA ILE I 110 -14.12 -17.30 -17.24
C ILE I 110 -13.66 -17.76 -15.86
N PRO I 111 -14.56 -18.20 -14.99
CA PRO I 111 -14.18 -18.48 -13.60
C PRO I 111 -13.69 -19.90 -13.37
N ILE I 112 -12.66 -19.99 -12.51
CA ILE I 112 -12.13 -21.26 -12.04
C ILE I 112 -11.80 -21.10 -10.56
N LEU I 113 -12.20 -22.06 -9.73
CA LEU I 113 -11.83 -22.03 -8.33
C LEU I 113 -10.40 -22.54 -8.17
N LEU I 114 -9.56 -21.74 -7.53
CA LEU I 114 -8.13 -22.02 -7.45
C LEU I 114 -7.76 -22.45 -6.04
N LEU I 115 -7.29 -23.69 -5.91
CA LEU I 115 -6.77 -24.21 -4.64
C LEU I 115 -5.25 -24.15 -4.71
N ILE I 116 -4.65 -23.29 -3.87
CA ILE I 116 -3.23 -22.98 -3.94
C ILE I 116 -2.58 -23.35 -2.61
N SER I 117 -1.45 -24.05 -2.68
CA SER I 117 -0.70 -24.44 -1.50
C SER I 117 0.19 -23.27 -1.07
N TRP I 118 -0.17 -22.60 0.01
CA TRP I 118 0.61 -21.48 0.51
C TRP I 118 1.85 -22.03 1.21
N ARG I 119 2.83 -22.39 0.38
CA ARG I 119 4.12 -22.85 0.89
C ARG I 119 4.98 -21.65 1.27
N GLY I 120 5.46 -21.65 2.52
CA GLY I 120 6.25 -20.54 3.02
C GLY I 120 5.48 -19.49 3.78
N ALA I 121 4.19 -19.72 4.04
CA ALA I 121 3.39 -18.75 4.78
C ALA I 121 3.90 -18.53 6.19
N TYR I 122 4.68 -19.47 6.73
CA TYR I 122 5.20 -19.37 8.08
C TYR I 122 6.69 -19.03 8.13
N GLY I 123 7.37 -18.98 6.99
CA GLY I 123 8.74 -18.53 6.91
C GLY I 123 9.78 -19.60 7.16
N ASN I 124 9.44 -20.67 7.87
CA ASN I 124 10.39 -21.74 8.17
C ASN I 124 10.47 -22.79 7.07
N ASP I 125 9.77 -22.60 5.96
CA ASP I 125 9.74 -23.58 4.88
C ASP I 125 11.08 -23.57 4.13
N ALA I 126 11.15 -24.37 3.08
CA ALA I 126 12.35 -24.44 2.26
C ALA I 126 12.60 -23.10 1.56
N VAL I 127 13.84 -22.93 1.09
CA VAL I 127 14.24 -21.65 0.51
C VAL I 127 13.47 -21.35 -0.76
N GLU I 128 13.01 -22.39 -1.47
CA GLU I 128 12.32 -22.16 -2.74
C GLU I 128 11.00 -21.45 -2.55
N HIS I 129 10.36 -21.60 -1.39
CA HIS I 129 9.08 -20.97 -1.10
C HIS I 129 9.24 -19.71 -0.25
N ASP I 130 10.47 -19.25 -0.02
CA ASP I 130 10.71 -18.17 0.93
C ASP I 130 10.02 -16.88 0.49
N ILE I 131 10.35 -16.39 -0.70
CA ILE I 131 9.88 -15.08 -1.13
C ILE I 131 8.42 -15.14 -1.55
N ILE I 132 8.03 -16.15 -2.32
CA ILE I 132 6.64 -16.24 -2.76
C ILE I 132 5.72 -16.55 -1.58
N GLY I 133 6.24 -17.21 -0.55
CA GLY I 133 5.41 -17.53 0.60
C GLY I 133 4.93 -16.30 1.34
N GLU I 134 5.85 -15.41 1.69
CA GLU I 134 5.50 -14.18 2.39
C GLU I 134 4.94 -13.11 1.46
N LYS I 135 4.75 -13.42 0.17
CA LYS I 135 4.31 -12.43 -0.80
C LYS I 135 3.07 -12.86 -1.57
N LEU I 136 2.44 -13.98 -1.20
CA LEU I 136 1.29 -14.48 -1.95
C LEU I 136 0.14 -13.49 -1.95
N THR I 137 -0.27 -13.03 -0.76
CA THR I 137 -1.38 -12.10 -0.68
C THR I 137 -1.04 -10.77 -1.34
N ASP I 138 0.20 -10.30 -1.17
CA ASP I 138 0.62 -9.06 -1.81
C ASP I 138 0.50 -9.16 -3.33
N LEU I 139 0.98 -10.28 -3.89
CA LEU I 139 0.90 -10.49 -5.34
C LEU I 139 -0.54 -10.56 -5.82
N LEU I 140 -1.36 -11.37 -5.14
CA LEU I 140 -2.76 -11.52 -5.55
C LEU I 140 -3.51 -10.20 -5.46
N ASP I 141 -3.25 -9.41 -4.41
CA ASP I 141 -3.91 -8.12 -4.29
C ASP I 141 -3.38 -7.13 -5.31
N SER I 142 -2.10 -7.21 -5.67
CA SER I 142 -1.53 -6.31 -6.65
C SER I 142 -2.14 -6.55 -8.03
N VAL I 143 -2.41 -7.81 -8.37
CA VAL I 143 -3.01 -8.13 -9.66
C VAL I 143 -4.51 -8.35 -9.56
N ASP I 144 -5.12 -8.01 -8.41
CA ASP I 144 -6.58 -7.98 -8.23
C ASP I 144 -7.20 -9.37 -8.39
N ILE I 145 -6.66 -10.34 -7.66
CA ILE I 145 -7.18 -11.70 -7.61
C ILE I 145 -7.84 -11.89 -6.25
N PRO I 146 -9.16 -11.94 -6.16
CA PRO I 146 -9.79 -12.22 -4.86
C PRO I 146 -9.42 -13.60 -4.34
N TYR I 147 -9.14 -13.68 -3.05
CA TYR I 147 -8.73 -14.93 -2.41
C TYR I 147 -9.39 -15.03 -1.04
N LYS I 148 -9.37 -16.25 -0.49
CA LYS I 148 -9.88 -16.53 0.84
C LYS I 148 -8.97 -17.53 1.53
N GLU I 149 -8.73 -17.33 2.82
CA GLU I 149 -7.94 -18.27 3.60
C GLU I 149 -8.83 -19.41 4.08
N LEU I 150 -8.40 -20.65 3.85
CA LEU I 150 -9.20 -21.81 4.20
C LEU I 150 -9.41 -21.89 5.71
N ASP I 151 -10.67 -21.94 6.11
CA ASP I 151 -11.04 -22.13 7.51
C ASP I 151 -10.91 -23.62 7.83
N TYR I 152 -9.83 -24.00 8.50
CA TYR I 152 -9.67 -25.41 8.87
C TYR I 152 -10.73 -25.84 9.88
N GLU I 153 -11.27 -24.89 10.64
CA GLU I 153 -12.39 -25.18 11.52
C GLU I 153 -13.66 -25.46 10.73
N ASN I 154 -13.83 -24.84 9.56
CA ASN I 154 -15.04 -24.97 8.77
C ASN I 154 -14.69 -24.71 7.31
N SER I 155 -14.27 -25.78 6.61
CA SER I 155 -13.84 -25.66 5.23
C SER I 155 -15.01 -25.45 4.27
N GLU I 156 -16.16 -26.09 4.57
CA GLU I 156 -17.32 -26.00 3.70
C GLU I 156 -17.77 -24.55 3.53
N GLY I 157 -17.81 -23.79 4.63
CA GLY I 157 -18.17 -22.38 4.54
C GLY I 157 -17.17 -21.59 3.70
N THR I 158 -15.88 -21.91 3.82
CA THR I 158 -14.87 -21.23 3.03
C THR I 158 -15.11 -21.45 1.54
N ILE I 159 -15.27 -22.70 1.13
CA ILE I 159 -15.43 -22.95 -0.30
C ILE I 159 -16.78 -22.44 -0.81
N LEU I 160 -17.81 -22.44 0.05
CA LEU I 160 -19.09 -21.89 -0.36
C LEU I 160 -19.01 -20.38 -0.56
N ASP I 161 -18.31 -19.68 0.35
CA ASP I 161 -18.09 -18.25 0.17
C ASP I 161 -17.32 -17.96 -1.11
N ALA I 162 -16.29 -18.76 -1.39
CA ALA I 162 -15.50 -18.57 -2.61
C ALA I 162 -16.38 -18.73 -3.86
N LEU I 163 -17.12 -19.84 -3.92
CA LEU I 163 -17.95 -20.06 -5.11
C LEU I 163 -19.07 -19.03 -5.21
N PHE I 164 -19.58 -18.54 -4.08
CA PHE I 164 -20.55 -17.43 -4.13
C PHE I 164 -19.92 -16.18 -4.73
N LEU I 165 -18.68 -15.88 -4.33
CA LEU I 165 -17.96 -14.77 -4.94
C LEU I 165 -17.85 -14.94 -6.44
N ILE I 166 -17.55 -16.17 -6.90
CA ILE I 166 -17.40 -16.33 -8.34
C ILE I 166 -18.75 -16.31 -9.05
N GLU I 167 -19.83 -16.69 -8.36
CA GLU I 167 -21.17 -16.49 -8.93
C GLU I 167 -21.43 -15.01 -9.16
N LYS I 168 -21.06 -14.17 -8.19
CA LYS I 168 -21.31 -12.74 -8.33
C LYS I 168 -20.40 -12.12 -9.38
N THR I 169 -19.14 -12.54 -9.44
CA THR I 169 -18.14 -11.88 -10.28
C THR I 169 -17.94 -12.53 -11.64
N ASN I 170 -18.31 -13.80 -11.80
CA ASN I 170 -18.05 -14.56 -13.02
C ASN I 170 -16.55 -14.61 -13.35
N ARG I 171 -15.72 -14.50 -12.32
CA ARG I 171 -14.27 -14.51 -12.45
C ARG I 171 -13.66 -15.43 -11.40
N PRO I 172 -12.48 -15.98 -11.66
CA PRO I 172 -11.91 -16.96 -10.72
C PRO I 172 -11.60 -16.36 -9.36
N VAL I 173 -11.67 -17.21 -8.34
CA VAL I 173 -11.35 -16.85 -6.97
C VAL I 173 -10.51 -17.97 -6.37
N ALA I 174 -9.48 -17.61 -5.60
CA ALA I 174 -8.53 -18.57 -5.05
C ALA I 174 -8.86 -18.87 -3.60
N ILE I 175 -8.45 -20.06 -3.15
CA ILE I 175 -8.54 -20.48 -1.76
C ILE I 175 -7.16 -20.95 -1.33
N LEU I 176 -6.57 -20.23 -0.38
CA LEU I 176 -5.19 -20.47 0.01
C LEU I 176 -5.12 -21.52 1.12
N ILE I 177 -4.17 -22.44 0.98
CA ILE I 177 -4.02 -23.57 1.90
C ILE I 177 -2.63 -23.46 2.53
N LYS I 178 -2.59 -23.14 3.81
CA LYS I 178 -1.32 -22.97 4.52
C LYS I 178 -0.79 -24.27 5.10
N ASP I 179 -1.69 -25.13 5.59
CA ASP I 179 -1.31 -26.40 6.19
C ASP I 179 -1.76 -27.55 5.29
N GLU I 180 -1.19 -28.73 5.52
CA GLU I 180 -1.47 -29.87 4.68
C GLU I 180 -2.89 -30.38 4.89
N ILE I 181 -3.48 -30.88 3.80
CA ILE I 181 -4.82 -31.47 3.85
C ILE I 181 -4.78 -32.86 3.20
N MET J 1 1.15 -20.55 -50.43
CA MET J 1 -0.15 -20.68 -49.78
C MET J 1 -0.30 -19.65 -48.66
N ASN J 2 -0.97 -18.55 -48.95
CA ASN J 2 -1.13 -17.48 -47.97
C ASN J 2 -2.14 -17.89 -46.89
N LYS J 3 -2.37 -16.98 -45.95
CA LYS J 3 -3.26 -17.28 -44.83
C LYS J 3 -4.71 -17.36 -45.26
N HIS J 4 -5.11 -16.52 -46.24
CA HIS J 4 -6.47 -16.56 -46.75
C HIS J 4 -6.83 -17.96 -47.25
N ASP J 5 -5.97 -18.53 -48.10
CA ASP J 5 -6.28 -19.82 -48.71
C ASP J 5 -6.25 -20.94 -47.67
N ALA J 6 -5.30 -20.89 -46.73
CA ALA J 6 -5.24 -21.92 -45.69
C ALA J 6 -6.49 -21.88 -44.81
N ILE J 7 -6.90 -20.68 -44.39
CA ILE J 7 -8.09 -20.55 -43.56
C ILE J 7 -9.33 -21.00 -44.33
N GLN J 8 -9.43 -20.62 -45.60
CA GLN J 8 -10.59 -21.02 -46.39
C GLN J 8 -10.63 -22.53 -46.59
N LEU J 9 -9.46 -23.16 -46.79
CA LEU J 9 -9.41 -24.61 -46.90
C LEU J 9 -9.89 -25.26 -45.61
N ILE J 10 -9.35 -24.82 -44.47
CA ILE J 10 -9.75 -25.40 -43.19
C ILE J 10 -11.24 -25.21 -42.95
N LEU J 11 -11.79 -24.06 -43.34
CA LEU J 11 -13.21 -23.82 -43.17
C LEU J 11 -14.04 -24.73 -44.07
N GLY J 12 -13.61 -24.92 -45.31
CA GLY J 12 -14.32 -25.82 -46.20
C GLY J 12 -14.30 -27.26 -45.73
N GLN J 13 -13.18 -27.68 -45.12
CA GLN J 13 -13.07 -29.05 -44.65
C GLN J 13 -13.88 -29.28 -43.38
N PHE J 14 -14.03 -28.26 -42.54
CA PHE J 14 -14.74 -28.38 -41.26
C PHE J 14 -15.73 -27.23 -41.13
N PRO J 15 -16.88 -27.32 -41.80
CA PRO J 15 -17.83 -26.18 -41.79
C PRO J 15 -18.59 -26.02 -40.49
N SER J 16 -19.02 -27.12 -39.88
CA SER J 16 -19.81 -27.07 -38.65
C SER J 16 -18.94 -27.11 -37.40
N ALA J 17 -17.64 -26.98 -37.53
CA ALA J 17 -16.72 -27.15 -36.42
C ALA J 17 -16.70 -25.91 -35.53
N TYR J 18 -16.19 -26.11 -34.32
CA TYR J 18 -15.91 -25.03 -33.39
C TYR J 18 -14.42 -24.77 -33.37
N LEU J 19 -14.02 -23.50 -33.52
CA LEU J 19 -12.62 -23.13 -33.65
C LEU J 19 -12.15 -22.32 -32.45
N VAL J 20 -10.88 -22.49 -32.13
CA VAL J 20 -10.19 -21.70 -31.11
C VAL J 20 -8.93 -21.13 -31.78
N SER J 21 -8.98 -19.86 -32.14
CA SER J 21 -7.89 -19.22 -32.86
C SER J 21 -6.86 -18.65 -31.90
N THR J 22 -5.62 -18.54 -32.38
CA THR J 22 -4.51 -18.05 -31.57
C THR J 22 -4.48 -16.52 -31.56
N CYS J 23 -4.10 -15.96 -30.42
CA CYS J 23 -3.92 -14.51 -30.32
C CYS J 23 -2.91 -14.02 -31.36
N GLY J 24 -3.23 -12.88 -31.99
CA GLY J 24 -2.35 -12.27 -32.96
C GLY J 24 -3.02 -12.15 -34.33
N HIS J 25 -2.22 -12.37 -35.38
CA HIS J 25 -2.71 -12.18 -36.74
C HIS J 25 -3.67 -13.29 -37.16
N ILE J 26 -3.52 -14.49 -36.61
CA ILE J 26 -4.38 -15.60 -37.01
C ILE J 26 -5.84 -15.31 -36.70
N SER J 27 -6.09 -14.84 -35.47
CA SER J 27 -7.47 -14.56 -35.06
C SER J 27 -8.07 -13.43 -35.88
N ARG J 28 -7.29 -12.38 -36.13
CA ARG J 28 -7.81 -11.24 -36.90
C ARG J 28 -8.08 -11.64 -38.34
N ASP J 29 -7.20 -12.45 -38.93
CA ASP J 29 -7.42 -12.94 -40.28
C ASP J 29 -8.68 -13.79 -40.36
N LEU J 30 -8.85 -14.70 -39.39
CA LEU J 30 -10.05 -15.55 -39.37
C LEU J 30 -11.31 -14.72 -39.18
N TYR J 31 -11.23 -13.68 -38.35
CA TYR J 31 -12.37 -12.80 -38.13
C TYR J 31 -12.71 -12.00 -39.39
N ASN J 32 -11.70 -11.61 -40.16
CA ASN J 32 -11.95 -10.90 -41.41
C ASN J 32 -12.35 -11.82 -42.55
N ILE J 33 -12.13 -13.12 -42.42
CA ILE J 33 -12.52 -14.08 -43.45
C ILE J 33 -13.95 -14.55 -43.20
N ASN J 34 -14.21 -15.06 -42.00
CA ASN J 34 -15.52 -15.60 -41.66
C ASN J 34 -15.72 -15.46 -40.16
N ASP J 35 -16.57 -14.52 -39.75
CA ASP J 35 -16.82 -14.26 -38.34
C ASP J 35 -17.95 -15.14 -37.85
N ARG J 36 -17.64 -16.43 -37.71
CA ARG J 36 -18.61 -17.40 -37.25
C ARG J 36 -18.78 -17.31 -35.74
N ALA J 37 -19.97 -17.65 -35.27
CA ALA J 37 -20.22 -17.75 -33.84
C ALA J 37 -19.60 -19.00 -33.23
N ARG J 38 -19.18 -19.97 -34.05
CA ARG J 38 -18.47 -21.14 -33.59
C ARG J 38 -16.96 -20.90 -33.50
N ASN J 39 -16.52 -19.67 -33.72
CA ASN J 39 -15.11 -19.31 -33.62
C ASN J 39 -14.85 -18.63 -32.28
N PHE J 40 -13.87 -19.14 -31.54
CA PHE J 40 -13.45 -18.53 -30.28
C PHE J 40 -12.14 -17.81 -30.51
N TYR J 41 -12.19 -16.49 -30.54
CA TYR J 41 -11.02 -15.64 -30.83
C TYR J 41 -10.33 -15.31 -29.51
N MET J 42 -9.21 -15.97 -29.24
CA MET J 42 -8.36 -15.58 -28.13
C MET J 42 -7.57 -14.34 -28.50
N VAL J 43 -7.47 -13.40 -27.56
CA VAL J 43 -6.73 -12.17 -27.78
C VAL J 43 -5.41 -12.14 -27.02
N GLY J 44 -5.33 -12.80 -25.87
CA GLY J 44 -4.07 -12.94 -25.16
C GLY J 44 -3.80 -14.40 -24.83
N SER J 45 -2.97 -14.64 -23.82
CA SER J 45 -2.65 -15.99 -23.36
C SER J 45 -2.15 -16.86 -24.50
N MET J 46 -1.01 -16.46 -25.05
CA MET J 46 -0.40 -17.20 -26.14
C MET J 46 -0.04 -18.61 -25.70
N GLY J 47 -0.43 -19.59 -26.50
CA GLY J 47 -0.21 -20.99 -26.14
C GLY J 47 -1.33 -21.63 -25.36
N MET J 48 -2.47 -20.95 -25.21
CA MET J 48 -3.60 -21.50 -24.46
C MET J 48 -4.71 -22.03 -25.37
N ALA J 49 -4.66 -21.76 -26.68
CA ALA J 49 -5.70 -22.24 -27.57
C ALA J 49 -5.75 -23.76 -27.59
N ALA J 50 -4.60 -24.42 -27.54
CA ALA J 50 -4.56 -25.87 -27.55
C ALA J 50 -5.08 -26.46 -26.24
N PRO J 51 -4.70 -25.93 -25.07
CA PRO J 51 -5.35 -26.41 -23.83
C PRO J 51 -6.84 -26.11 -23.76
N VAL J 52 -7.26 -24.94 -24.23
CA VAL J 52 -8.69 -24.62 -24.26
C VAL J 52 -9.43 -25.62 -25.13
N GLY J 53 -8.87 -25.95 -26.29
CA GLY J 53 -9.48 -26.97 -27.12
C GLY J 53 -9.48 -28.34 -26.47
N LEU J 54 -8.39 -28.70 -25.80
CA LEU J 54 -8.36 -29.98 -25.10
C LEU J 54 -9.49 -30.07 -24.08
N GLY J 55 -9.70 -29.00 -23.31
CA GLY J 55 -10.80 -29.00 -22.36
C GLY J 55 -12.16 -29.06 -23.02
N LEU J 56 -12.35 -28.26 -24.09
CA LEU J 56 -13.61 -28.28 -24.82
C LEU J 56 -13.96 -29.67 -25.31
N SER J 57 -13.02 -30.31 -26.02
CA SER J 57 -13.24 -31.68 -26.49
C SER J 57 -13.34 -32.69 -25.36
N THR J 58 -12.73 -32.40 -24.21
CA THR J 58 -12.90 -33.29 -23.05
C THR J 58 -14.34 -33.25 -22.55
N VAL J 59 -14.97 -32.07 -22.56
CA VAL J 59 -16.37 -31.99 -22.17
C VAL J 59 -17.26 -32.59 -23.26
N TYR J 60 -16.99 -32.25 -24.53
CA TYR J 60 -17.78 -32.76 -25.65
C TYR J 60 -16.93 -33.68 -26.51
N PRO J 61 -17.03 -35.00 -26.34
CA PRO J 61 -16.21 -35.90 -27.17
C PRO J 61 -16.63 -35.91 -28.63
N ASP J 62 -17.93 -35.86 -28.90
CA ASP J 62 -18.44 -35.93 -30.27
C ASP J 62 -18.75 -34.53 -30.78
N VAL J 63 -17.69 -33.78 -31.07
CA VAL J 63 -17.85 -32.42 -31.59
C VAL J 63 -16.63 -32.05 -32.43
N PRO J 64 -16.82 -31.52 -33.63
CA PRO J 64 -15.67 -31.14 -34.47
C PRO J 64 -14.93 -29.93 -33.90
N LEU J 65 -13.75 -30.18 -33.36
CA LEU J 65 -12.97 -29.12 -32.70
C LEU J 65 -11.62 -28.98 -33.38
N VAL J 66 -11.26 -27.74 -33.71
CA VAL J 66 -10.04 -27.40 -34.43
C VAL J 66 -9.38 -26.22 -33.73
N VAL J 67 -8.05 -26.22 -33.71
CA VAL J 67 -7.26 -25.18 -33.08
C VAL J 67 -6.35 -24.56 -34.12
N LEU J 68 -6.47 -23.24 -34.30
CA LEU J 68 -5.62 -22.52 -35.24
C LEU J 68 -4.35 -22.04 -34.53
N ASP J 69 -3.53 -23.02 -34.18
CA ASP J 69 -2.25 -22.75 -33.52
C ASP J 69 -1.24 -22.22 -34.52
N GLY J 70 -0.51 -21.18 -34.14
CA GLY J 70 0.61 -20.72 -34.91
C GLY J 70 1.87 -21.48 -34.56
N ASP J 71 2.88 -21.38 -35.44
CA ASP J 71 4.15 -22.04 -35.14
C ASP J 71 4.75 -21.52 -33.84
N GLY J 72 4.74 -20.20 -33.65
CA GLY J 72 5.22 -19.64 -32.40
C GLY J 72 4.37 -20.04 -31.20
N SER J 73 3.05 -20.03 -31.37
CA SER J 73 2.16 -20.41 -30.28
C SER J 73 2.25 -21.90 -29.99
N PHE J 74 2.28 -22.73 -31.03
CA PHE J 74 2.47 -24.16 -30.85
C PHE J 74 3.79 -24.45 -30.14
N LEU J 75 4.82 -23.68 -30.46
CA LEU J 75 6.12 -23.89 -29.83
C LEU J 75 6.15 -23.39 -28.39
N MET J 76 5.37 -22.34 -28.09
CA MET J 76 5.37 -21.77 -26.74
C MET J 76 4.85 -22.77 -25.73
N ASN J 77 3.79 -23.51 -26.08
CA ASN J 77 3.25 -24.53 -25.20
C ASN J 77 3.34 -25.90 -25.88
N MET J 78 4.55 -26.37 -26.14
CA MET J 78 4.73 -27.64 -26.85
C MET J 78 4.16 -28.79 -26.04
N GLY J 79 4.54 -28.90 -24.77
CA GLY J 79 4.19 -30.01 -23.91
C GLY J 79 2.72 -30.40 -23.89
N ILE J 80 1.83 -29.46 -24.24
CA ILE J 80 0.40 -29.76 -24.24
C ILE J 80 0.09 -30.94 -25.13
N ILE J 81 0.89 -31.16 -26.18
CA ILE J 81 0.62 -32.27 -27.09
C ILE J 81 0.62 -33.59 -26.33
N THR J 82 1.51 -33.72 -25.35
CA THR J 82 1.54 -34.94 -24.53
C THR J 82 0.17 -35.21 -23.94
N MET J 83 -0.44 -34.18 -23.34
CA MET J 83 -1.79 -34.35 -22.80
C MET J 83 -2.78 -34.72 -23.89
N ILE J 84 -2.68 -34.06 -25.05
CA ILE J 84 -3.53 -34.45 -26.18
C ILE J 84 -3.23 -35.89 -26.58
N GLY J 85 -1.96 -36.30 -26.48
CA GLY J 85 -1.61 -37.67 -26.76
C GLY J 85 -2.06 -38.64 -25.68
N HIS J 86 -2.33 -38.15 -24.47
CA HIS J 86 -2.74 -39.02 -23.39
C HIS J 86 -4.26 -39.15 -23.33
N GLN J 87 -4.96 -38.01 -23.32
CA GLN J 87 -6.43 -38.05 -23.31
C GLN J 87 -6.98 -38.66 -24.59
N LYS J 88 -6.26 -38.51 -25.69
CA LYS J 88 -6.66 -39.05 -26.99
C LYS J 88 -8.08 -38.63 -27.39
N PRO J 89 -8.34 -37.33 -27.53
CA PRO J 89 -9.67 -36.90 -27.98
C PRO J 89 -9.92 -37.30 -29.42
N LYS J 90 -11.17 -37.66 -29.72
CA LYS J 90 -11.50 -38.22 -31.03
C LYS J 90 -11.53 -37.15 -32.11
N ASN J 91 -12.32 -36.10 -31.91
CA ASN J 91 -12.55 -35.09 -32.94
C ASN J 91 -11.68 -33.86 -32.75
N PHE J 92 -10.55 -33.99 -32.05
CA PHE J 92 -9.62 -32.89 -31.90
C PHE J 92 -8.71 -32.82 -33.12
N ILE J 93 -8.66 -31.65 -33.75
CA ILE J 93 -7.83 -31.43 -34.93
C ILE J 93 -6.91 -30.25 -34.62
N HIS J 94 -5.61 -30.50 -34.64
CA HIS J 94 -4.60 -29.51 -34.25
C HIS J 94 -3.96 -28.95 -35.52
N VAL J 95 -4.41 -27.77 -35.93
CA VAL J 95 -3.87 -27.11 -37.12
C VAL J 95 -2.76 -26.17 -36.70
N VAL J 96 -1.63 -26.24 -37.39
CA VAL J 96 -0.46 -25.42 -37.09
C VAL J 96 -0.08 -24.67 -38.35
N LEU J 97 -0.46 -23.39 -38.43
CA LEU J 97 -0.02 -22.53 -39.51
C LEU J 97 1.44 -22.16 -39.29
N ASP J 98 2.30 -22.50 -40.24
CA ASP J 98 3.74 -22.34 -40.09
C ASP J 98 4.24 -21.32 -41.11
N ASN J 99 4.82 -20.23 -40.60
CA ASN J 99 5.55 -19.27 -41.43
C ASN J 99 6.99 -19.09 -41.00
N GLY J 100 7.44 -19.82 -39.97
CA GLY J 100 8.81 -19.74 -39.52
C GLY J 100 9.21 -18.45 -38.85
N MET J 101 8.23 -17.60 -38.49
CA MET J 101 8.54 -16.31 -37.90
C MET J 101 7.33 -15.82 -37.12
N HIS J 102 7.58 -14.90 -36.19
CA HIS J 102 6.53 -14.26 -35.40
C HIS J 102 5.96 -13.12 -36.23
N GLU J 103 4.87 -13.39 -36.94
CA GLU J 103 4.35 -12.45 -37.90
C GLU J 103 3.72 -11.24 -37.21
N SER J 104 2.94 -11.47 -36.16
CA SER J 104 2.13 -10.41 -35.58
C SER J 104 2.96 -9.33 -34.92
N THR J 105 4.24 -9.61 -34.62
CA THR J 105 5.09 -8.65 -33.92
C THR J 105 6.14 -8.00 -34.80
N GLY J 106 6.51 -8.60 -35.93
CA GLY J 106 7.47 -7.97 -36.81
C GLY J 106 8.34 -8.93 -37.61
N GLY J 107 8.00 -10.22 -37.56
CA GLY J 107 8.75 -11.21 -38.31
C GLY J 107 9.99 -11.72 -37.63
N GLN J 108 10.04 -11.71 -36.29
CA GLN J 108 11.19 -12.25 -35.58
C GLN J 108 11.27 -13.76 -35.77
N ARG J 109 12.49 -14.28 -35.87
CA ARG J 109 12.68 -15.69 -36.16
C ARG J 109 12.24 -16.55 -34.98
N THR J 110 11.43 -17.56 -35.27
CA THR J 110 11.03 -18.55 -34.29
C THR J 110 11.98 -19.74 -34.33
N VAL J 111 11.92 -20.56 -33.28
CA VAL J 111 12.73 -21.79 -33.26
C VAL J 111 12.30 -22.68 -34.43
N PRO J 112 13.24 -23.19 -35.23
CA PRO J 112 12.85 -24.00 -36.40
C PRO J 112 12.05 -25.24 -35.99
N LEU J 113 10.87 -25.38 -36.58
CA LEU J 113 10.00 -26.53 -36.35
C LEU J 113 10.40 -27.65 -37.29
N VAL J 114 10.76 -28.81 -36.74
CA VAL J 114 11.28 -29.92 -37.51
C VAL J 114 10.52 -31.18 -37.14
N ASN J 115 10.06 -31.92 -38.15
CA ASN J 115 9.43 -33.22 -37.97
C ASN J 115 8.26 -33.16 -36.99
N VAL J 116 7.36 -32.20 -37.23
CA VAL J 116 6.22 -32.02 -36.32
C VAL J 116 5.27 -33.20 -36.41
N THR J 117 5.05 -33.72 -37.61
CA THR J 117 4.07 -34.81 -37.79
C THR J 117 4.57 -36.11 -37.15
N ASP J 118 5.85 -36.42 -37.32
CA ASP J 118 6.39 -37.61 -36.69
C ASP J 118 6.28 -37.53 -35.18
N ILE J 119 6.57 -36.35 -34.60
CA ILE J 119 6.44 -36.18 -33.16
C ILE J 119 4.99 -36.33 -32.73
N ALA J 120 4.05 -35.77 -33.51
CA ALA J 120 2.64 -35.94 -33.22
C ALA J 120 2.26 -37.41 -33.15
N LEU J 121 2.67 -38.18 -34.16
CA LEU J 121 2.39 -39.62 -34.16
C LEU J 121 3.02 -40.31 -32.95
N GLN J 122 4.25 -39.92 -32.60
CA GLN J 122 4.95 -40.57 -31.50
C GLN J 122 4.31 -40.24 -30.15
N VAL J 123 3.75 -39.04 -30.00
CA VAL J 123 3.29 -38.58 -28.70
C VAL J 123 1.85 -39.00 -28.40
N GLY J 124 1.10 -39.47 -29.40
CA GLY J 124 -0.24 -39.98 -29.14
C GLY J 124 -1.28 -39.61 -30.17
N TYR J 125 -0.94 -38.70 -31.09
CA TYR J 125 -1.88 -38.34 -32.13
C TYR J 125 -2.16 -39.53 -33.04
N GLU J 126 -3.43 -39.71 -33.40
CA GLU J 126 -3.79 -40.85 -34.24
C GLU J 126 -3.19 -40.74 -35.63
N TYR J 127 -3.19 -39.54 -36.20
CA TYR J 127 -2.59 -39.32 -37.52
C TYR J 127 -1.97 -37.93 -37.54
N ALA J 128 -1.13 -37.70 -38.57
CA ALA J 128 -0.44 -36.42 -38.70
C ALA J 128 -0.04 -36.26 -40.16
N ILE J 129 -0.51 -35.18 -40.80
CA ILE J 129 -0.26 -34.93 -42.21
C ILE J 129 0.31 -33.53 -42.38
N GLU J 130 0.71 -33.22 -43.61
CA GLU J 130 1.23 -31.90 -43.96
C GLU J 130 0.53 -31.41 -45.23
N ILE J 131 0.62 -30.09 -45.45
CA ILE J 131 0.10 -29.45 -46.64
C ILE J 131 1.05 -28.33 -47.04
N ASN J 132 1.60 -28.39 -48.26
CA ASN J 132 2.52 -27.37 -48.73
C ASN J 132 2.05 -26.64 -49.98
N SER J 133 0.95 -27.07 -50.59
CA SER J 133 0.38 -26.39 -51.75
C SER J 133 -1.12 -26.64 -51.76
N GLY J 134 -1.86 -25.67 -52.28
CA GLY J 134 -3.31 -25.76 -52.27
C GLY J 134 -3.80 -26.83 -53.22
N GLN J 135 -4.59 -27.77 -52.70
CA GLN J 135 -5.19 -28.82 -53.52
C GLN J 135 -6.70 -28.79 -53.28
N LYS J 136 -7.37 -29.89 -53.64
CA LYS J 136 -8.83 -29.92 -53.60
C LYS J 136 -9.40 -30.97 -52.66
N SER J 137 -8.81 -32.16 -52.59
CA SER J 137 -9.42 -33.28 -51.88
C SER J 137 -8.37 -34.07 -51.12
N PHE J 138 -8.51 -34.11 -49.79
CA PHE J 138 -7.81 -35.06 -48.94
C PHE J 138 -8.85 -35.69 -48.02
N ASP J 139 -9.12 -36.98 -48.20
CA ASP J 139 -10.06 -37.67 -47.33
C ASP J 139 -9.55 -37.69 -45.90
N LEU J 140 -10.16 -36.90 -45.03
CA LEU J 140 -9.70 -36.75 -43.66
C LEU J 140 -10.13 -37.96 -42.83
N PRO J 141 -9.21 -38.67 -42.20
CA PRO J 141 -9.61 -39.78 -41.31
C PRO J 141 -10.46 -39.26 -40.15
N ASN J 142 -11.48 -40.02 -39.79
CA ASN J 142 -12.43 -39.58 -38.78
C ASN J 142 -11.81 -39.62 -37.38
N GLU J 143 -11.39 -40.81 -36.94
CA GLU J 143 -10.88 -40.96 -35.58
C GLU J 143 -9.55 -40.24 -35.42
N GLY J 144 -9.44 -39.44 -34.37
CA GLY J 144 -8.25 -38.67 -34.11
C GLY J 144 -7.58 -39.02 -32.79
N PRO J 145 -6.80 -38.10 -32.23
CA PRO J 145 -6.56 -36.73 -32.71
C PRO J 145 -5.65 -36.66 -33.93
N GLY J 146 -5.58 -35.48 -34.55
CA GLY J 146 -4.75 -35.30 -35.73
C GLY J 146 -4.08 -33.95 -35.71
N LEU J 147 -3.00 -33.85 -36.48
CA LEU J 147 -2.25 -32.61 -36.64
C LEU J 147 -2.13 -32.29 -38.12
N ILE J 148 -2.49 -31.07 -38.51
CA ILE J 148 -2.45 -30.62 -39.88
C ILE J 148 -1.43 -29.50 -39.97
N HIS J 149 -0.32 -29.75 -40.66
CA HIS J 149 0.80 -28.82 -40.74
C HIS J 149 0.79 -28.14 -42.11
N ILE J 150 0.45 -26.85 -42.12
CA ILE J 150 0.37 -26.06 -43.35
C ILE J 150 1.53 -25.07 -43.37
N LYS J 151 2.29 -25.06 -44.46
CA LYS J 151 3.33 -24.08 -44.67
C LYS J 151 2.73 -22.81 -45.26
N VAL J 152 2.92 -21.69 -44.57
CA VAL J 152 2.30 -20.42 -44.94
C VAL J 152 3.39 -19.48 -45.45
N GLU J 153 3.21 -18.99 -46.67
CA GLU J 153 4.10 -17.96 -47.19
C GLU J 153 3.87 -16.67 -46.42
N PRO J 154 4.90 -15.82 -46.31
CA PRO J 154 4.73 -14.55 -45.59
C PRO J 154 3.62 -13.72 -46.19
N ARG J 155 2.87 -13.02 -45.33
CA ARG J 155 1.74 -12.23 -45.79
C ARG J 155 2.22 -11.07 -46.65
N SER J 156 1.36 -10.67 -47.60
CA SER J 156 1.67 -9.61 -48.54
C SER J 156 0.61 -8.51 -48.49
N GLU J 157 -0.07 -8.36 -47.35
CA GLU J 157 -1.18 -7.43 -47.24
C GLU J 157 -1.37 -7.10 -45.77
N LYS J 158 -2.10 -6.01 -45.52
CA LYS J 158 -2.35 -5.56 -44.16
C LYS J 158 -3.15 -6.60 -43.38
N ILE J 159 -3.33 -6.34 -42.09
CA ILE J 159 -3.97 -7.31 -41.21
C ILE J 159 -5.48 -7.23 -41.32
N GLY J 160 -6.04 -6.05 -41.15
CA GLY J 160 -7.47 -5.83 -41.26
C GLY J 160 -8.08 -5.33 -39.97
N LYS J 161 -9.41 -5.28 -39.96
CA LYS J 161 -10.14 -4.76 -38.82
C LYS J 161 -9.97 -5.68 -37.61
N ARG J 162 -9.65 -5.09 -36.46
CA ARG J 162 -9.59 -5.85 -35.22
C ARG J 162 -10.98 -6.29 -34.80
N VAL J 163 -11.03 -7.40 -34.07
CA VAL J 163 -12.30 -8.01 -33.66
C VAL J 163 -13.08 -7.03 -32.79
N HIS J 164 -14.20 -6.53 -33.33
CA HIS J 164 -15.03 -5.59 -32.57
C HIS J 164 -15.83 -6.29 -31.48
N TRP J 165 -15.98 -7.61 -31.56
CA TRP J 165 -16.66 -8.36 -30.50
C TRP J 165 -15.81 -8.35 -29.24
N THR J 166 -16.39 -7.85 -28.15
CA THR J 166 -15.69 -7.85 -26.88
C THR J 166 -15.58 -9.29 -26.35
N PRO J 167 -14.58 -9.58 -25.52
CA PRO J 167 -14.44 -10.95 -24.99
C PRO J 167 -15.71 -11.49 -24.35
N GLN J 168 -16.45 -10.62 -23.65
CA GLN J 168 -17.73 -11.05 -23.09
C GLN J 168 -18.70 -11.47 -24.18
N GLU J 169 -18.81 -10.67 -25.24
CA GLU J 169 -19.69 -11.02 -26.35
C GLU J 169 -19.20 -12.29 -27.05
N ILE J 170 -17.88 -12.45 -27.16
CA ILE J 170 -17.32 -13.64 -27.80
C ILE J 170 -17.72 -14.90 -27.03
N VAL J 171 -17.45 -14.92 -25.72
CA VAL J 171 -17.79 -16.09 -24.93
C VAL J 171 -19.31 -16.30 -24.89
N GLN J 172 -20.08 -15.21 -24.88
CA GLN J 172 -21.53 -15.34 -24.87
C GLN J 172 -22.03 -16.04 -26.13
N ARG J 173 -21.63 -15.54 -27.31
CA ARG J 173 -22.07 -16.15 -28.56
C ARG J 173 -21.56 -17.59 -28.68
N PHE J 174 -20.31 -17.82 -28.29
CA PHE J 174 -19.73 -19.17 -28.40
C PHE J 174 -20.50 -20.17 -27.56
N THR J 175 -20.71 -19.85 -26.27
CA THR J 175 -21.45 -20.75 -25.40
C THR J 175 -22.91 -20.87 -25.83
N ASN J 176 -23.50 -19.79 -26.37
CA ASN J 176 -24.86 -19.87 -26.85
C ASN J 176 -25.00 -20.90 -27.97
N GLU J 177 -24.10 -20.83 -28.96
CA GLU J 177 -24.14 -21.82 -30.04
C GLU J 177 -23.86 -23.22 -29.51
N LEU J 178 -22.83 -23.36 -28.68
CA LEU J 178 -22.44 -24.68 -28.18
C LEU J 178 -23.57 -25.33 -27.38
N THR J 179 -24.35 -24.54 -26.65
CA THR J 179 -25.44 -25.10 -25.86
C THR J 179 -26.69 -25.32 -26.70
N LEU J 180 -26.97 -24.41 -27.65
CA LEU J 180 -28.13 -24.59 -28.51
C LEU J 180 -27.98 -25.81 -29.40
N GLU J 181 -26.74 -26.21 -29.72
CA GLU J 181 -26.55 -27.45 -30.46
C GLU J 181 -27.05 -28.64 -29.66
N ASN J 182 -26.45 -28.87 -28.48
CA ASN J 182 -26.87 -29.98 -27.63
C ASN J 182 -27.75 -29.49 -26.48
N SER K 17 15.68 6.17 -33.10
CA SER K 17 16.59 5.02 -33.06
C SER K 17 17.26 4.91 -31.70
N THR K 18 16.44 4.75 -30.65
CA THR K 18 16.97 4.66 -29.29
C THR K 18 17.42 3.25 -28.93
N ALA K 19 16.82 2.23 -29.53
CA ALA K 19 17.25 0.86 -29.28
C ALA K 19 18.70 0.65 -29.68
N GLU K 20 19.16 1.36 -30.71
CA GLU K 20 20.57 1.29 -31.09
C GLU K 20 21.47 1.78 -29.96
N ARG K 21 21.13 2.93 -29.38
CA ARG K 21 21.91 3.46 -28.26
C ARG K 21 21.88 2.50 -27.07
N MET K 22 20.71 1.94 -26.77
CA MET K 22 20.59 1.02 -25.65
C MET K 22 21.47 -0.21 -25.86
N LEU K 23 21.38 -0.82 -27.05
CA LEU K 23 22.19 -2.01 -27.32
C LEU K 23 23.67 -1.70 -27.31
N SER K 24 24.06 -0.54 -27.87
CA SER K 24 25.46 -0.16 -27.89
C SER K 24 26.01 0.00 -26.47
N THR K 25 25.25 0.69 -25.61
CA THR K 25 25.67 0.84 -24.21
C THR K 25 25.76 -0.52 -23.52
N LEU K 26 24.75 -1.37 -23.73
CA LEU K 26 24.73 -2.69 -23.12
C LEU K 26 25.98 -3.49 -23.47
N THR K 27 26.29 -3.58 -24.75
CA THR K 27 27.42 -4.42 -25.16
C THR K 27 28.76 -3.74 -24.89
N GLU K 28 28.81 -2.41 -24.86
CA GLU K 28 30.02 -1.73 -24.42
C GLU K 28 30.31 -2.04 -22.96
N ASN K 29 29.26 -2.23 -22.15
CA ASN K 29 29.43 -2.68 -20.78
C ASN K 29 29.43 -4.21 -20.66
N ASN K 30 29.78 -4.91 -21.74
CA ASN K 30 29.98 -6.36 -21.74
C ASN K 30 28.71 -7.14 -21.45
N TYR K 31 27.57 -6.64 -21.90
CA TYR K 31 26.32 -7.41 -21.89
C TYR K 31 26.05 -7.88 -23.31
N THR K 32 26.69 -9.00 -23.66
CA THR K 32 26.72 -9.46 -25.04
C THR K 32 25.68 -10.53 -25.36
N HIS K 33 25.17 -11.25 -24.37
CA HIS K 33 24.26 -12.35 -24.61
C HIS K 33 22.81 -11.92 -24.38
N PHE K 34 21.91 -12.45 -25.21
CA PHE K 34 20.53 -11.99 -25.25
C PHE K 34 19.60 -13.16 -25.48
N THR K 35 18.48 -13.18 -24.75
CA THR K 35 17.40 -14.12 -24.98
C THR K 35 16.07 -13.40 -24.83
N GLY K 36 15.01 -14.02 -25.30
CA GLY K 36 13.68 -13.51 -25.04
C GLY K 36 12.71 -13.82 -26.17
N VAL K 37 11.47 -13.42 -25.94
CA VAL K 37 10.35 -13.57 -26.88
C VAL K 37 9.98 -12.17 -27.38
N PRO K 38 9.69 -11.98 -28.66
CA PRO K 38 9.50 -10.63 -29.20
C PRO K 38 8.16 -10.00 -28.83
N CYS K 39 8.12 -8.68 -29.01
CA CYS K 39 6.94 -7.86 -28.85
C CYS K 39 7.05 -6.69 -29.81
N SER K 40 5.91 -6.14 -30.23
CA SER K 40 5.93 -5.11 -31.26
C SER K 40 6.55 -3.82 -30.76
N LEU K 41 6.49 -3.57 -29.45
CA LEU K 41 7.14 -2.38 -28.91
C LEU K 41 8.67 -2.50 -28.95
N LEU K 42 9.18 -3.72 -28.90
CA LEU K 42 10.62 -3.98 -28.91
C LEU K 42 11.11 -4.43 -30.28
N LYS K 43 10.52 -3.90 -31.36
CA LYS K 43 10.88 -4.35 -32.70
C LYS K 43 12.32 -3.98 -33.05
N GLY K 44 12.74 -2.76 -32.73
CA GLY K 44 14.09 -2.33 -33.09
C GLY K 44 15.16 -3.15 -32.43
N PHE K 45 14.99 -3.48 -31.15
CA PHE K 45 16.00 -4.25 -30.44
C PHE K 45 16.14 -5.65 -31.03
N PHE K 46 15.02 -6.30 -31.33
CA PHE K 46 15.08 -7.64 -31.91
C PHE K 46 15.63 -7.61 -33.32
N ARG K 47 15.31 -6.56 -34.09
CA ARG K 47 15.88 -6.43 -35.43
C ARG K 47 17.39 -6.25 -35.36
N LEU K 48 17.87 -5.49 -34.37
CA LEU K 48 19.31 -5.35 -34.17
C LEU K 48 19.93 -6.69 -33.76
N LEU K 49 19.24 -7.45 -32.91
CA LEU K 49 19.80 -8.71 -32.44
C LEU K 49 19.82 -9.77 -33.54
N GLU K 50 18.89 -9.70 -34.49
CA GLU K 50 18.80 -10.67 -35.58
C GLU K 50 19.44 -10.18 -36.87
N SER K 51 20.21 -9.09 -36.82
CA SER K 51 20.91 -8.64 -38.00
C SER K 51 22.24 -9.38 -38.14
N LYS K 52 22.77 -9.40 -39.37
CA LYS K 52 24.02 -10.11 -39.61
C LYS K 52 25.20 -9.41 -38.95
N GLU K 53 25.14 -8.09 -38.81
CA GLU K 53 26.23 -7.34 -38.18
C GLU K 53 26.25 -7.53 -36.66
N ALA K 54 25.22 -8.16 -36.08
CA ALA K 54 25.22 -8.40 -34.64
C ALA K 54 26.29 -9.40 -34.26
N ILE K 55 26.31 -10.56 -34.91
CA ILE K 55 27.39 -11.52 -34.69
C ILE K 55 28.70 -10.99 -35.24
N GLU K 56 28.62 -10.08 -36.22
CA GLU K 56 29.81 -9.68 -36.98
C GLU K 56 30.60 -8.58 -36.28
N LYS K 57 29.94 -7.64 -35.63
CA LYS K 57 30.60 -6.49 -35.04
C LYS K 57 30.70 -6.56 -33.53
N GLN K 58 29.58 -6.73 -32.83
CA GLN K 58 29.56 -6.70 -31.37
C GLN K 58 29.71 -8.07 -30.73
N ASN K 59 29.79 -9.14 -31.54
CA ASN K 59 29.98 -10.50 -31.05
C ASN K 59 28.89 -10.88 -30.05
N ILE K 60 27.65 -10.46 -30.33
CA ILE K 60 26.54 -10.77 -29.45
C ILE K 60 26.00 -12.15 -29.79
N THR K 61 25.48 -12.82 -28.76
CA THR K 61 24.85 -14.13 -28.91
C THR K 61 23.38 -14.01 -28.55
N PHE K 62 22.51 -14.29 -29.51
CA PHE K 62 21.06 -14.24 -29.31
C PHE K 62 20.48 -15.63 -29.52
N ILE K 63 19.72 -16.10 -28.55
CA ILE K 63 19.11 -17.43 -28.58
C ILE K 63 17.61 -17.25 -28.76
N PRO K 64 17.04 -17.61 -29.91
CA PRO K 64 15.58 -17.57 -30.06
C PRO K 64 14.91 -18.54 -29.09
N SER K 65 13.90 -18.05 -28.38
CA SER K 65 13.25 -18.80 -27.32
C SER K 65 11.80 -19.07 -27.67
N ILE K 66 11.28 -20.19 -27.15
CA ILE K 66 9.88 -20.54 -27.37
C ILE K 66 8.99 -19.83 -26.36
N ARG K 67 9.50 -19.56 -25.16
CA ARG K 67 8.68 -19.02 -24.08
C ARG K 67 9.60 -18.30 -23.10
N GLU K 68 9.00 -17.37 -22.34
CA GLU K 68 9.79 -16.48 -21.50
C GLU K 68 10.51 -17.22 -20.37
N ASP K 69 9.92 -18.30 -19.86
CA ASP K 69 10.58 -19.05 -18.80
C ASP K 69 11.86 -19.71 -19.31
N SER K 70 11.79 -20.34 -20.49
CA SER K 70 12.98 -20.95 -21.06
C SER K 70 14.04 -19.89 -21.40
N ALA K 71 13.60 -18.72 -21.85
CA ALA K 71 14.53 -17.64 -22.14
C ALA K 71 15.27 -17.20 -20.89
N LEU K 72 14.53 -16.93 -19.82
CA LEU K 72 15.16 -16.53 -18.56
C LEU K 72 16.06 -17.65 -18.02
N GLY K 73 15.68 -18.91 -18.23
CA GLY K 73 16.51 -20.00 -17.74
C GLY K 73 17.82 -20.15 -18.49
N VAL K 74 17.77 -20.06 -19.82
CA VAL K 74 19.01 -20.14 -20.57
C VAL K 74 19.87 -18.91 -20.31
N ALA K 75 19.24 -17.76 -20.03
CA ALA K 75 20.02 -16.59 -19.64
C ALA K 75 20.72 -16.81 -18.31
N SER K 76 20.02 -17.40 -17.33
CA SER K 76 20.65 -17.70 -16.05
C SER K 76 21.78 -18.70 -16.21
N GLY K 77 21.58 -19.71 -17.06
CA GLY K 77 22.65 -20.67 -17.33
C GLY K 77 23.87 -20.02 -17.95
N MET K 78 23.64 -19.11 -18.90
CA MET K 78 24.76 -18.39 -19.50
C MET K 78 25.45 -17.48 -18.49
N TYR K 79 24.70 -16.90 -17.55
CA TYR K 79 25.35 -16.13 -16.49
C TYR K 79 26.21 -17.02 -15.62
N LEU K 80 25.75 -18.24 -15.33
CA LEU K 80 26.55 -19.15 -14.51
C LEU K 80 27.89 -19.45 -15.16
N GLY K 81 27.98 -19.32 -16.49
CA GLY K 81 29.25 -19.45 -17.17
C GLY K 81 30.15 -18.24 -17.06
N GLY K 82 29.59 -17.08 -16.75
CA GLY K 82 30.39 -15.87 -16.56
C GLY K 82 30.05 -14.76 -17.52
N ARG K 83 28.98 -14.92 -18.29
CA ARG K 83 28.58 -13.93 -19.29
C ARG K 83 27.38 -13.15 -18.76
N LYS K 84 27.52 -11.82 -18.69
CA LYS K 84 26.41 -10.95 -18.29
C LYS K 84 25.45 -10.80 -19.46
N CYS K 85 24.19 -11.15 -19.25
CA CYS K 85 23.19 -11.18 -20.31
C CYS K 85 21.90 -10.52 -19.84
N VAL K 86 21.05 -10.18 -20.82
CA VAL K 86 19.76 -9.55 -20.56
C VAL K 86 18.68 -10.37 -21.25
N MET K 87 17.44 -10.15 -20.82
CA MET K 87 16.29 -10.88 -21.34
C MET K 87 15.20 -9.89 -21.72
N LEU K 88 14.69 -10.02 -22.94
CA LEU K 88 13.60 -9.18 -23.44
C LEU K 88 12.30 -9.95 -23.43
N MET K 89 11.20 -9.24 -23.21
CA MET K 89 9.91 -9.89 -23.08
C MET K 89 8.79 -8.85 -23.12
N GLN K 90 7.60 -9.33 -23.47
CA GLN K 90 6.39 -8.57 -23.26
C GLN K 90 5.98 -8.65 -21.79
N ASN K 91 5.21 -7.66 -21.34
CA ASN K 91 4.80 -7.65 -19.94
C ASN K 91 3.92 -8.84 -19.61
N SER K 92 3.02 -9.20 -20.54
CA SER K 92 2.20 -10.39 -20.38
C SER K 92 3.06 -11.62 -20.08
N GLY K 93 4.18 -11.75 -20.79
CA GLY K 93 5.05 -12.90 -20.60
C GLY K 93 5.58 -13.04 -19.18
N LEU K 94 5.54 -11.96 -18.39
CA LEU K 94 5.94 -12.08 -17.00
C LEU K 94 5.09 -13.14 -16.30
N GLY K 95 3.79 -13.19 -16.61
CA GLY K 95 2.92 -14.18 -16.00
C GLY K 95 3.31 -15.61 -16.30
N TYR K 96 4.14 -15.83 -17.32
CA TYR K 96 4.64 -17.16 -17.64
C TYR K 96 5.98 -17.45 -16.99
N CYS K 97 6.70 -16.45 -16.48
CA CYS K 97 8.01 -16.73 -15.92
C CYS K 97 8.27 -16.00 -14.61
N LEU K 98 7.23 -15.64 -13.86
CA LEU K 98 7.44 -15.04 -12.55
C LEU K 98 8.04 -16.05 -11.58
N ASN K 99 7.63 -17.32 -11.69
CA ASN K 99 8.08 -18.35 -10.76
C ASN K 99 9.60 -18.46 -10.76
N VAL K 100 10.20 -18.58 -11.95
CA VAL K 100 11.65 -18.69 -12.03
C VAL K 100 12.33 -17.44 -11.50
N LEU K 101 11.65 -16.29 -11.59
CA LEU K 101 12.20 -15.09 -10.94
C LEU K 101 12.15 -15.21 -9.43
N THR K 102 11.06 -15.77 -8.89
CA THR K 102 10.91 -15.85 -7.45
C THR K 102 11.64 -17.07 -6.87
N SER K 103 11.67 -18.19 -7.59
CA SER K 103 12.23 -19.41 -7.07
C SER K 103 13.68 -19.66 -7.48
N PHE K 104 14.23 -18.86 -8.39
CA PHE K 104 15.58 -19.10 -8.86
C PHE K 104 16.45 -17.85 -8.78
N ASN K 105 16.17 -16.87 -9.65
CA ASN K 105 17.05 -15.71 -9.77
C ASN K 105 17.18 -14.98 -8.44
N PHE K 106 16.06 -14.72 -7.76
CA PHE K 106 16.08 -14.05 -6.48
C PHE K 106 16.33 -15.00 -5.32
N ILE K 107 16.56 -16.28 -5.57
CA ILE K 107 16.93 -17.24 -4.55
C ILE K 107 18.42 -17.54 -4.57
N TYR K 108 18.99 -17.72 -5.76
CA TYR K 108 20.41 -17.98 -5.94
C TYR K 108 21.22 -16.71 -6.16
N ASP K 109 20.56 -15.55 -6.25
CA ASP K 109 21.21 -14.29 -6.60
C ASP K 109 21.91 -14.39 -7.96
N ILE K 110 21.11 -14.74 -8.96
CA ILE K 110 21.57 -14.82 -10.36
C ILE K 110 20.93 -13.66 -11.12
N PRO K 111 21.69 -12.60 -11.42
CA PRO K 111 21.08 -11.41 -12.04
C PRO K 111 20.98 -11.49 -13.55
N ILE K 112 19.87 -10.95 -14.07
CA ILE K 112 19.64 -10.78 -15.50
C ILE K 112 18.87 -9.49 -15.72
N LEU K 113 19.41 -8.59 -16.53
CA LEU K 113 18.68 -7.37 -16.85
C LEU K 113 17.44 -7.70 -17.67
N LEU K 114 16.29 -7.18 -17.25
CA LEU K 114 15.00 -7.53 -17.84
C LEU K 114 14.45 -6.32 -18.59
N LEU K 115 14.34 -6.45 -19.92
CA LEU K 115 13.74 -5.44 -20.77
C LEU K 115 12.29 -5.87 -21.04
N ILE K 116 11.34 -5.14 -20.47
CA ILE K 116 9.93 -5.53 -20.52
C ILE K 116 9.15 -4.45 -21.25
N SER K 117 8.49 -4.84 -22.35
CA SER K 117 7.61 -3.94 -23.08
C SER K 117 6.34 -3.71 -22.28
N TRP K 118 6.19 -2.52 -21.73
CA TRP K 118 5.03 -2.18 -20.90
C TRP K 118 3.83 -1.93 -21.80
N ARG K 119 3.21 -3.02 -22.24
CA ARG K 119 2.01 -2.95 -23.05
C ARG K 119 0.82 -2.58 -22.17
N GLY K 120 -0.04 -1.71 -22.70
CA GLY K 120 -1.20 -1.25 -21.95
C GLY K 120 -0.88 -0.29 -20.83
N ALA K 121 0.30 0.33 -20.85
CA ALA K 121 0.67 1.25 -19.78
C ALA K 121 -0.23 2.47 -19.74
N TYR K 122 -0.80 2.84 -20.88
CA TYR K 122 -1.65 4.02 -20.98
C TYR K 122 -3.14 3.70 -20.94
N GLY K 123 -3.51 2.42 -20.88
CA GLY K 123 -4.90 2.07 -20.64
C GLY K 123 -5.74 1.96 -21.89
N ASN K 124 -5.41 2.75 -22.91
CA ASN K 124 -6.16 2.76 -24.17
C ASN K 124 -5.60 1.78 -25.19
N ASP K 125 -4.94 0.73 -24.75
CA ASP K 125 -4.33 -0.24 -25.64
C ASP K 125 -5.36 -1.33 -25.98
N ALA K 126 -4.88 -2.48 -26.46
CA ALA K 126 -5.79 -3.58 -26.75
C ALA K 126 -6.29 -4.22 -25.46
N VAL K 127 -7.37 -5.00 -25.60
CA VAL K 127 -8.05 -5.55 -24.43
C VAL K 127 -7.16 -6.52 -23.66
N GLU K 128 -6.32 -7.28 -24.37
CA GLU K 128 -5.54 -8.34 -23.74
C GLU K 128 -4.50 -7.82 -22.74
N HIS K 129 -4.11 -6.55 -22.84
CA HIS K 129 -3.16 -5.95 -21.92
C HIS K 129 -3.81 -5.04 -20.87
N ASP K 130 -5.14 -5.04 -20.79
CA ASP K 130 -5.83 -4.08 -19.93
C ASP K 130 -5.41 -4.21 -18.48
N ILE K 131 -5.19 -5.44 -18.01
CA ILE K 131 -4.92 -5.66 -16.59
C ILE K 131 -3.45 -5.43 -16.28
N ILE K 132 -2.56 -6.19 -16.92
CA ILE K 132 -1.14 -6.07 -16.60
C ILE K 132 -0.57 -4.72 -17.01
N GLY K 133 -1.26 -4.00 -17.90
CA GLY K 133 -0.81 -2.66 -18.25
C GLY K 133 -1.01 -1.67 -17.12
N GLU K 134 -2.13 -1.81 -16.40
CA GLU K 134 -2.42 -0.94 -15.27
C GLU K 134 -1.85 -1.44 -13.95
N LYS K 135 -1.30 -2.65 -13.92
CA LYS K 135 -0.86 -3.26 -12.67
C LYS K 135 0.55 -3.83 -12.73
N LEU K 136 1.34 -3.47 -13.76
CA LEU K 136 2.69 -4.03 -13.87
C LEU K 136 3.57 -3.62 -12.69
N THR K 137 3.56 -2.33 -12.35
CA THR K 137 4.43 -1.85 -11.30
C THR K 137 4.03 -2.41 -9.94
N ASP K 138 2.72 -2.55 -9.70
CA ASP K 138 2.27 -3.18 -8.46
C ASP K 138 2.66 -4.65 -8.43
N LEU K 139 2.53 -5.35 -9.56
CA LEU K 139 2.97 -6.73 -9.67
C LEU K 139 4.45 -6.86 -9.33
N LEU K 140 5.28 -5.93 -9.81
CA LEU K 140 6.71 -6.00 -9.53
C LEU K 140 7.02 -5.65 -8.08
N ASP K 141 6.40 -4.59 -7.56
CA ASP K 141 6.67 -4.17 -6.19
C ASP K 141 6.20 -5.20 -5.18
N SER K 142 5.19 -6.00 -5.54
CA SER K 142 4.71 -7.03 -4.62
C SER K 142 5.82 -8.00 -4.26
N VAL K 143 6.43 -8.62 -5.27
CA VAL K 143 7.47 -9.62 -5.05
C VAL K 143 8.87 -9.00 -5.05
N ASP K 144 8.98 -7.67 -4.87
CA ASP K 144 10.26 -6.99 -4.68
C ASP K 144 11.21 -7.23 -5.86
N ILE K 145 10.79 -6.78 -7.03
CA ILE K 145 11.61 -6.81 -8.24
C ILE K 145 11.93 -5.37 -8.62
N PRO K 146 13.19 -4.94 -8.51
CA PRO K 146 13.54 -3.56 -8.85
C PRO K 146 13.30 -3.29 -10.33
N TYR K 147 12.69 -2.13 -10.62
CA TYR K 147 12.43 -1.71 -11.98
C TYR K 147 12.77 -0.22 -12.11
N LYS K 148 12.85 0.24 -13.36
CA LYS K 148 13.08 1.64 -13.68
C LYS K 148 12.41 1.96 -15.00
N GLU K 149 11.60 3.02 -15.01
CA GLU K 149 10.98 3.46 -16.25
C GLU K 149 12.02 4.01 -17.20
N LEU K 150 11.89 3.67 -18.48
CA LEU K 150 12.87 4.07 -19.48
C LEU K 150 12.77 5.56 -19.77
N ASP K 151 13.85 6.29 -19.54
CA ASP K 151 13.92 7.70 -19.92
C ASP K 151 14.31 7.80 -21.39
N TYR K 152 13.40 8.32 -22.22
CA TYR K 152 13.64 8.38 -23.64
C TYR K 152 14.54 9.55 -24.04
N GLU K 153 14.67 10.56 -23.19
CA GLU K 153 15.61 11.64 -23.46
C GLU K 153 17.03 11.27 -23.09
N ASN K 154 17.22 10.24 -22.24
CA ASN K 154 18.53 9.77 -21.81
C ASN K 154 18.42 8.27 -21.56
N SER K 155 18.43 7.50 -22.65
CA SER K 155 18.24 6.06 -22.54
C SER K 155 19.45 5.36 -21.93
N GLU K 156 20.65 5.88 -22.21
CA GLU K 156 21.86 5.27 -21.67
C GLU K 156 21.89 5.34 -20.14
N GLY K 157 21.36 6.43 -19.57
CA GLY K 157 21.37 6.59 -18.13
C GLY K 157 20.58 5.51 -17.41
N THR K 158 19.42 5.13 -17.97
CA THR K 158 18.62 4.08 -17.36
C THR K 158 19.34 2.74 -17.41
N ILE K 159 20.00 2.44 -18.54
CA ILE K 159 20.78 1.21 -18.63
C ILE K 159 21.88 1.20 -17.58
N LEU K 160 22.58 2.32 -17.44
CA LEU K 160 23.67 2.39 -16.47
C LEU K 160 23.15 2.27 -15.04
N ASP K 161 21.99 2.87 -14.75
CA ASP K 161 21.41 2.75 -13.41
C ASP K 161 21.01 1.32 -13.11
N ALA K 162 20.38 0.65 -14.08
CA ALA K 162 20.02 -0.75 -13.89
C ALA K 162 21.25 -1.62 -13.66
N LEU K 163 22.33 -1.36 -14.42
CA LEU K 163 23.55 -2.13 -14.22
C LEU K 163 24.19 -1.83 -12.87
N PHE K 164 24.09 -0.59 -12.41
CA PHE K 164 24.57 -0.23 -11.07
C PHE K 164 23.82 -1.01 -10.00
N LEU K 165 22.49 -1.06 -10.11
CA LEU K 165 21.71 -1.83 -9.15
C LEU K 165 22.04 -3.31 -9.21
N ILE K 166 22.30 -3.82 -10.42
CA ILE K 166 22.69 -5.23 -10.56
C ILE K 166 24.01 -5.48 -9.85
N GLU K 167 25.00 -4.60 -10.05
CA GLU K 167 26.26 -4.72 -9.35
C GLU K 167 26.07 -4.73 -7.84
N LYS K 168 25.21 -3.84 -7.33
CA LYS K 168 25.08 -3.72 -5.88
C LYS K 168 24.24 -4.84 -5.27
N THR K 169 23.34 -5.44 -6.04
CA THR K 169 22.40 -6.43 -5.48
C THR K 169 22.66 -7.86 -5.91
N ASN K 170 23.36 -8.08 -7.04
CA ASN K 170 23.55 -9.42 -7.61
C ASN K 170 22.21 -10.10 -7.88
N ARG K 171 21.19 -9.32 -8.18
CA ARG K 171 19.85 -9.81 -8.45
C ARG K 171 19.28 -9.10 -9.66
N PRO K 172 18.41 -9.76 -10.43
CA PRO K 172 17.90 -9.14 -11.66
C PRO K 172 17.08 -7.89 -11.37
N VAL K 173 17.25 -6.88 -12.23
CA VAL K 173 16.42 -5.69 -12.20
C VAL K 173 15.82 -5.50 -13.59
N ALA K 174 14.67 -4.83 -13.63
CA ALA K 174 13.94 -4.64 -14.87
C ALA K 174 13.97 -3.17 -15.28
N ILE K 175 13.66 -2.94 -16.56
CA ILE K 175 13.48 -1.59 -17.09
C ILE K 175 12.24 -1.61 -17.97
N LEU K 176 11.24 -0.80 -17.63
CA LEU K 176 9.94 -0.85 -18.27
C LEU K 176 9.91 0.06 -19.49
N ILE K 177 9.45 -0.48 -20.62
CA ILE K 177 9.42 0.22 -21.89
C ILE K 177 7.97 0.33 -22.33
N LYS K 178 7.42 1.55 -22.32
CA LYS K 178 6.02 1.77 -22.65
C LYS K 178 5.83 2.46 -24.00
N ASP K 179 6.90 2.88 -24.67
CA ASP K 179 6.82 3.46 -26.00
C ASP K 179 7.74 2.69 -26.93
N GLU K 180 7.50 2.84 -28.23
CA GLU K 180 8.25 2.10 -29.23
C GLU K 180 9.72 2.49 -29.20
N ILE K 181 10.59 1.48 -29.26
CA ILE K 181 12.03 1.71 -29.36
C ILE K 181 12.58 0.95 -30.56
N MET L 1 15.63 -51.32 -11.67
CA MET L 1 16.67 -50.59 -10.97
C MET L 1 16.10 -49.37 -10.27
N ASN L 2 16.69 -49.01 -9.13
CA ASN L 2 16.28 -47.81 -8.42
C ASN L 2 17.08 -46.61 -8.94
N LYS L 3 16.79 -45.44 -8.39
CA LYS L 3 17.46 -44.22 -8.85
C LYS L 3 18.95 -44.24 -8.49
N HIS L 4 19.31 -44.83 -7.36
CA HIS L 4 20.71 -44.85 -6.93
C HIS L 4 21.58 -45.56 -7.96
N ASP L 5 21.14 -46.73 -8.44
CA ASP L 5 21.91 -47.47 -9.42
C ASP L 5 22.08 -46.69 -10.72
N ALA L 6 21.00 -46.06 -11.20
CA ALA L 6 21.07 -45.31 -12.45
C ALA L 6 22.00 -44.12 -12.33
N ILE L 7 21.90 -43.38 -11.22
CA ILE L 7 22.74 -42.19 -11.09
C ILE L 7 24.19 -42.56 -10.87
N GLN L 8 24.47 -43.67 -10.16
CA GLN L 8 25.84 -44.13 -10.04
C GLN L 8 26.38 -44.59 -11.39
N LEU L 9 25.55 -45.25 -12.19
CA LEU L 9 25.93 -45.64 -13.54
C LEU L 9 26.36 -44.41 -14.35
N ILE L 10 25.51 -43.38 -14.39
CA ILE L 10 25.82 -42.24 -15.23
C ILE L 10 26.95 -41.41 -14.63
N LEU L 11 27.12 -41.43 -13.31
CA LEU L 11 28.26 -40.75 -12.70
C LEU L 11 29.56 -41.45 -13.09
N GLY L 12 29.56 -42.78 -13.12
CA GLY L 12 30.73 -43.49 -13.60
C GLY L 12 30.98 -43.29 -15.08
N GLN L 13 29.91 -43.08 -15.86
CA GLN L 13 30.08 -42.87 -17.29
C GLN L 13 30.58 -41.46 -17.63
N PHE L 14 30.31 -40.48 -16.77
CA PHE L 14 30.82 -39.11 -16.95
C PHE L 14 31.33 -38.60 -15.61
N PRO L 15 32.51 -39.07 -15.19
CA PRO L 15 32.98 -38.73 -13.84
C PRO L 15 33.36 -37.27 -13.65
N SER L 16 33.68 -36.54 -14.71
CA SER L 16 34.13 -35.16 -14.60
C SER L 16 33.09 -34.15 -15.08
N ALA L 17 31.89 -34.60 -15.43
CA ALA L 17 30.88 -33.72 -15.98
C ALA L 17 30.25 -32.85 -14.89
N TYR L 18 29.77 -31.68 -15.29
CA TYR L 18 29.01 -30.80 -14.41
C TYR L 18 27.54 -31.19 -14.46
N LEU L 19 26.92 -31.29 -13.28
CA LEU L 19 25.58 -31.80 -13.15
C LEU L 19 24.60 -30.68 -12.79
N VAL L 20 23.42 -30.71 -13.41
CA VAL L 20 22.33 -29.79 -13.13
C VAL L 20 21.10 -30.64 -12.88
N SER L 21 20.68 -30.72 -11.61
CA SER L 21 19.58 -31.59 -11.20
C SER L 21 18.35 -30.77 -10.89
N THR L 22 17.20 -31.21 -11.40
CA THR L 22 15.93 -30.54 -11.15
C THR L 22 15.50 -30.73 -9.70
N CYS L 23 14.51 -29.96 -9.29
CA CYS L 23 14.04 -30.00 -7.91
C CYS L 23 13.25 -31.26 -7.64
N GLY L 24 13.21 -31.64 -6.36
CA GLY L 24 12.51 -32.83 -5.92
C GLY L 24 13.44 -33.81 -5.24
N HIS L 25 13.09 -35.09 -5.33
CA HIS L 25 13.89 -36.14 -4.70
C HIS L 25 15.18 -36.41 -5.44
N ILE L 26 15.29 -35.98 -6.70
CA ILE L 26 16.49 -36.27 -7.49
C ILE L 26 17.69 -35.52 -6.92
N SER L 27 17.49 -34.26 -6.54
CA SER L 27 18.59 -33.49 -5.95
C SER L 27 19.05 -34.10 -4.63
N ARG L 28 18.10 -34.53 -3.80
CA ARG L 28 18.48 -35.20 -2.55
C ARG L 28 19.23 -36.50 -2.82
N ASP L 29 18.76 -37.29 -3.78
CA ASP L 29 19.42 -38.54 -4.12
C ASP L 29 20.86 -38.29 -4.56
N LEU L 30 21.06 -37.34 -5.46
CA LEU L 30 22.41 -37.01 -5.91
C LEU L 30 23.28 -36.51 -4.77
N TYR L 31 22.73 -35.61 -3.96
CA TYR L 31 23.50 -35.01 -2.88
C TYR L 31 23.93 -36.04 -1.84
N ASN L 32 23.07 -37.03 -1.59
CA ASN L 32 23.42 -38.07 -0.62
C ASN L 32 24.35 -39.13 -1.22
N ILE L 33 24.20 -39.44 -2.51
CA ILE L 33 25.04 -40.45 -3.14
C ILE L 33 26.46 -39.91 -3.32
N ASN L 34 26.57 -38.72 -3.90
CA ASN L 34 27.89 -38.09 -4.07
C ASN L 34 27.69 -36.59 -4.14
N ASP L 35 28.14 -35.88 -3.10
CA ASP L 35 28.03 -34.42 -3.02
C ASP L 35 29.30 -33.82 -3.61
N ARG L 36 29.21 -33.33 -4.84
CA ARG L 36 30.34 -32.74 -5.54
C ARG L 36 30.05 -31.28 -5.85
N ALA L 37 31.11 -30.48 -5.95
CA ALA L 37 30.96 -29.08 -6.34
C ALA L 37 30.47 -28.93 -7.76
N ARG L 38 30.60 -29.97 -8.59
CA ARG L 38 30.10 -29.96 -9.96
C ARG L 38 28.60 -30.23 -10.03
N ASN L 39 27.94 -30.45 -8.89
CA ASN L 39 26.51 -30.72 -8.85
C ASN L 39 25.78 -29.41 -8.53
N PHE L 40 25.03 -28.90 -9.50
CA PHE L 40 24.21 -27.71 -9.32
C PHE L 40 22.80 -28.16 -8.97
N TYR L 41 22.53 -28.28 -7.68
CA TYR L 41 21.20 -28.64 -7.22
C TYR L 41 20.26 -27.45 -7.35
N MET L 42 19.15 -27.65 -8.04
CA MET L 42 18.11 -26.62 -8.15
C MET L 42 17.03 -26.94 -7.13
N VAL L 43 16.95 -26.13 -6.07
CA VAL L 43 15.96 -26.38 -5.04
C VAL L 43 14.55 -26.04 -5.52
N GLY L 44 14.43 -25.09 -6.45
CA GLY L 44 13.14 -24.72 -6.98
C GLY L 44 13.15 -24.60 -8.50
N SER L 45 12.14 -23.92 -9.04
CA SER L 45 12.01 -23.69 -10.48
C SER L 45 11.96 -25.02 -11.24
N MET L 46 10.92 -25.78 -10.97
CA MET L 46 10.76 -27.08 -11.61
C MET L 46 10.58 -26.92 -13.10
N GLY L 47 11.32 -27.71 -13.87
CA GLY L 47 11.30 -27.57 -15.32
C GLY L 47 12.26 -26.55 -15.85
N MET L 48 13.26 -26.15 -15.05
CA MET L 48 14.21 -25.13 -15.46
C MET L 48 15.65 -25.61 -15.45
N ALA L 49 15.90 -26.86 -15.09
CA ALA L 49 17.27 -27.37 -15.12
C ALA L 49 17.80 -27.50 -16.53
N ALA L 50 16.93 -27.92 -17.47
CA ALA L 50 17.32 -28.07 -18.86
C ALA L 50 17.68 -26.75 -19.52
N PRO L 51 16.91 -25.65 -19.31
CA PRO L 51 17.37 -24.36 -19.86
C PRO L 51 18.70 -23.89 -19.28
N VAL L 52 18.92 -24.09 -17.97
CA VAL L 52 20.19 -23.71 -17.37
C VAL L 52 21.33 -24.50 -17.99
N GLY L 53 21.12 -25.82 -18.17
CA GLY L 53 22.14 -26.63 -18.81
C GLY L 53 22.39 -26.22 -20.25
N LEU L 54 21.34 -25.83 -20.97
CA LEU L 54 21.50 -25.38 -22.34
C LEU L 54 22.32 -24.09 -22.39
N GLY L 55 22.04 -23.15 -21.49
CA GLY L 55 22.85 -21.94 -21.44
C GLY L 55 24.31 -22.24 -21.10
N LEU L 56 24.54 -23.12 -20.13
CA LEU L 56 25.90 -23.49 -19.77
C LEU L 56 26.64 -24.12 -20.95
N SER L 57 25.97 -25.03 -21.67
CA SER L 57 26.59 -25.62 -22.84
C SER L 57 26.81 -24.59 -23.93
N THR L 58 25.97 -23.55 -24.00
CA THR L 58 26.17 -22.51 -25.00
C THR L 58 27.41 -21.68 -24.69
N VAL L 59 27.64 -21.36 -23.40
CA VAL L 59 28.82 -20.57 -23.08
C VAL L 59 30.06 -21.45 -22.95
N TYR L 60 29.90 -22.71 -22.53
CA TYR L 60 31.00 -23.67 -22.41
C TYR L 60 30.69 -24.88 -23.27
N PRO L 61 30.93 -24.79 -24.58
CA PRO L 61 30.61 -25.92 -25.46
C PRO L 61 31.54 -27.11 -25.31
N ASP L 62 32.73 -26.92 -24.74
CA ASP L 62 33.70 -28.01 -24.66
C ASP L 62 33.38 -28.97 -23.52
N VAL L 63 33.37 -28.47 -22.29
CA VAL L 63 33.22 -29.35 -21.12
C VAL L 63 31.84 -29.99 -21.13
N PRO L 64 31.73 -31.31 -20.97
CA PRO L 64 30.41 -31.95 -20.99
C PRO L 64 29.64 -31.68 -19.70
N LEU L 65 28.32 -31.70 -19.83
CA LEU L 65 27.43 -31.53 -18.69
C LEU L 65 26.15 -32.31 -18.94
N VAL L 66 25.55 -32.78 -17.85
CA VAL L 66 24.36 -33.63 -17.92
C VAL L 66 23.29 -33.04 -17.01
N VAL L 67 22.06 -32.99 -17.53
CA VAL L 67 20.92 -32.44 -16.80
C VAL L 67 20.12 -33.59 -16.22
N LEU L 68 19.86 -33.54 -14.91
CA LEU L 68 19.10 -34.58 -14.22
C LEU L 68 17.63 -34.16 -14.20
N ASP L 69 16.95 -34.47 -15.30
CA ASP L 69 15.51 -34.26 -15.39
C ASP L 69 14.76 -35.52 -14.97
N GLY L 70 13.60 -35.31 -14.37
CA GLY L 70 12.66 -36.38 -14.14
C GLY L 70 11.52 -36.32 -15.15
N ASP L 71 10.72 -37.38 -15.17
CA ASP L 71 9.54 -37.37 -16.03
C ASP L 71 8.65 -36.18 -15.70
N GLY L 72 8.54 -35.82 -14.42
CA GLY L 72 7.76 -34.66 -14.04
C GLY L 72 8.26 -33.37 -14.66
N SER L 73 9.55 -33.06 -14.44
CA SER L 73 10.09 -31.79 -14.94
C SER L 73 10.23 -31.80 -16.45
N PHE L 74 10.69 -32.91 -17.02
CA PHE L 74 10.76 -33.04 -18.47
C PHE L 74 9.39 -32.81 -19.10
N LEU L 75 8.35 -33.40 -18.52
CA LEU L 75 7.00 -33.17 -19.05
C LEU L 75 6.55 -31.74 -18.83
N MET L 76 6.93 -31.14 -17.69
CA MET L 76 6.49 -29.79 -17.38
C MET L 76 7.02 -28.79 -18.39
N ASN L 77 8.31 -28.89 -18.75
CA ASN L 77 8.89 -27.97 -19.72
C ASN L 77 9.54 -28.74 -20.87
N MET L 78 8.78 -29.67 -21.46
CA MET L 78 9.24 -30.38 -22.66
C MET L 78 9.60 -29.44 -23.80
N GLY L 79 8.94 -28.28 -23.90
CA GLY L 79 9.19 -27.40 -25.04
C GLY L 79 10.64 -27.05 -25.27
N ILE L 80 11.46 -27.11 -24.22
CA ILE L 80 12.87 -26.74 -24.31
C ILE L 80 13.63 -27.66 -25.26
N ILE L 81 13.09 -28.86 -25.52
CA ILE L 81 13.78 -29.78 -26.43
C ILE L 81 13.86 -29.21 -27.83
N THR L 82 12.90 -28.34 -28.21
CA THR L 82 12.97 -27.69 -29.51
C THR L 82 14.18 -26.76 -29.59
N MET L 83 14.38 -25.93 -28.56
CA MET L 83 15.56 -25.08 -28.51
C MET L 83 16.83 -25.89 -28.42
N ILE L 84 16.79 -27.04 -27.73
CA ILE L 84 17.97 -27.88 -27.60
C ILE L 84 18.36 -28.46 -28.96
N GLY L 85 17.38 -28.98 -29.70
CA GLY L 85 17.63 -29.48 -31.03
C GLY L 85 17.96 -28.40 -32.05
N HIS L 86 17.56 -27.16 -31.79
CA HIS L 86 17.94 -26.07 -32.68
C HIS L 86 19.37 -25.61 -32.42
N GLN L 87 19.78 -25.59 -31.15
CA GLN L 87 21.13 -25.16 -30.81
C GLN L 87 22.16 -26.26 -31.05
N LYS L 88 21.79 -27.50 -30.75
CA LYS L 88 22.64 -28.68 -30.91
C LYS L 88 23.99 -28.49 -30.23
N PRO L 89 24.05 -28.39 -28.90
CA PRO L 89 25.35 -28.36 -28.23
C PRO L 89 26.05 -29.71 -28.33
N LYS L 90 27.38 -29.65 -28.44
CA LYS L 90 28.15 -30.85 -28.73
C LYS L 90 28.26 -31.79 -27.54
N ASN L 91 28.39 -31.26 -26.33
CA ASN L 91 28.56 -32.05 -25.12
C ASN L 91 27.45 -31.70 -24.13
N PHE L 92 26.25 -32.19 -24.40
CA PHE L 92 25.08 -31.92 -23.58
C PHE L 92 24.28 -33.21 -23.44
N ILE L 93 24.14 -33.70 -22.21
CA ILE L 93 23.48 -34.97 -21.93
C ILE L 93 22.17 -34.70 -21.22
N HIS L 94 21.08 -35.25 -21.76
CA HIS L 94 19.75 -35.13 -21.18
C HIS L 94 19.33 -36.47 -20.60
N VAL L 95 18.89 -36.47 -19.35
CA VAL L 95 18.52 -37.69 -18.64
C VAL L 95 17.13 -37.51 -18.05
N VAL L 96 16.28 -38.53 -18.24
CA VAL L 96 14.90 -38.50 -17.76
C VAL L 96 14.70 -39.77 -16.93
N LEU L 97 14.95 -39.68 -15.62
CA LEU L 97 14.67 -40.78 -14.71
C LEU L 97 13.17 -40.97 -14.59
N ASP L 98 12.61 -41.85 -15.42
CA ASP L 98 11.16 -42.00 -15.55
C ASP L 98 10.65 -42.99 -14.52
N ASN L 99 9.96 -42.49 -13.49
CA ASN L 99 9.23 -43.34 -12.56
C ASN L 99 7.73 -43.27 -12.79
N GLY L 100 7.28 -42.47 -13.74
CA GLY L 100 5.87 -42.34 -14.06
C GLY L 100 5.02 -41.63 -13.02
N MET L 101 5.64 -40.99 -12.05
CA MET L 101 4.90 -40.38 -10.95
C MET L 101 5.68 -39.20 -10.41
N HIS L 102 4.99 -38.38 -9.60
CA HIS L 102 5.63 -37.29 -8.86
C HIS L 102 6.03 -37.84 -7.49
N GLU L 103 7.19 -38.49 -7.45
CA GLU L 103 7.63 -39.18 -6.25
C GLU L 103 7.90 -38.25 -5.08
N SER L 104 8.08 -36.95 -5.34
CA SER L 104 8.42 -36.00 -4.29
C SER L 104 7.21 -35.30 -3.68
N THR L 105 6.04 -35.43 -4.29
CA THR L 105 4.82 -34.79 -3.79
C THR L 105 3.81 -35.80 -3.24
N GLY L 106 4.19 -37.07 -3.15
CA GLY L 106 3.30 -38.12 -2.67
C GLY L 106 3.03 -39.22 -3.67
N GLY L 107 3.54 -39.14 -4.89
CA GLY L 107 3.37 -40.22 -5.85
C GLY L 107 2.21 -40.05 -6.80
N GLN L 108 1.79 -38.82 -7.06
CA GLN L 108 0.69 -38.59 -7.98
C GLN L 108 1.12 -38.93 -9.40
N ARG L 109 0.21 -39.56 -10.14
CA ARG L 109 0.53 -40.03 -11.49
C ARG L 109 0.70 -38.85 -12.43
N THR L 110 1.81 -38.85 -13.17
CA THR L 110 2.06 -37.85 -14.20
C THR L 110 1.48 -38.31 -15.52
N VAL L 111 1.42 -37.40 -16.49
CA VAL L 111 1.09 -37.78 -17.86
C VAL L 111 2.09 -38.84 -18.32
N PRO L 112 1.65 -39.94 -18.95
CA PRO L 112 2.60 -41.00 -19.32
C PRO L 112 3.59 -40.52 -20.37
N LEU L 113 4.88 -40.58 -20.03
CA LEU L 113 5.94 -40.29 -20.98
C LEU L 113 5.97 -41.39 -22.04
N VAL L 114 5.74 -41.02 -23.29
CA VAL L 114 5.53 -41.97 -24.38
C VAL L 114 6.54 -41.67 -25.48
N ASN L 115 7.43 -42.63 -25.73
CA ASN L 115 8.37 -42.60 -26.86
C ASN L 115 9.24 -41.33 -26.82
N VAL L 116 9.97 -41.20 -25.71
CA VAL L 116 10.81 -40.01 -25.53
C VAL L 116 12.05 -40.08 -26.42
N THR L 117 12.57 -41.29 -26.68
CA THR L 117 13.79 -41.42 -27.48
C THR L 117 13.54 -41.02 -28.93
N ASP L 118 12.45 -41.52 -29.52
CA ASP L 118 12.15 -41.18 -30.90
C ASP L 118 11.89 -39.68 -31.07
N ILE L 119 11.13 -39.10 -30.14
CA ILE L 119 10.84 -37.66 -30.22
C ILE L 119 12.12 -36.85 -30.05
N ALA L 120 12.99 -37.26 -29.12
CA ALA L 120 14.27 -36.60 -28.96
C ALA L 120 15.08 -36.63 -30.24
N LEU L 121 15.13 -37.79 -30.91
CA LEU L 121 15.82 -37.86 -32.20
C LEU L 121 15.13 -37.00 -33.25
N GLN L 122 13.81 -36.85 -33.17
CA GLN L 122 13.08 -36.07 -34.16
C GLN L 122 13.41 -34.57 -34.03
N VAL L 123 13.41 -34.05 -32.81
CA VAL L 123 13.61 -32.61 -32.65
C VAL L 123 15.03 -32.19 -33.04
N GLY L 124 16.01 -33.06 -32.81
CA GLY L 124 17.36 -32.73 -33.21
C GLY L 124 18.46 -33.26 -32.31
N TYR L 125 18.10 -34.12 -31.36
CA TYR L 125 19.11 -34.78 -30.54
C TYR L 125 19.96 -35.71 -31.41
N GLU L 126 21.24 -35.82 -31.06
CA GLU L 126 22.14 -36.64 -31.86
C GLU L 126 21.91 -38.13 -31.62
N TYR L 127 21.68 -38.53 -30.37
CA TYR L 127 21.45 -39.92 -30.05
C TYR L 127 20.49 -40.03 -28.88
N ALA L 128 19.76 -41.14 -28.83
CA ALA L 128 18.79 -41.37 -27.76
C ALA L 128 18.78 -42.86 -27.45
N ILE L 129 19.25 -43.23 -26.27
CA ILE L 129 19.27 -44.62 -25.83
C ILE L 129 18.43 -44.75 -24.56
N GLU L 130 17.83 -45.92 -24.39
CA GLU L 130 16.97 -46.22 -23.25
C GLU L 130 17.63 -47.33 -22.44
N ILE L 131 18.40 -46.94 -21.42
CA ILE L 131 19.07 -47.90 -20.56
C ILE L 131 18.02 -48.62 -19.70
N ASN L 132 18.11 -49.95 -19.66
CA ASN L 132 17.26 -50.76 -18.81
C ASN L 132 18.09 -51.36 -17.67
N SER L 133 17.37 -51.91 -16.69
CA SER L 133 18.01 -52.31 -15.43
C SER L 133 18.92 -53.51 -15.62
N GLY L 134 18.51 -54.47 -16.44
CA GLY L 134 19.20 -55.74 -16.57
C GLY L 134 20.69 -55.66 -16.85
N GLN L 135 21.05 -55.06 -17.98
CA GLN L 135 22.43 -55.01 -18.44
C GLN L 135 22.87 -53.57 -18.63
N LYS L 136 24.12 -53.39 -19.03
CA LYS L 136 24.72 -52.08 -19.27
C LYS L 136 25.47 -52.13 -20.59
N SER L 137 24.98 -51.38 -21.58
CA SER L 137 25.60 -51.39 -22.90
C SER L 137 26.84 -50.52 -22.95
N PHE L 138 26.80 -49.35 -22.33
CA PHE L 138 27.92 -48.40 -22.30
C PHE L 138 28.34 -48.03 -23.73
N ASP L 139 27.35 -47.67 -24.54
CA ASP L 139 27.59 -47.22 -25.92
C ASP L 139 27.48 -45.71 -25.92
N LEU L 140 28.62 -45.03 -25.79
CA LEU L 140 28.65 -43.59 -25.71
C LEU L 140 29.12 -43.00 -27.03
N PRO L 141 28.31 -42.20 -27.72
CA PRO L 141 28.78 -41.50 -28.91
C PRO L 141 29.62 -40.29 -28.54
N ASN L 142 30.37 -39.81 -29.54
CA ASN L 142 31.24 -38.67 -29.31
C ASN L 142 30.47 -37.36 -29.33
N GLU L 143 29.69 -37.12 -30.38
CA GLU L 143 29.00 -35.86 -30.56
C GLU L 143 27.58 -35.95 -30.00
N GLY L 144 27.12 -34.85 -29.40
CA GLY L 144 25.78 -34.77 -28.87
C GLY L 144 24.92 -33.81 -29.67
N PRO L 145 23.79 -33.37 -29.09
CA PRO L 145 23.30 -33.71 -27.75
C PRO L 145 22.62 -35.07 -27.69
N GLY L 146 22.73 -35.75 -26.56
CA GLY L 146 22.16 -37.07 -26.39
C GLY L 146 21.19 -37.12 -25.22
N LEU L 147 20.13 -37.91 -25.38
CA LEU L 147 19.12 -38.09 -24.34
C LEU L 147 19.18 -39.53 -23.84
N ILE L 148 19.16 -39.69 -22.53
CA ILE L 148 19.20 -41.00 -21.88
C ILE L 148 17.87 -41.20 -21.14
N HIS L 149 17.23 -42.34 -21.38
CA HIS L 149 15.94 -42.66 -20.77
C HIS L 149 16.15 -43.87 -19.85
N ILE L 150 16.06 -43.62 -18.54
CA ILE L 150 16.24 -44.66 -17.53
C ILE L 150 14.95 -44.76 -16.73
N LYS L 151 14.10 -45.71 -17.08
CA LYS L 151 12.89 -45.97 -16.30
C LYS L 151 13.29 -46.65 -14.99
N VAL L 152 12.90 -46.04 -13.86
CA VAL L 152 13.35 -46.46 -12.55
C VAL L 152 12.16 -46.93 -11.71
N GLU L 153 12.48 -47.63 -10.62
CA GLU L 153 11.50 -48.12 -9.68
C GLU L 153 11.12 -47.02 -8.69
N PRO L 154 9.91 -47.06 -8.14
CA PRO L 154 9.54 -46.10 -7.09
C PRO L 154 10.37 -46.31 -5.83
N ARG L 155 10.26 -45.34 -4.93
CA ARG L 155 11.07 -45.35 -3.71
C ARG L 155 10.75 -46.54 -2.84
N SER L 156 11.78 -47.23 -2.36
CA SER L 156 11.62 -48.35 -1.45
C SER L 156 12.37 -48.18 -0.14
N GLU L 157 13.09 -47.07 0.03
CA GLU L 157 13.87 -46.84 1.24
C GLU L 157 13.54 -45.43 1.74
N LYS L 158 14.37 -44.94 2.66
CA LYS L 158 14.23 -43.58 3.17
C LYS L 158 14.57 -42.57 2.09
N ILE L 159 14.17 -41.32 2.33
CA ILE L 159 14.46 -40.26 1.37
C ILE L 159 15.94 -39.90 1.40
N GLY L 160 16.52 -39.82 2.58
CA GLY L 160 17.88 -39.35 2.74
C GLY L 160 17.93 -37.92 3.23
N LYS L 161 19.15 -37.44 3.43
CA LYS L 161 19.35 -36.09 3.95
C LYS L 161 19.11 -35.06 2.86
N ARG L 162 18.53 -33.93 3.25
CA ARG L 162 18.30 -32.81 2.37
C ARG L 162 19.60 -32.05 2.12
N VAL L 163 19.62 -31.31 1.01
CA VAL L 163 20.81 -30.54 0.63
C VAL L 163 21.10 -29.49 1.69
N HIS L 164 22.27 -29.58 2.31
CA HIS L 164 22.66 -28.63 3.34
C HIS L 164 23.28 -27.36 2.78
N TRP L 165 23.69 -27.37 1.51
CA TRP L 165 24.28 -26.19 0.91
C TRP L 165 23.20 -25.15 0.62
N THR L 166 23.48 -23.90 0.96
CA THR L 166 22.57 -22.82 0.62
C THR L 166 22.73 -22.48 -0.86
N PRO L 167 21.69 -21.93 -1.50
CA PRO L 167 21.79 -21.62 -2.94
C PRO L 167 23.00 -20.80 -3.32
N GLN L 168 23.37 -19.81 -2.50
CA GLN L 168 24.53 -19.00 -2.82
C GLN L 168 25.82 -19.80 -2.69
N GLU L 169 25.91 -20.68 -1.69
CA GLU L 169 27.05 -21.57 -1.59
C GLU L 169 27.12 -22.52 -2.78
N ILE L 170 25.96 -23.03 -3.22
CA ILE L 170 25.93 -23.88 -4.41
C ILE L 170 26.50 -23.12 -5.61
N VAL L 171 26.02 -21.89 -5.81
CA VAL L 171 26.46 -21.10 -6.96
C VAL L 171 27.96 -20.85 -6.89
N GLN L 172 28.46 -20.46 -5.71
CA GLN L 172 29.88 -20.13 -5.62
C GLN L 172 30.75 -21.36 -5.83
N ARG L 173 30.39 -22.51 -5.24
CA ARG L 173 31.18 -23.72 -5.43
C ARG L 173 31.16 -24.16 -6.89
N PHE L 174 29.98 -24.18 -7.51
CA PHE L 174 29.85 -24.62 -8.89
C PHE L 174 30.66 -23.73 -9.83
N THR L 175 30.43 -22.41 -9.77
CA THR L 175 31.11 -21.52 -10.68
C THR L 175 32.61 -21.44 -10.37
N ASN L 176 33.00 -21.71 -9.12
CA ASN L 176 34.42 -21.71 -8.77
C ASN L 176 35.12 -22.90 -9.42
N GLU L 177 34.52 -24.09 -9.31
CA GLU L 177 35.07 -25.26 -9.99
C GLU L 177 35.13 -25.02 -11.50
N LEU L 178 34.07 -24.43 -12.07
CA LEU L 178 34.06 -24.12 -13.49
C LEU L 178 35.23 -23.23 -13.88
N THR L 179 35.31 -22.04 -13.26
CA THR L 179 36.38 -21.09 -13.57
C THR L 179 37.76 -21.67 -13.30
N LEU L 180 37.87 -22.57 -12.32
CA LEU L 180 39.18 -23.10 -11.95
C LEU L 180 39.69 -24.10 -12.97
N GLU L 181 38.91 -25.17 -13.22
CA GLU L 181 39.46 -26.22 -14.06
C GLU L 181 39.21 -26.01 -15.55
N ASN L 182 38.17 -25.27 -15.92
CA ASN L 182 37.90 -25.06 -17.35
C ASN L 182 37.92 -23.57 -17.69
#